data_7F25
# 
_entry.id   7F25 
# 
_audit_conform.dict_name       mmcif_pdbx.dic 
_audit_conform.dict_version    5.380 
_audit_conform.dict_location   http://mmcif.pdb.org/dictionaries/ascii/mmcif_pdbx.dic 
# 
loop_
_database_2.database_id 
_database_2.database_code 
_database_2.pdbx_database_accession 
_database_2.pdbx_DOI 
PDB   7F25         pdb_00007f25 10.2210/pdb7f25/pdb 
WWPDB D_1300022689 ?            ?                   
# 
_pdbx_database_status.status_code                     REL 
_pdbx_database_status.status_code_sf                  REL 
_pdbx_database_status.status_code_mr                  ? 
_pdbx_database_status.entry_id                        7F25 
_pdbx_database_status.recvd_initial_deposition_date   2021-06-10 
_pdbx_database_status.SG_entry                        N 
_pdbx_database_status.deposit_site                    PDBJ 
_pdbx_database_status.process_site                    PDBJ 
_pdbx_database_status.status_code_cs                  ? 
_pdbx_database_status.status_code_nmr_data            ? 
_pdbx_database_status.methods_development_category    ? 
_pdbx_database_status.pdb_format_compatible           N 
# 
loop_
_audit_author.name 
_audit_author.pdbx_ordinal 
_audit_author.identifier_ORCID 
'Luo, R.H.'   1 ? 
'Huang, Y.H.' 2 ? 
'Huang, C.Y.' 3 ? 
# 
_citation.abstract                  ? 
_citation.abstract_id_CAS           ? 
_citation.book_id_ISBN              ? 
_citation.book_publisher            ? 
_citation.book_publisher_city       ? 
_citation.book_title                ? 
_citation.coordinate_linkage        ? 
_citation.country                   CH 
_citation.database_id_Medline       ? 
_citation.details                   ? 
_citation.id                        primary 
_citation.journal_abbrev            'Int J Mol Sci' 
_citation.journal_id_ASTM           ? 
_citation.journal_id_CSD            ? 
_citation.journal_id_ISSN           1422-0067 
_citation.journal_full              ? 
_citation.journal_issue             ? 
_citation.journal_volume            23 
_citation.language                  ? 
_citation.page_first                ? 
_citation.page_last                 ? 
_citation.title                     
'Crystal Structure of an SSB Protein from Salmonella enterica and Its Inhibition by Flavanonol Taxifolin.' 
_citation.year                      2022 
_citation.database_id_CSD           ? 
_citation.pdbx_database_id_DOI      10.3390/ijms23084399 
_citation.pdbx_database_id_PubMed   35457218 
_citation.pdbx_database_id_patent   ? 
_citation.unpublished_flag          ? 
# 
loop_
_citation_author.citation_id 
_citation_author.name 
_citation_author.ordinal 
_citation_author.identifier_ORCID 
primary 'Lin, E.S.'    1 0000-0002-7010-4062 
primary 'Huang, Y.H.'  2 0000-0001-6347-3030 
primary 'Luo, R.H.'    3 ?                   
primary 'Basharat, Z.' 4 0000-0003-1785-3803 
primary 'Huang, C.Y.'  5 ?                   
# 
_cell.angle_alpha                  90.000 
_cell.angle_alpha_esd              ? 
_cell.angle_beta                   90.000 
_cell.angle_beta_esd               ? 
_cell.angle_gamma                  120.000 
_cell.angle_gamma_esd              ? 
_cell.entry_id                     7F25 
_cell.details                      ? 
_cell.formula_units_Z              ? 
_cell.length_a                     91.888 
_cell.length_a_esd                 ? 
_cell.length_b                     91.888 
_cell.length_b_esd                 ? 
_cell.length_c                     61.048 
_cell.length_c_esd                 ? 
_cell.volume                       ? 
_cell.volume_esd                   ? 
_cell.Z_PDB                        12 
_cell.reciprocal_angle_alpha       ? 
_cell.reciprocal_angle_beta        ? 
_cell.reciprocal_angle_gamma       ? 
_cell.reciprocal_angle_alpha_esd   ? 
_cell.reciprocal_angle_beta_esd    ? 
_cell.reciprocal_angle_gamma_esd   ? 
_cell.reciprocal_length_a          ? 
_cell.reciprocal_length_b          ? 
_cell.reciprocal_length_c          ? 
_cell.reciprocal_length_a_esd      ? 
_cell.reciprocal_length_b_esd      ? 
_cell.reciprocal_length_c_esd      ? 
_cell.pdbx_unique_axis             ? 
# 
_symmetry.entry_id                         7F25 
_symmetry.cell_setting                     ? 
_symmetry.Int_Tables_number                154 
_symmetry.space_group_name_Hall            ? 
_symmetry.space_group_name_H-M             'P 32 2 1' 
_symmetry.pdbx_full_space_group_name_H-M   ? 
# 
loop_
_entity.id 
_entity.type 
_entity.src_method 
_entity.pdbx_description 
_entity.formula_weight 
_entity.pdbx_number_of_molecules 
_entity.pdbx_ec 
_entity.pdbx_mutation 
_entity.pdbx_fragment 
_entity.details 
1 polymer man 'Single-stranded DNA-binding protein 1' 13762.536 2 ? ? ? ? 
2 water   nat water                                   18.015    1 ? ? ? ? 
# 
_entity_name_com.entity_id   1 
_entity_name_com.name        'SSB 1' 
# 
_entity_poly.entity_id                      1 
_entity_poly.type                           'polypeptide(L)' 
_entity_poly.nstd_linkage                   no 
_entity_poly.nstd_monomer                   no 
_entity_poly.pdbx_seq_one_letter_code       
;MASRGVNKVILVGNLGQDPEVRYMPSGGAVANLTLATSESWRDKQTGEMKEQTEWHRVVMFGKLAEVAGEYLRKGSQVYI
EGQLRTRKWTDQSGQERYTTEINVPQIGGVMQMLGGHHHHHH
;
_entity_poly.pdbx_seq_one_letter_code_can   
;MASRGVNKVILVGNLGQDPEVRYMPSGGAVANLTLATSESWRDKQTGEMKEQTEWHRVVMFGKLAEVAGEYLRKGSQVYI
EGQLRTRKWTDQSGQERYTTEINVPQIGGVMQMLGGHHHHHH
;
_entity_poly.pdbx_strand_id                 A,B 
_entity_poly.pdbx_target_identifier         ? 
# 
loop_
_entity_poly_seq.entity_id 
_entity_poly_seq.num 
_entity_poly_seq.mon_id 
_entity_poly_seq.hetero 
1 1   MET n 
1 2   ALA n 
1 3   SER n 
1 4   ARG n 
1 5   GLY n 
1 6   VAL n 
1 7   ASN n 
1 8   LYS n 
1 9   VAL n 
1 10  ILE n 
1 11  LEU n 
1 12  VAL n 
1 13  GLY n 
1 14  ASN n 
1 15  LEU n 
1 16  GLY n 
1 17  GLN n 
1 18  ASP n 
1 19  PRO n 
1 20  GLU n 
1 21  VAL n 
1 22  ARG n 
1 23  TYR n 
1 24  MET n 
1 25  PRO n 
1 26  SER n 
1 27  GLY n 
1 28  GLY n 
1 29  ALA n 
1 30  VAL n 
1 31  ALA n 
1 32  ASN n 
1 33  LEU n 
1 34  THR n 
1 35  LEU n 
1 36  ALA n 
1 37  THR n 
1 38  SER n 
1 39  GLU n 
1 40  SER n 
1 41  TRP n 
1 42  ARG n 
1 43  ASP n 
1 44  LYS n 
1 45  GLN n 
1 46  THR n 
1 47  GLY n 
1 48  GLU n 
1 49  MET n 
1 50  LYS n 
1 51  GLU n 
1 52  GLN n 
1 53  THR n 
1 54  GLU n 
1 55  TRP n 
1 56  HIS n 
1 57  ARG n 
1 58  VAL n 
1 59  VAL n 
1 60  MET n 
1 61  PHE n 
1 62  GLY n 
1 63  LYS n 
1 64  LEU n 
1 65  ALA n 
1 66  GLU n 
1 67  VAL n 
1 68  ALA n 
1 69  GLY n 
1 70  GLU n 
1 71  TYR n 
1 72  LEU n 
1 73  ARG n 
1 74  LYS n 
1 75  GLY n 
1 76  SER n 
1 77  GLN n 
1 78  VAL n 
1 79  TYR n 
1 80  ILE n 
1 81  GLU n 
1 82  GLY n 
1 83  GLN n 
1 84  LEU n 
1 85  ARG n 
1 86  THR n 
1 87  ARG n 
1 88  LYS n 
1 89  TRP n 
1 90  THR n 
1 91  ASP n 
1 92  GLN n 
1 93  SER n 
1 94  GLY n 
1 95  GLN n 
1 96  GLU n 
1 97  ARG n 
1 98  TYR n 
1 99  THR n 
1 100 THR n 
1 101 GLU n 
1 102 ILE n 
1 103 ASN n 
1 104 VAL n 
1 105 PRO n 
1 106 GLN n 
1 107 ILE n 
1 108 GLY n 
1 109 GLY n 
1 110 VAL n 
1 111 MET n 
1 112 GLN n 
1 113 MET n 
1 114 LEU n 
1 115 GLY n 
1 116 GLY n 
1 117 HIS n 
1 118 HIS n 
1 119 HIS n 
1 120 HIS n 
1 121 HIS n 
1 122 HIS n 
# 
_entity_src_gen.entity_id                          1 
_entity_src_gen.pdbx_src_id                        1 
_entity_src_gen.pdbx_alt_source_flag               sample 
_entity_src_gen.pdbx_seq_type                      'Biological sequence' 
_entity_src_gen.pdbx_beg_seq_num                   1 
_entity_src_gen.pdbx_end_seq_num                   122 
_entity_src_gen.gene_src_common_name               ? 
_entity_src_gen.gene_src_genus                     ? 
_entity_src_gen.pdbx_gene_src_gene                 'ssb, STM4256' 
_entity_src_gen.gene_src_species                   ? 
_entity_src_gen.gene_src_strain                    ? 
_entity_src_gen.gene_src_tissue                    ? 
_entity_src_gen.gene_src_tissue_fraction           ? 
_entity_src_gen.gene_src_details                   ? 
_entity_src_gen.pdbx_gene_src_fragment             ? 
_entity_src_gen.pdbx_gene_src_scientific_name      'Salmonella typhimurium (strain LT2 / SGSC1412 / ATCC 700720)' 
_entity_src_gen.pdbx_gene_src_ncbi_taxonomy_id     99287 
_entity_src_gen.pdbx_gene_src_variant              ? 
_entity_src_gen.pdbx_gene_src_cell_line            ? 
_entity_src_gen.pdbx_gene_src_atcc                 700720 
_entity_src_gen.pdbx_gene_src_organ                ? 
_entity_src_gen.pdbx_gene_src_organelle            ? 
_entity_src_gen.pdbx_gene_src_cell                 ? 
_entity_src_gen.pdbx_gene_src_cellular_location    ? 
_entity_src_gen.host_org_common_name               ? 
_entity_src_gen.pdbx_host_org_scientific_name      'Escherichia coli BL21' 
_entity_src_gen.pdbx_host_org_ncbi_taxonomy_id     511693 
_entity_src_gen.host_org_genus                     ? 
_entity_src_gen.pdbx_host_org_gene                 ? 
_entity_src_gen.pdbx_host_org_organ                ? 
_entity_src_gen.host_org_species                   ? 
_entity_src_gen.pdbx_host_org_tissue               ? 
_entity_src_gen.pdbx_host_org_tissue_fraction      ? 
_entity_src_gen.pdbx_host_org_strain               ? 
_entity_src_gen.pdbx_host_org_variant              ? 
_entity_src_gen.pdbx_host_org_cell_line            ? 
_entity_src_gen.pdbx_host_org_atcc                 ? 
_entity_src_gen.pdbx_host_org_culture_collection   ? 
_entity_src_gen.pdbx_host_org_cell                 ? 
_entity_src_gen.pdbx_host_org_organelle            ? 
_entity_src_gen.pdbx_host_org_cellular_location    ? 
_entity_src_gen.pdbx_host_org_vector_type          ? 
_entity_src_gen.pdbx_host_org_vector               ? 
_entity_src_gen.host_org_details                   ? 
_entity_src_gen.expression_system_id               ? 
_entity_src_gen.plasmid_name                       ? 
_entity_src_gen.plasmid_details                    ? 
_entity_src_gen.pdbx_description                   ? 
# 
_struct_ref.id                         1 
_struct_ref.db_name                    UNP 
_struct_ref.db_code                    SSB1_SALTY 
_struct_ref.pdbx_db_accession          P0A2F6 
_struct_ref.pdbx_db_isoform            ? 
_struct_ref.entity_id                  1 
_struct_ref.pdbx_seq_one_letter_code   
;MASRGVNKVILVGNLGQDPEVRYMPSGGAVANLTLATSESWRDKQTGEMKEQTEWHRVVMFGKLAEVAGEYLRKGSQVYI
EGQLRTRKWTDQSGQERYTTEINVPQIGGVMQMLGG
;
_struct_ref.pdbx_align_begin           1 
# 
loop_
_struct_ref_seq.align_id 
_struct_ref_seq.ref_id 
_struct_ref_seq.pdbx_PDB_id_code 
_struct_ref_seq.pdbx_strand_id 
_struct_ref_seq.seq_align_beg 
_struct_ref_seq.pdbx_seq_align_beg_ins_code 
_struct_ref_seq.seq_align_end 
_struct_ref_seq.pdbx_seq_align_end_ins_code 
_struct_ref_seq.pdbx_db_accession 
_struct_ref_seq.db_align_beg 
_struct_ref_seq.pdbx_db_align_beg_ins_code 
_struct_ref_seq.db_align_end 
_struct_ref_seq.pdbx_db_align_end_ins_code 
_struct_ref_seq.pdbx_auth_seq_align_beg 
_struct_ref_seq.pdbx_auth_seq_align_end 
1 1 7F25 A 1 ? 116 ? P0A2F6 1 ? 116 ? 1 116 
2 1 7F25 B 1 ? 116 ? P0A2F6 1 ? 116 ? 1 116 
# 
loop_
_struct_ref_seq_dif.align_id 
_struct_ref_seq_dif.pdbx_pdb_id_code 
_struct_ref_seq_dif.mon_id 
_struct_ref_seq_dif.pdbx_pdb_strand_id 
_struct_ref_seq_dif.seq_num 
_struct_ref_seq_dif.pdbx_pdb_ins_code 
_struct_ref_seq_dif.pdbx_seq_db_name 
_struct_ref_seq_dif.pdbx_seq_db_accession_code 
_struct_ref_seq_dif.db_mon_id 
_struct_ref_seq_dif.pdbx_seq_db_seq_num 
_struct_ref_seq_dif.details 
_struct_ref_seq_dif.pdbx_auth_seq_num 
_struct_ref_seq_dif.pdbx_ordinal 
1 7F25 HIS A 117 ? UNP P0A2F6 ? ? 'expression tag' 117 1  
1 7F25 HIS A 118 ? UNP P0A2F6 ? ? 'expression tag' 118 2  
1 7F25 HIS A 119 ? UNP P0A2F6 ? ? 'expression tag' 119 3  
1 7F25 HIS A 120 ? UNP P0A2F6 ? ? 'expression tag' 120 4  
1 7F25 HIS A 121 ? UNP P0A2F6 ? ? 'expression tag' 121 5  
1 7F25 HIS A 122 ? UNP P0A2F6 ? ? 'expression tag' 122 6  
2 7F25 HIS B 117 ? UNP P0A2F6 ? ? 'expression tag' 117 7  
2 7F25 HIS B 118 ? UNP P0A2F6 ? ? 'expression tag' 118 8  
2 7F25 HIS B 119 ? UNP P0A2F6 ? ? 'expression tag' 119 9  
2 7F25 HIS B 120 ? UNP P0A2F6 ? ? 'expression tag' 120 10 
2 7F25 HIS B 121 ? UNP P0A2F6 ? ? 'expression tag' 121 11 
2 7F25 HIS B 122 ? UNP P0A2F6 ? ? 'expression tag' 122 12 
# 
loop_
_chem_comp.id 
_chem_comp.type 
_chem_comp.mon_nstd_flag 
_chem_comp.name 
_chem_comp.pdbx_synonyms 
_chem_comp.formula 
_chem_comp.formula_weight 
ALA 'L-peptide linking' y ALANINE         ? 'C3 H7 N O2'     89.093  
ARG 'L-peptide linking' y ARGININE        ? 'C6 H15 N4 O2 1' 175.209 
ASN 'L-peptide linking' y ASPARAGINE      ? 'C4 H8 N2 O3'    132.118 
ASP 'L-peptide linking' y 'ASPARTIC ACID' ? 'C4 H7 N O4'     133.103 
GLN 'L-peptide linking' y GLUTAMINE       ? 'C5 H10 N2 O3'   146.144 
GLU 'L-peptide linking' y 'GLUTAMIC ACID' ? 'C5 H9 N O4'     147.129 
GLY 'peptide linking'   y GLYCINE         ? 'C2 H5 N O2'     75.067  
HIS 'L-peptide linking' y HISTIDINE       ? 'C6 H10 N3 O2 1' 156.162 
HOH non-polymer         . WATER           ? 'H2 O'           18.015  
ILE 'L-peptide linking' y ISOLEUCINE      ? 'C6 H13 N O2'    131.173 
LEU 'L-peptide linking' y LEUCINE         ? 'C6 H13 N O2'    131.173 
LYS 'L-peptide linking' y LYSINE          ? 'C6 H15 N2 O2 1' 147.195 
MET 'L-peptide linking' y METHIONINE      ? 'C5 H11 N O2 S'  149.211 
PHE 'L-peptide linking' y PHENYLALANINE   ? 'C9 H11 N O2'    165.189 
PRO 'L-peptide linking' y PROLINE         ? 'C5 H9 N O2'     115.130 
SER 'L-peptide linking' y SERINE          ? 'C3 H7 N O3'     105.093 
THR 'L-peptide linking' y THREONINE       ? 'C4 H9 N O3'     119.119 
TRP 'L-peptide linking' y TRYPTOPHAN      ? 'C11 H12 N2 O2'  204.225 
TYR 'L-peptide linking' y TYROSINE        ? 'C9 H11 N O3'    181.189 
VAL 'L-peptide linking' y VALINE          ? 'C5 H11 N O2'    117.146 
# 
_exptl.absorpt_coefficient_mu     ? 
_exptl.absorpt_correction_T_max   ? 
_exptl.absorpt_correction_T_min   ? 
_exptl.absorpt_correction_type    ? 
_exptl.absorpt_process_details    ? 
_exptl.entry_id                   7F25 
_exptl.crystals_number            1 
_exptl.details                    ? 
_exptl.method                     'X-RAY DIFFRACTION' 
_exptl.method_details             ? 
# 
_exptl_crystal.colour                      ? 
_exptl_crystal.density_diffrn              ? 
_exptl_crystal.density_Matthews            2.70 
_exptl_crystal.density_method              ? 
_exptl_crystal.density_percent_sol         54.49 
_exptl_crystal.description                 ? 
_exptl_crystal.F_000                       ? 
_exptl_crystal.id                          1 
_exptl_crystal.preparation                 ? 
_exptl_crystal.size_max                    ? 
_exptl_crystal.size_mid                    ? 
_exptl_crystal.size_min                    ? 
_exptl_crystal.size_rad                    ? 
_exptl_crystal.colour_lustre               ? 
_exptl_crystal.colour_modifier             ? 
_exptl_crystal.colour_primary              ? 
_exptl_crystal.density_meas                ? 
_exptl_crystal.density_meas_esd            ? 
_exptl_crystal.density_meas_gt             ? 
_exptl_crystal.density_meas_lt             ? 
_exptl_crystal.density_meas_temp           ? 
_exptl_crystal.density_meas_temp_esd       ? 
_exptl_crystal.density_meas_temp_gt        ? 
_exptl_crystal.density_meas_temp_lt        ? 
_exptl_crystal.pdbx_crystal_image_url      ? 
_exptl_crystal.pdbx_crystal_image_format   ? 
_exptl_crystal.pdbx_mosaicity              ? 
_exptl_crystal.pdbx_mosaicity_esd          ? 
# 
_exptl_crystal_grow.apparatus       ? 
_exptl_crystal_grow.atmosphere      ? 
_exptl_crystal_grow.crystal_id      1 
_exptl_crystal_grow.details         ? 
_exptl_crystal_grow.method          'VAPOR DIFFUSION, HANGING DROP' 
_exptl_crystal_grow.method_ref      ? 
_exptl_crystal_grow.pH              6.5 
_exptl_crystal_grow.pressure        ? 
_exptl_crystal_grow.pressure_esd    ? 
_exptl_crystal_grow.seeding         ? 
_exptl_crystal_grow.seeding_ref     ? 
_exptl_crystal_grow.temp            298 
_exptl_crystal_grow.temp_details    ? 
_exptl_crystal_grow.temp_esd        ? 
_exptl_crystal_grow.time            ? 
_exptl_crystal_grow.pdbx_details    '15% PEG 400, 100mM sodium Salt, pH6.5' 
_exptl_crystal_grow.pdbx_pH_range   ? 
# 
_diffrn.ambient_environment              ? 
_diffrn.ambient_temp                     298 
_diffrn.ambient_temp_details             ? 
_diffrn.ambient_temp_esd                 ? 
_diffrn.crystal_id                       1 
_diffrn.crystal_support                  ? 
_diffrn.crystal_treatment                ? 
_diffrn.details                          ? 
_diffrn.id                               1 
_diffrn.ambient_pressure                 ? 
_diffrn.ambient_pressure_esd             ? 
_diffrn.ambient_pressure_gt              ? 
_diffrn.ambient_pressure_lt              ? 
_diffrn.ambient_temp_gt                  ? 
_diffrn.ambient_temp_lt                  ? 
_diffrn.pdbx_serial_crystal_experiment   N 
# 
_diffrn_detector.details                      ? 
_diffrn_detector.detector                     CCD 
_diffrn_detector.diffrn_id                    1 
_diffrn_detector.type                         'ADSC QUANTUM 210' 
_diffrn_detector.area_resol_mean              ? 
_diffrn_detector.dtime                        ? 
_diffrn_detector.pdbx_frames_total            ? 
_diffrn_detector.pdbx_collection_time_total   ? 
_diffrn_detector.pdbx_collection_date         2017-10-06 
_diffrn_detector.pdbx_frequency               ? 
# 
_diffrn_radiation.collimation                      ? 
_diffrn_radiation.diffrn_id                        1 
_diffrn_radiation.filter_edge                      ? 
_diffrn_radiation.inhomogeneity                    ? 
_diffrn_radiation.monochromator                    ? 
_diffrn_radiation.polarisn_norm                    ? 
_diffrn_radiation.polarisn_ratio                   ? 
_diffrn_radiation.probe                            ? 
_diffrn_radiation.type                             ? 
_diffrn_radiation.xray_symbol                      ? 
_diffrn_radiation.wavelength_id                    1 
_diffrn_radiation.pdbx_monochromatic_or_laue_m_l   M 
_diffrn_radiation.pdbx_wavelength_list             ? 
_diffrn_radiation.pdbx_wavelength                  ? 
_diffrn_radiation.pdbx_diffrn_protocol             'SINGLE WAVELENGTH' 
_diffrn_radiation.pdbx_analyzer                    ? 
_diffrn_radiation.pdbx_scattering_type             x-ray 
# 
_diffrn_radiation_wavelength.id           1 
_diffrn_radiation_wavelength.wavelength   0.975 
_diffrn_radiation_wavelength.wt           1.0 
# 
_diffrn_source.current                     ? 
_diffrn_source.details                     ? 
_diffrn_source.diffrn_id                   1 
_diffrn_source.power                       ? 
_diffrn_source.size                        ? 
_diffrn_source.source                      SYNCHROTRON 
_diffrn_source.target                      ? 
_diffrn_source.type                        'NSRRC BEAMLINE BL13C1' 
_diffrn_source.voltage                     ? 
_diffrn_source.take-off_angle              ? 
_diffrn_source.pdbx_wavelength_list        0.975 
_diffrn_source.pdbx_wavelength             ? 
_diffrn_source.pdbx_synchrotron_beamline   BL13C1 
_diffrn_source.pdbx_synchrotron_site       NSRRC 
# 
_reflns.B_iso_Wilson_estimate                          ? 
_reflns.entry_id                                       7F25 
_reflns.data_reduction_details                         ? 
_reflns.data_reduction_method                          ? 
_reflns.d_resolution_high                              2.87 
_reflns.d_resolution_low                               30.00 
_reflns.details                                        ? 
_reflns.limit_h_max                                    ? 
_reflns.limit_h_min                                    ? 
_reflns.limit_k_max                                    ? 
_reflns.limit_k_min                                    ? 
_reflns.limit_l_max                                    ? 
_reflns.limit_l_min                                    ? 
_reflns.number_all                                     ? 
_reflns.number_obs                                     7050 
_reflns.observed_criterion                             ? 
_reflns.observed_criterion_F_max                       ? 
_reflns.observed_criterion_F_min                       ? 
_reflns.observed_criterion_I_max                       ? 
_reflns.observed_criterion_I_min                       ? 
_reflns.observed_criterion_sigma_F                     ? 
_reflns.observed_criterion_sigma_I                     ? 
_reflns.percent_possible_obs                           99.9 
_reflns.R_free_details                                 ? 
_reflns.Rmerge_F_all                                   ? 
_reflns.Rmerge_F_obs                                   ? 
_reflns.Friedel_coverage                               ? 
_reflns.number_gt                                      ? 
_reflns.threshold_expression                           ? 
_reflns.pdbx_redundancy                                5.3 
_reflns.pdbx_Rmerge_I_obs                              ? 
_reflns.pdbx_Rmerge_I_all                              ? 
_reflns.pdbx_Rsym_value                                ? 
_reflns.pdbx_netI_over_av_sigmaI                       ? 
_reflns.pdbx_netI_over_sigmaI                          20.34 
_reflns.pdbx_res_netI_over_av_sigmaI_2                 ? 
_reflns.pdbx_res_netI_over_sigmaI_2                    ? 
_reflns.pdbx_chi_squared                               ? 
_reflns.pdbx_scaling_rejects                           ? 
_reflns.pdbx_d_res_high_opt                            ? 
_reflns.pdbx_d_res_low_opt                             ? 
_reflns.pdbx_d_res_opt_method                          ? 
_reflns.phase_calculation_details                      ? 
_reflns.pdbx_Rrim_I_all                                ? 
_reflns.pdbx_Rpim_I_all                                ? 
_reflns.pdbx_d_opt                                     ? 
_reflns.pdbx_number_measured_all                       ? 
_reflns.pdbx_diffrn_id                                 1 
_reflns.pdbx_ordinal                                   1 
_reflns.pdbx_CC_half                                   0.792 
_reflns.pdbx_CC_star                                   ? 
_reflns.pdbx_R_split                                   ? 
_reflns.pdbx_aniso_diffraction_limit_axis_1_ortho[1]   ? 
_reflns.pdbx_aniso_diffraction_limit_axis_1_ortho[2]   ? 
_reflns.pdbx_aniso_diffraction_limit_axis_1_ortho[3]   ? 
_reflns.pdbx_aniso_diffraction_limit_axis_2_ortho[1]   ? 
_reflns.pdbx_aniso_diffraction_limit_axis_2_ortho[2]   ? 
_reflns.pdbx_aniso_diffraction_limit_axis_2_ortho[3]   ? 
_reflns.pdbx_aniso_diffraction_limit_axis_3_ortho[1]   ? 
_reflns.pdbx_aniso_diffraction_limit_axis_3_ortho[2]   ? 
_reflns.pdbx_aniso_diffraction_limit_axis_3_ortho[3]   ? 
_reflns.pdbx_aniso_diffraction_limit_1                 ? 
_reflns.pdbx_aniso_diffraction_limit_2                 ? 
_reflns.pdbx_aniso_diffraction_limit_3                 ? 
_reflns.pdbx_aniso_B_tensor_eigenvector_1_ortho[1]     ? 
_reflns.pdbx_aniso_B_tensor_eigenvector_1_ortho[2]     ? 
_reflns.pdbx_aniso_B_tensor_eigenvector_1_ortho[3]     ? 
_reflns.pdbx_aniso_B_tensor_eigenvector_2_ortho[1]     ? 
_reflns.pdbx_aniso_B_tensor_eigenvector_2_ortho[2]     ? 
_reflns.pdbx_aniso_B_tensor_eigenvector_2_ortho[3]     ? 
_reflns.pdbx_aniso_B_tensor_eigenvector_3_ortho[1]     ? 
_reflns.pdbx_aniso_B_tensor_eigenvector_3_ortho[2]     ? 
_reflns.pdbx_aniso_B_tensor_eigenvector_3_ortho[3]     ? 
_reflns.pdbx_aniso_B_tensor_eigenvalue_1               ? 
_reflns.pdbx_aniso_B_tensor_eigenvalue_2               ? 
_reflns.pdbx_aniso_B_tensor_eigenvalue_3               ? 
_reflns.pdbx_orthogonalization_convention              ? 
_reflns.pdbx_percent_possible_ellipsoidal              ? 
_reflns.pdbx_percent_possible_spherical                ? 
_reflns.pdbx_percent_possible_ellipsoidal_anomalous    ? 
_reflns.pdbx_percent_possible_spherical_anomalous      ? 
_reflns.pdbx_redundancy_anomalous                      ? 
_reflns.pdbx_CC_half_anomalous                         ? 
_reflns.pdbx_absDiff_over_sigma_anomalous              ? 
_reflns.pdbx_percent_possible_anomalous                ? 
_reflns.pdbx_observed_signal_threshold                 ? 
_reflns.pdbx_signal_type                               ? 
_reflns.pdbx_signal_details                            ? 
_reflns.pdbx_signal_software_id                        ? 
# 
_reflns_shell.d_res_high                                    2.87 
_reflns_shell.d_res_low                                     2.97 
_reflns_shell.meanI_over_sigI_all                           ? 
_reflns_shell.meanI_over_sigI_obs                           2.31 
_reflns_shell.number_measured_all                           ? 
_reflns_shell.number_measured_obs                           ? 
_reflns_shell.number_possible                               ? 
_reflns_shell.number_unique_all                             ? 
_reflns_shell.number_unique_obs                             691 
_reflns_shell.percent_possible_all                          99.7 
_reflns_shell.percent_possible_obs                          ? 
_reflns_shell.Rmerge_F_all                                  ? 
_reflns_shell.Rmerge_F_obs                                  ? 
_reflns_shell.Rmerge_I_all                                  ? 
_reflns_shell.Rmerge_I_obs                                  ? 
_reflns_shell.meanI_over_sigI_gt                            ? 
_reflns_shell.meanI_over_uI_all                             ? 
_reflns_shell.meanI_over_uI_gt                              ? 
_reflns_shell.number_measured_gt                            ? 
_reflns_shell.number_unique_gt                              ? 
_reflns_shell.percent_possible_gt                           ? 
_reflns_shell.Rmerge_F_gt                                   ? 
_reflns_shell.Rmerge_I_gt                                   ? 
_reflns_shell.pdbx_redundancy                               4.9 
_reflns_shell.pdbx_Rsym_value                               ? 
_reflns_shell.pdbx_chi_squared                              ? 
_reflns_shell.pdbx_netI_over_sigmaI_all                     ? 
_reflns_shell.pdbx_netI_over_sigmaI_obs                     ? 
_reflns_shell.pdbx_Rrim_I_all                               ? 
_reflns_shell.pdbx_Rpim_I_all                               ? 
_reflns_shell.pdbx_rejects                                  ? 
_reflns_shell.pdbx_ordinal                                  1 
_reflns_shell.pdbx_diffrn_id                                1 
_reflns_shell.pdbx_CC_half                                  0.918 
_reflns_shell.pdbx_CC_star                                  ? 
_reflns_shell.pdbx_R_split                                  ? 
_reflns_shell.pdbx_percent_possible_ellipsoidal             ? 
_reflns_shell.pdbx_percent_possible_spherical               ? 
_reflns_shell.pdbx_percent_possible_ellipsoidal_anomalous   ? 
_reflns_shell.pdbx_percent_possible_spherical_anomalous     ? 
_reflns_shell.pdbx_redundancy_anomalous                     ? 
_reflns_shell.pdbx_CC_half_anomalous                        ? 
_reflns_shell.pdbx_absDiff_over_sigma_anomalous             ? 
_reflns_shell.pdbx_percent_possible_anomalous               ? 
# 
_refine.aniso_B[1][1]                            ? 
_refine.aniso_B[1][2]                            ? 
_refine.aniso_B[1][3]                            ? 
_refine.aniso_B[2][2]                            ? 
_refine.aniso_B[2][3]                            ? 
_refine.aniso_B[3][3]                            ? 
_refine.B_iso_max                                119.480 
_refine.B_iso_mean                               66.1348 
_refine.B_iso_min                                30.000 
_refine.correlation_coeff_Fo_to_Fc               ? 
_refine.correlation_coeff_Fo_to_Fc_free          ? 
_refine.details                                  ? 
_refine.diff_density_max                         ? 
_refine.diff_density_max_esd                     ? 
_refine.diff_density_min                         ? 
_refine.diff_density_min_esd                     ? 
_refine.diff_density_rms                         ? 
_refine.diff_density_rms_esd                     ? 
_refine.entry_id                                 7F25 
_refine.pdbx_refine_id                           'X-RAY DIFFRACTION' 
_refine.ls_abs_structure_details                 ? 
_refine.ls_abs_structure_Flack                   ? 
_refine.ls_abs_structure_Flack_esd               ? 
_refine.ls_abs_structure_Rogers                  ? 
_refine.ls_abs_structure_Rogers_esd              ? 
_refine.ls_d_res_high                            2.8700 
_refine.ls_d_res_low                             28.5000 
_refine.ls_extinction_coef                       ? 
_refine.ls_extinction_coef_esd                   ? 
_refine.ls_extinction_expression                 ? 
_refine.ls_extinction_method                     ? 
_refine.ls_goodness_of_fit_all                   ? 
_refine.ls_goodness_of_fit_all_esd               ? 
_refine.ls_goodness_of_fit_obs                   ? 
_refine.ls_goodness_of_fit_obs_esd               ? 
_refine.ls_hydrogen_treatment                    ? 
_refine.ls_matrix_type                           ? 
_refine.ls_number_constraints                    ? 
_refine.ls_number_parameters                     ? 
_refine.ls_number_reflns_all                     ? 
_refine.ls_number_reflns_obs                     7017 
_refine.ls_number_reflns_R_free                  366 
_refine.ls_number_reflns_R_work                  6651 
_refine.ls_number_restraints                     ? 
_refine.ls_percent_reflns_obs                    99.6000 
_refine.ls_percent_reflns_R_free                 5.2200 
_refine.ls_R_factor_all                          ? 
_refine.ls_R_factor_obs                          0.2361 
_refine.ls_R_factor_R_free                       0.2958 
_refine.ls_R_factor_R_free_error                 ? 
_refine.ls_R_factor_R_free_error_details         ? 
_refine.ls_R_factor_R_work                       0.2330 
_refine.ls_R_Fsqd_factor_obs                     ? 
_refine.ls_R_I_factor_obs                        ? 
_refine.ls_redundancy_reflns_all                 ? 
_refine.ls_redundancy_reflns_obs                 ? 
_refine.ls_restrained_S_all                      ? 
_refine.ls_restrained_S_obs                      ? 
_refine.ls_shift_over_esd_max                    ? 
_refine.ls_shift_over_esd_mean                   ? 
_refine.ls_structure_factor_coef                 ? 
_refine.ls_weighting_details                     ? 
_refine.ls_weighting_scheme                      ? 
_refine.ls_wR_factor_all                         ? 
_refine.ls_wR_factor_obs                         ? 
_refine.ls_wR_factor_R_free                      ? 
_refine.ls_wR_factor_R_work                      ? 
_refine.occupancy_max                            ? 
_refine.occupancy_min                            ? 
_refine.solvent_model_details                    'FLAT BULK SOLVENT MODEL' 
_refine.solvent_model_param_bsol                 ? 
_refine.solvent_model_param_ksol                 ? 
_refine.pdbx_R_complete                          ? 
_refine.ls_R_factor_gt                           ? 
_refine.ls_goodness_of_fit_gt                    ? 
_refine.ls_goodness_of_fit_ref                   ? 
_refine.ls_shift_over_su_max                     ? 
_refine.ls_shift_over_su_max_lt                  ? 
_refine.ls_shift_over_su_mean                    ? 
_refine.ls_shift_over_su_mean_lt                 ? 
_refine.pdbx_ls_sigma_I                          ? 
_refine.pdbx_ls_sigma_F                          1.360 
_refine.pdbx_ls_sigma_Fsqd                       ? 
_refine.pdbx_data_cutoff_high_absF               ? 
_refine.pdbx_data_cutoff_high_rms_absF           ? 
_refine.pdbx_data_cutoff_low_absF                ? 
_refine.pdbx_isotropic_thermal_model             ? 
_refine.pdbx_ls_cross_valid_method               THROUGHOUT 
_refine.pdbx_method_to_determine_struct          'MOLECULAR REPLACEMENT' 
_refine.pdbx_starting_model                      1EYG 
_refine.pdbx_stereochemistry_target_values       ML 
_refine.pdbx_R_Free_selection_details            ? 
_refine.pdbx_stereochem_target_val_spec_case     ? 
_refine.pdbx_overall_ESU_R                       ? 
_refine.pdbx_overall_ESU_R_Free                  ? 
_refine.pdbx_solvent_vdw_probe_radii             1.1100 
_refine.pdbx_solvent_ion_probe_radii             ? 
_refine.pdbx_solvent_shrinkage_radii             0.9000 
_refine.pdbx_real_space_R                        ? 
_refine.pdbx_density_correlation                 ? 
_refine.pdbx_pd_number_of_powder_patterns        ? 
_refine.pdbx_pd_number_of_points                 ? 
_refine.pdbx_pd_meas_number_of_points            ? 
_refine.pdbx_pd_proc_ls_prof_R_factor            ? 
_refine.pdbx_pd_proc_ls_prof_wR_factor           ? 
_refine.pdbx_pd_Marquardt_correlation_coeff      ? 
_refine.pdbx_pd_Fsqrd_R_factor                   ? 
_refine.pdbx_pd_ls_matrix_band_width             ? 
_refine.pdbx_overall_phase_error                 37.9100 
_refine.pdbx_overall_SU_R_free_Cruickshank_DPI   ? 
_refine.pdbx_overall_SU_R_free_Blow_DPI          ? 
_refine.pdbx_overall_SU_R_Blow_DPI               ? 
_refine.pdbx_TLS_residual_ADP_flag               ? 
_refine.pdbx_diffrn_id                           1 
_refine.overall_SU_B                             ? 
_refine.overall_SU_ML                            0.2600 
_refine.overall_SU_R_Cruickshank_DPI             ? 
_refine.overall_SU_R_free                        ? 
_refine.overall_FOM_free_R_set                   ? 
_refine.overall_FOM_work_R_set                   ? 
_refine.pdbx_average_fsc_overall                 ? 
_refine.pdbx_average_fsc_work                    ? 
_refine.pdbx_average_fsc_free                    ? 
# 
_refine_hist.pdbx_refine_id                   'X-RAY DIFFRACTION' 
_refine_hist.cycle_id                         final 
_refine_hist.details                          ? 
_refine_hist.d_res_high                       2.8700 
_refine_hist.d_res_low                        28.5000 
_refine_hist.number_atoms_solvent             1 
_refine_hist.number_atoms_total               1673 
_refine_hist.number_reflns_all                ? 
_refine_hist.number_reflns_obs                ? 
_refine_hist.number_reflns_R_free             ? 
_refine_hist.number_reflns_R_work             ? 
_refine_hist.R_factor_all                     ? 
_refine_hist.R_factor_obs                     ? 
_refine_hist.R_factor_R_free                  ? 
_refine_hist.R_factor_R_work                  ? 
_refine_hist.pdbx_number_residues_total       212 
_refine_hist.pdbx_B_iso_mean_ligand           ? 
_refine_hist.pdbx_B_iso_mean_solvent          50.24 
_refine_hist.pdbx_number_atoms_protein        1672 
_refine_hist.pdbx_number_atoms_nucleic_acid   0 
_refine_hist.pdbx_number_atoms_ligand         0 
_refine_hist.pdbx_number_atoms_lipid          ? 
_refine_hist.pdbx_number_atoms_carb           ? 
_refine_hist.pdbx_pseudo_atom_details         ? 
# 
loop_
_refine_ls_restr_ncs.pdbx_refine_id 
_refine_ls_restr_ncs.dom_id 
_refine_ls_restr_ncs.ncs_model_details 
_refine_ls_restr_ncs.rms_dev_B_iso 
_refine_ls_restr_ncs.rms_dev_position 
_refine_ls_restr_ncs.weight_B_iso 
_refine_ls_restr_ncs.weight_position 
_refine_ls_restr_ncs.pdbx_ordinal 
_refine_ls_restr_ncs.pdbx_type 
_refine_ls_restr_ncs.pdbx_asym_id 
_refine_ls_restr_ncs.pdbx_auth_asym_id 
_refine_ls_restr_ncs.pdbx_number 
_refine_ls_restr_ncs.pdbx_rms 
_refine_ls_restr_ncs.pdbx_weight 
_refine_ls_restr_ncs.pdbx_ens_id 
'X-RAY DIFFRACTION' 1 ? ? ? ? ? 1 TORSIONAL ? A 634 7.807 ? 1 
'X-RAY DIFFRACTION' 2 ? ? ? ? ? 2 TORSIONAL ? B 634 7.807 ? 1 
# 
loop_
_refine_ls_shell.pdbx_refine_id 
_refine_ls_shell.d_res_high 
_refine_ls_shell.d_res_low 
_refine_ls_shell.number_reflns_all 
_refine_ls_shell.number_reflns_obs 
_refine_ls_shell.number_reflns_R_free 
_refine_ls_shell.number_reflns_R_work 
_refine_ls_shell.percent_reflns_obs 
_refine_ls_shell.percent_reflns_R_free 
_refine_ls_shell.R_factor_all 
_refine_ls_shell.R_factor_obs 
_refine_ls_shell.R_factor_R_free 
_refine_ls_shell.R_factor_R_free_error 
_refine_ls_shell.R_factor_R_work 
_refine_ls_shell.redundancy_reflns_all 
_refine_ls_shell.redundancy_reflns_obs 
_refine_ls_shell.wR_factor_all 
_refine_ls_shell.wR_factor_obs 
_refine_ls_shell.wR_factor_R_free 
_refine_ls_shell.wR_factor_R_work 
_refine_ls_shell.pdbx_R_complete 
_refine_ls_shell.pdbx_total_number_of_bins_used 
_refine_ls_shell.pdbx_phase_error 
_refine_ls_shell.pdbx_fsc_work 
_refine_ls_shell.pdbx_fsc_free 
'X-RAY DIFFRACTION' 2.8700 3.2800  2282 . 122 2160 99.0000  . . . 0.3065 0.0000 0.3425 . . . . . . . 3 . . . 
'X-RAY DIFFRACTION' 3.2800 4.1300  2313 . 134 2179 100.0000 . . . 0.3530 0.0000 0.2527 . . . . . . . 3 . . . 
'X-RAY DIFFRACTION' 4.1400 28.5000 2422 . 110 2312 100.0000 . . . 0.2590 0.0000 0.1955 . . . . . . . 3 . . . 
# 
loop_
_struct_ncs_dom.pdbx_ens_id 
_struct_ncs_dom.id 
_struct_ncs_dom.details 
1 1 '(chain A and (resid 3 through 43 or resid 49 through 115))' 
1 2 'chain B'                                                    
# 
loop_
_struct_ncs_dom_lim.pdbx_ens_id 
_struct_ncs_dom_lim.dom_id 
_struct_ncs_dom_lim.pdbx_component_id 
_struct_ncs_dom_lim.beg_label_asym_id 
_struct_ncs_dom_lim.beg_label_comp_id 
_struct_ncs_dom_lim.beg_label_seq_id 
_struct_ncs_dom_lim.beg_label_alt_id 
_struct_ncs_dom_lim.end_label_asym_id 
_struct_ncs_dom_lim.end_label_comp_id 
_struct_ncs_dom_lim.end_label_seq_id 
_struct_ncs_dom_lim.end_label_alt_id 
_struct_ncs_dom_lim.beg_auth_asym_id 
_struct_ncs_dom_lim.beg_auth_comp_id 
_struct_ncs_dom_lim.beg_auth_seq_id 
_struct_ncs_dom_lim.end_auth_asym_id 
_struct_ncs_dom_lim.end_auth_comp_id 
_struct_ncs_dom_lim.end_auth_seq_id 
_struct_ncs_dom_lim.pdbx_refine_code 
_struct_ncs_dom_lim.selection_details 
1 1 1 A SER 3  . A ASP 43  . A SER 3  A ASP 43  ? '(chain A and (resid 3 through 43 or resid 49 through 115))' 
1 1 2 A MET 49 . A GLY 115 . A MET 49 A GLY 115 ? '(chain A and (resid 3 through 43 or resid 49 through 115))' 
1 2 1 B SER 3  . B GLY 115 . B SER 3  B GLY 115 ? 'chain B'                                                    
# 
_struct_ncs_ens.id        1 
_struct_ncs_ens.details   ? 
# 
_struct.entry_id                     7F25 
_struct.title                        'Crystal structure of SSB from Salmonella enterica serovar Typhimurium LT2.' 
_struct.pdbx_model_details           ? 
_struct.pdbx_formula_weight          ? 
_struct.pdbx_formula_weight_method   ? 
_struct.pdbx_model_type_details      ? 
_struct.pdbx_CASP_flag               N 
# 
_struct_keywords.entry_id        7F25 
_struct_keywords.text            'Single-stranded DNA-binding protein, SSB, DNA BINDING PROTEIN' 
_struct_keywords.pdbx_keywords   'DNA BINDING PROTEIN' 
# 
loop_
_struct_asym.id 
_struct_asym.pdbx_blank_PDB_chainid_flag 
_struct_asym.pdbx_modified 
_struct_asym.entity_id 
_struct_asym.details 
A N N 1 ? 
B N N 1 ? 
C N N 2 ? 
# 
loop_
_struct_conf.conf_type_id 
_struct_conf.id 
_struct_conf.pdbx_PDB_helix_id 
_struct_conf.beg_label_comp_id 
_struct_conf.beg_label_asym_id 
_struct_conf.beg_label_seq_id 
_struct_conf.pdbx_beg_PDB_ins_code 
_struct_conf.end_label_comp_id 
_struct_conf.end_label_asym_id 
_struct_conf.end_label_seq_id 
_struct_conf.pdbx_end_PDB_ins_code 
_struct_conf.beg_auth_comp_id 
_struct_conf.beg_auth_asym_id 
_struct_conf.beg_auth_seq_id 
_struct_conf.end_auth_comp_id 
_struct_conf.end_auth_asym_id 
_struct_conf.end_auth_seq_id 
_struct_conf.pdbx_PDB_helix_class 
_struct_conf.details 
_struct_conf.pdbx_PDB_helix_length 
HELX_P HELX_P1 AA1 GLY A 62 ? LEU A 72 ? GLY A 62 LEU A 72 1 ? 11 
HELX_P HELX_P2 AA2 GLY B 62 ? LEU B 72 ? GLY B 62 LEU B 72 1 ? 11 
# 
_struct_conf_type.id          HELX_P 
_struct_conf_type.criteria    ? 
_struct_conf_type.reference   ? 
# 
loop_
_struct_sheet.id 
_struct_sheet.type 
_struct_sheet.number_strands 
_struct_sheet.details 
AA1 ? 14 ? 
AA2 ? 2  ? 
AA3 ? 2  ? 
# 
loop_
_struct_sheet_order.sheet_id 
_struct_sheet_order.range_id_1 
_struct_sheet_order.range_id_2 
_struct_sheet_order.offset 
_struct_sheet_order.sense 
AA1 1  3  ? anti-parallel 
AA1 1  5  ? anti-parallel 
AA1 1  8  ? anti-parallel 
AA1 2  3  ? anti-parallel 
AA1 3  4  ? anti-parallel 
AA1 4  6  ? parallel      
AA1 5  6  ? anti-parallel 
AA1 5  7  ? anti-parallel 
AA1 8  10 ? anti-parallel 
AA1 8  12 ? anti-parallel 
AA1 9  10 ? anti-parallel 
AA1 10 11 ? anti-parallel 
AA1 11 13 ? parallel      
AA1 12 13 ? anti-parallel 
AA1 12 14 ? anti-parallel 
AA2 1  2  ? anti-parallel 
AA3 1  2  ? anti-parallel 
# 
loop_
_struct_sheet_range.sheet_id 
_struct_sheet_range.id 
_struct_sheet_range.beg_label_comp_id 
_struct_sheet_range.beg_label_asym_id 
_struct_sheet_range.beg_label_seq_id 
_struct_sheet_range.pdbx_beg_PDB_ins_code 
_struct_sheet_range.end_label_comp_id 
_struct_sheet_range.end_label_asym_id 
_struct_sheet_range.end_label_seq_id 
_struct_sheet_range.pdbx_end_PDB_ins_code 
_struct_sheet_range.beg_auth_comp_id 
_struct_sheet_range.beg_auth_asym_id 
_struct_sheet_range.beg_auth_seq_id 
_struct_sheet_range.end_auth_comp_id 
_struct_sheet_range.end_auth_asym_id 
_struct_sheet_range.end_auth_seq_id 
AA1 1  VAL A 6   ? LEU A 15  ? VAL A 6   LEU A 15  
AA1 2  GLU A 20  ? TYR A 23  ? GLU A 20  TYR A 23  
AA1 3  ALA A 29  ? THR A 37  ? ALA A 29  THR A 37  
AA1 4  GLU A 54  ? PHE A 61  ? GLU A 54  PHE A 61  
AA1 5  GLN A 77  ? THR A 90  ? GLN A 77  THR A 90  
AA1 6  GLU A 96  ? VAL A 104 ? GLU A 96  VAL A 104 
AA1 7  VAL A 110 ? MET A 113 ? VAL A 110 MET A 113 
AA1 8  VAL B 6   ? LEU B 15  ? VAL B 6   LEU B 15  
AA1 9  GLU B 20  ? ARG B 22  ? GLU B 20  ARG B 22  
AA1 10 VAL B 30  ? THR B 37  ? VAL B 30  THR B 37  
AA1 11 GLU B 54  ? PHE B 61  ? GLU B 54  PHE B 61  
AA1 12 GLN B 77  ? THR B 90  ? GLN B 77  THR B 90  
AA1 13 GLU B 96  ? VAL B 104 ? GLU B 96  VAL B 104 
AA1 14 VAL B 110 ? MET B 113 ? VAL B 110 MET B 113 
AA2 1  SER A 40  ? TRP A 41  ? SER A 40  TRP A 41  
AA2 2  LYS A 50  ? GLU A 51  ? LYS A 50  GLU A 51  
AA3 1  SER B 40  ? TRP B 41  ? SER B 40  TRP B 41  
AA3 2  LYS B 50  ? GLU B 51  ? LYS B 50  GLU B 51  
# 
loop_
_pdbx_struct_sheet_hbond.sheet_id 
_pdbx_struct_sheet_hbond.range_id_1 
_pdbx_struct_sheet_hbond.range_id_2 
_pdbx_struct_sheet_hbond.range_1_label_atom_id 
_pdbx_struct_sheet_hbond.range_1_label_comp_id 
_pdbx_struct_sheet_hbond.range_1_label_asym_id 
_pdbx_struct_sheet_hbond.range_1_label_seq_id 
_pdbx_struct_sheet_hbond.range_1_PDB_ins_code 
_pdbx_struct_sheet_hbond.range_1_auth_atom_id 
_pdbx_struct_sheet_hbond.range_1_auth_comp_id 
_pdbx_struct_sheet_hbond.range_1_auth_asym_id 
_pdbx_struct_sheet_hbond.range_1_auth_seq_id 
_pdbx_struct_sheet_hbond.range_2_label_atom_id 
_pdbx_struct_sheet_hbond.range_2_label_comp_id 
_pdbx_struct_sheet_hbond.range_2_label_asym_id 
_pdbx_struct_sheet_hbond.range_2_label_seq_id 
_pdbx_struct_sheet_hbond.range_2_PDB_ins_code 
_pdbx_struct_sheet_hbond.range_2_auth_atom_id 
_pdbx_struct_sheet_hbond.range_2_auth_comp_id 
_pdbx_struct_sheet_hbond.range_2_auth_asym_id 
_pdbx_struct_sheet_hbond.range_2_auth_seq_id 
AA1 1  3  N ASN A 14 ? N ASN A 14 O ALA A 36  ? O ALA A 36  
AA1 1  5  N LEU A 11 ? N LEU A 11 O ILE A 80  ? O ILE A 80  
AA1 1  8  N VAL A 6  ? N VAL A 6  O VAL B 12  ? O VAL B 12  
AA1 2  3  N GLU A 20 ? N GLU A 20 O ASN A 32  ? O ASN A 32  
AA1 3  4  N LEU A 33 ? N LEU A 33 O VAL A 58  ? O VAL A 58  
AA1 4  6  N ARG A 57 ? N ARG A 57 O ILE A 102 ? O ILE A 102 
AA1 5  6  N TRP A 89 ? N TRP A 89 O ARG A 97  ? O ARG A 97  
AA1 5  7  N GLU A 81 ? N GLU A 81 O VAL A 110 ? O VAL A 110 
AA1 8  10 N ASN B 14 ? N ASN B 14 O ALA B 36  ? O ALA B 36  
AA1 8  12 N LEU B 11 ? N LEU B 11 O ILE B 80  ? O ILE B 80  
AA1 9  10 N GLU B 20 ? N GLU B 20 O ASN B 32  ? O ASN B 32  
AA1 10 11 N THR B 37 ? N THR B 37 O GLU B 54  ? O GLU B 54  
AA1 11 13 N VAL B 59 ? N VAL B 59 O VAL B 104 ? O VAL B 104 
AA1 12 13 N TRP B 89 ? N TRP B 89 O ARG B 97  ? O ARG B 97  
AA1 12 14 N TYR B 79 ? N TYR B 79 O GLN B 112 ? O GLN B 112 
AA2 1  2  N TRP A 41 ? N TRP A 41 O LYS A 50  ? O LYS A 50  
AA3 1  2  N TRP B 41 ? N TRP B 41 O LYS B 50  ? O LYS B 50  
# 
_atom_sites.entry_id                    7F25 
_atom_sites.Cartn_transf_matrix[1][1]   ? 
_atom_sites.Cartn_transf_matrix[1][2]   ? 
_atom_sites.Cartn_transf_matrix[1][3]   ? 
_atom_sites.Cartn_transf_matrix[2][1]   ? 
_atom_sites.Cartn_transf_matrix[2][2]   ? 
_atom_sites.Cartn_transf_matrix[2][3]   ? 
_atom_sites.Cartn_transf_matrix[3][1]   ? 
_atom_sites.Cartn_transf_matrix[3][2]   ? 
_atom_sites.Cartn_transf_matrix[3][3]   ? 
_atom_sites.Cartn_transf_vector[1]      ? 
_atom_sites.Cartn_transf_vector[2]      ? 
_atom_sites.Cartn_transf_vector[3]      ? 
_atom_sites.fract_transf_matrix[1][1]   -0.00951913 
_atom_sites.fract_transf_matrix[1][2]   -0.00098619 
_atom_sites.fract_transf_matrix[1][3]   0.00814428 
_atom_sites.fract_transf_matrix[2][1]   -0.00940180 
_atom_sites.fract_transf_matrix[2][2]   -0.00802337 
_atom_sites.fract_transf_matrix[2][3]   -0.00226629 
_atom_sites.fract_transf_matrix[3][1]   0.00809487 
_atom_sites.fract_transf_matrix[3][2]   -0.01175597 
_atom_sites.fract_transf_matrix[3][3]   0.00803786 
_atom_sites.fract_transf_vector[1]      0.061379 
_atom_sites.fract_transf_vector[2]      -0.396465 
_atom_sites.fract_transf_vector[3]      0.131837 
_atom_sites.solution_primary            ? 
_atom_sites.solution_secondary          ? 
_atom_sites.solution_hydrogens          ? 
_atom_sites.special_details             ? 
# 
loop_
_atom_type.symbol 
C 
N 
O 
S 
# 
loop_
_atom_site.group_PDB 
_atom_site.id 
_atom_site.type_symbol 
_atom_site.label_atom_id 
_atom_site.label_alt_id 
_atom_site.label_comp_id 
_atom_site.label_asym_id 
_atom_site.label_entity_id 
_atom_site.label_seq_id 
_atom_site.pdbx_PDB_ins_code 
_atom_site.Cartn_x 
_atom_site.Cartn_y 
_atom_site.Cartn_z 
_atom_site.occupancy 
_atom_site.B_iso_or_equiv 
_atom_site.pdbx_formal_charge 
_atom_site.auth_seq_id 
_atom_site.auth_comp_id 
_atom_site.auth_asym_id 
_atom_site.auth_atom_id 
_atom_site.pdbx_PDB_model_num 
ATOM   1    N N   . SER A 1 3   ? -6.947  -17.454 5.535   1.00 79.48  ? 3   SER A N   1 
ATOM   2    C CA  . SER A 1 3   ? -6.049  -16.543 4.817   1.00 81.57  ? 3   SER A CA  1 
ATOM   3    C C   . SER A 1 3   ? -5.524  -17.173 3.505   1.00 81.11  ? 3   SER A C   1 
ATOM   4    O O   . SER A 1 3   ? -4.980  -18.287 3.525   1.00 81.72  ? 3   SER A O   1 
ATOM   5    C CB  . SER A 1 3   ? -4.890  -16.134 5.736   1.00 76.42  ? 3   SER A CB  1 
ATOM   6    O OG  . SER A 1 3   ? -3.734  -15.755 5.006   1.00 78.55  ? 3   SER A OG  1 
ATOM   7    N N   . ARG A 1 4   ? -5.689  -16.464 2.374   1.00 76.18  ? 4   ARG A N   1 
ATOM   8    C CA  . ARG A 1 4   ? -5.381  -17.009 1.042   1.00 74.92  ? 4   ARG A CA  1 
ATOM   9    C C   . ARG A 1 4   ? -4.717  -15.942 0.165   1.00 71.06  ? 4   ARG A C   1 
ATOM   10   O O   . ARG A 1 4   ? -5.401  -15.093 -0.414  1.00 72.95  ? 4   ARG A O   1 
ATOM   11   C CB  . ARG A 1 4   ? -6.639  -17.574 0.386   1.00 77.35  ? 4   ARG A CB  1 
ATOM   12   C CG  . ARG A 1 4   ? -6.398  -18.159 -0.994  1.00 83.53  ? 4   ARG A CG  1 
ATOM   13   C CD  . ARG A 1 4   ? -6.714  -19.655 -1.057  1.00 88.56  ? 4   ARG A CD  1 
ATOM   14   N NE  . ARG A 1 4   ? -6.253  -20.234 -2.316  1.00 92.77  ? 4   ARG A NE  1 
ATOM   15   C CZ  . ARG A 1 4   ? -4.979  -20.434 -2.641  1.00 94.95  ? 4   ARG A CZ  1 
ATOM   16   N NH1 . ARG A 1 4   ? -3.990  -20.142 -1.803  1.00 87.08  ? 4   ARG A NH1 1 
ATOM   17   N NH2 . ARG A 1 4   ? -4.688  -20.933 -3.840  1.00 95.42  ? 4   ARG A NH2 1 
ATOM   18   N N   . GLY A 1 5   ? -3.389  -15.991 0.073   1.00 68.11  ? 5   GLY A N   1 
ATOM   19   C CA  . GLY A 1 5   ? -2.570  -14.998 -0.598  1.00 56.29  ? 5   GLY A CA  1 
ATOM   20   C C   . GLY A 1 5   ? -1.669  -14.278 0.392   1.00 55.03  ? 5   GLY A C   1 
ATOM   21   O O   . GLY A 1 5   ? -1.684  -14.547 1.589   1.00 61.02  ? 5   GLY A O   1 
ATOM   22   N N   . VAL A 1 6   ? -0.882  -13.331 -0.119  1.00 54.22  ? 6   VAL A N   1 
ATOM   23   C CA  . VAL A 1 6   ? 0.030   -12.582 0.745   1.00 52.54  ? 6   VAL A CA  1 
ATOM   24   C C   . VAL A 1 6   ? -0.134  -11.084 0.548   1.00 52.92  ? 6   VAL A C   1 
ATOM   25   O O   . VAL A 1 6   ? -0.053  -10.582 -0.581  1.00 48.33  ? 6   VAL A O   1 
ATOM   26   C CB  . VAL A 1 6   ? 1.499   -12.971 0.545   1.00 53.72  ? 6   VAL A CB  1 
ATOM   27   C CG1 . VAL A 1 6   ? 2.332   -12.327 1.639   1.00 52.15  ? 6   VAL A CG1 1 
ATOM   28   C CG2 . VAL A 1 6   ? 1.637   -14.453 0.659   1.00 57.49  ? 6   VAL A CG2 1 
ATOM   29   N N   . ASN A 1 7   ? -0.330  -10.382 1.676   1.00 56.16  ? 7   ASN A N   1 
ATOM   30   C CA  . ASN A 1 7   ? -0.611  -8.945  1.792   1.00 53.56  ? 7   ASN A CA  1 
ATOM   31   C C   . ASN A 1 7   ? 0.371   -8.382  2.816   1.00 51.23  ? 7   ASN A C   1 
ATOM   32   O O   . ASN A 1 7   ? 0.089   -8.360  4.020   1.00 54.27  ? 7   ASN A O   1 
ATOM   33   C CB  . ASN A 1 7   ? -2.067  -8.732  2.237   1.00 57.23  ? 7   ASN A CB  1 
ATOM   34   C CG  . ASN A 1 7   ? -2.666  -7.433  1.747   1.00 53.23  ? 7   ASN A CG  1 
ATOM   35   O OD1 . ASN A 1 7   ? -1.998  -6.401  1.665   1.00 47.85  ? 7   ASN A OD1 1 
ATOM   36   N ND2 . ASN A 1 7   ? -3.963  -7.474  1.453   1.00 57.24  ? 7   ASN A ND2 1 
ATOM   37   N N   . LYS A 1 8   ? 1.561   -8.020  2.346   1.00 44.71  ? 8   LYS A N   1 
ATOM   38   C CA  . LYS A 1 8   ? 2.632   -7.535  3.248   1.00 44.66  ? 8   LYS A CA  1 
ATOM   39   C C   . LYS A 1 8   ? 3.221   -6.242  2.702   1.00 46.33  ? 8   LYS A C   1 
ATOM   40   O O   . LYS A 1 8   ? 3.407   -6.146  1.504   1.00 44.22  ? 8   LYS A O   1 
ATOM   41   C CB  . LYS A 1 8   ? 3.732   -8.595  3.368   1.00 46.21  ? 8   LYS A CB  1 
ATOM   42   C CG  . LYS A 1 8   ? 4.802   -8.342  4.413   1.00 41.27  ? 8   LYS A CG  1 
ATOM   43   C CD  . LYS A 1 8   ? 5.041   -9.511  5.327   1.00 46.06  ? 8   LYS A CD  1 
ATOM   44   C CE  . LYS A 1 8   ? 4.492   -9.303  6.721   1.00 51.55  ? 8   LYS A CE  1 
ATOM   45   N NZ  . LYS A 1 8   ? 5.360   -8.439  7.558   1.00 53.46  ? 8   LYS A NZ  1 
ATOM   46   N N   . VAL A 1 9   ? 3.483   -5.292  3.586   1.00 42.86  ? 9   VAL A N   1 
ATOM   47   C CA  . VAL A 1 9   ? 4.097   -4.001  3.198   1.00 38.59  ? 9   VAL A CA  1 
ATOM   48   C C   . VAL A 1 9   ? 5.130   -3.682  4.270   1.00 39.29  ? 9   VAL A C   1 
ATOM   49   O O   . VAL A 1 9   ? 4.796   -3.773  5.433   1.00 40.19  ? 9   VAL A O   1 
ATOM   50   C CB  . VAL A 1 9   ? 3.044   -2.889  3.065   1.00 43.46  ? 9   VAL A CB  1 
ATOM   51   C CG1 . VAL A 1 9   ? 2.512   -2.459  4.408   1.00 46.75  ? 9   VAL A CG1 1 
ATOM   52   C CG2 . VAL A 1 9   ? 3.606   -1.690  2.341   1.00 48.83  ? 9   VAL A CG2 1 
ATOM   53   N N   . ILE A 1 10  ? 6.353   -3.379  3.861   1.00 39.85  ? 10  ILE A N   1 
ATOM   54   C CA  . ILE A 1 10  ? 7.448   -3.064  4.815   1.00 38.69  ? 10  ILE A CA  1 
ATOM   55   C C   . ILE A 1 10  ? 7.815   -1.604  4.605   1.00 45.05  ? 10  ILE A C   1 
ATOM   56   O O   . ILE A 1 10  ? 7.998   -1.227  3.466   1.00 48.56  ? 10  ILE A O   1 
ATOM   57   C CB  . ILE A 1 10  ? 8.649   -3.972  4.523   1.00 38.21  ? 10  ILE A CB  1 
ATOM   58   C CG1 . ILE A 1 10  ? 8.224   -5.430  4.406   1.00 41.10  ? 10  ILE A CG1 1 
ATOM   59   C CG2 . ILE A 1 10  ? 9.720   -3.801  5.566   1.00 36.90  ? 10  ILE A CG2 1 
ATOM   60   C CD1 . ILE A 1 10  ? 8.993   -6.349  5.291   1.00 38.78  ? 10  ILE A CD1 1 
ATOM   61   N N   . LEU A 1 11  ? 7.924   -0.828  5.676   1.00 44.97  ? 11  LEU A N   1 
ATOM   62   C CA  . LEU A 1 11  ? 8.268   0.602   5.526   1.00 46.11  ? 11  LEU A CA  1 
ATOM   63   C C   . LEU A 1 11  ? 9.313   1.010   6.553   1.00 48.18  ? 11  LEU A C   1 
ATOM   64   O O   . LEU A 1 11  ? 9.223   0.557   7.674   1.00 49.76  ? 11  LEU A O   1 
ATOM   65   C CB  . LEU A 1 11  ? 7.015   1.436   5.792   1.00 47.66  ? 11  LEU A CB  1 
ATOM   66   C CG  . LEU A 1 11  ? 5.810   1.185   4.898   1.00 45.24  ? 11  LEU A CG  1 
ATOM   67   C CD1 . LEU A 1 11  ? 4.613   1.930   5.426   1.00 41.62  ? 11  LEU A CD1 1 
ATOM   68   C CD2 . LEU A 1 11  ? 6.096   1.611   3.475   1.00 43.87  ? 11  LEU A CD2 1 
ATOM   69   N N   . VAL A 1 12  ? 10.291  1.793   6.125   1.00 47.91  ? 12  VAL A N   1 
ATOM   70   C CA  . VAL A 1 12  ? 11.234  2.456   7.008   1.00 50.86  ? 12  VAL A CA  1 
ATOM   71   C C   . VAL A 1 12  ? 11.227  3.907   6.604   1.00 51.51  ? 12  VAL A C   1 
ATOM   72   O O   . VAL A 1 12  ? 11.665  4.245   5.494   1.00 47.28  ? 12  VAL A O   1 
ATOM   73   C CB  . VAL A 1 12  ? 12.650  1.874   6.915   1.00 50.35  ? 12  VAL A CB  1 
ATOM   74   C CG1 . VAL A 1 12  ? 13.577  2.589   7.879   1.00 49.72  ? 12  VAL A CG1 1 
ATOM   75   C CG2 . VAL A 1 12  ? 12.615  0.415   7.234   1.00 49.52  ? 12  VAL A CG2 1 
ATOM   76   N N   . GLY A 1 13  ? 10.772  4.759   7.513   1.00 52.97  ? 13  GLY A N   1 
ATOM   77   C CA  . GLY A 1 13  ? 10.542  6.155   7.200   1.00 59.16  ? 13  GLY A CA  1 
ATOM   78   C C   . GLY A 1 13  ? 10.278  6.904   8.480   1.00 57.89  ? 13  GLY A C   1 
ATOM   79   O O   . GLY A 1 13  ? 10.234  6.327   9.570   1.00 54.14  ? 13  GLY A O   1 
ATOM   80   N N   . ASN A 1 14  ? 10.120  8.210   8.337   1.00 58.61  ? 14  ASN A N   1 
ATOM   81   C CA  . ASN A 1 14  ? 10.040  9.097   9.484   1.00 60.58  ? 14  ASN A CA  1 
ATOM   82   C C   . ASN A 1 14  ? 8.645   9.662   9.627   1.00 56.78  ? 14  ASN A C   1 
ATOM   83   O O   . ASN A 1 14  ? 8.000   9.993   8.633   1.00 57.34  ? 14  ASN A O   1 
ATOM   84   C CB  . ASN A 1 14  ? 11.034  10.235  9.346   1.00 63.99  ? 14  ASN A CB  1 
ATOM   85   C CG  . ASN A 1 14  ? 12.360  9.759   8.825   1.00 71.58  ? 14  ASN A CG  1 
ATOM   86   O OD1 . ASN A 1 14  ? 12.441  9.133   7.757   1.00 71.22  ? 14  ASN A OD1 1 
ATOM   87   N ND2 . ASN A 1 14  ? 13.411  10.004  9.602   1.00 73.12  ? 14  ASN A ND2 1 
ATOM   88   N N   . LEU A 1 15  ? 8.200   9.812   10.869  1.00 60.52  ? 15  LEU A N   1 
ATOM   89   C CA  . LEU A 1 15  ? 6.849   10.352  11.132  1.00 59.16  ? 15  LEU A CA  1 
ATOM   90   C C   . LEU A 1 15  ? 6.827   11.798  10.665  1.00 64.67  ? 15  LEU A C   1 
ATOM   91   O O   . LEU A 1 15  ? 7.625   12.575  11.161  1.00 68.72  ? 15  LEU A O   1 
ATOM   92   C CB  . LEU A 1 15  ? 6.556   10.283  12.631  1.00 61.00  ? 15  LEU A CB  1 
ATOM   93   C CG  . LEU A 1 15  ? 6.286   8.895   13.194  1.00 55.91  ? 15  LEU A CG  1 
ATOM   94   C CD1 . LEU A 1 15  ? 5.679   8.990   14.572  1.00 59.21  ? 15  LEU A CD1 1 
ATOM   95   C CD2 . LEU A 1 15  ? 5.370   8.115   12.284  1.00 59.33  ? 15  LEU A CD2 1 
ATOM   96   N N   . GLY A 1 16  ? 5.930   12.131  9.747   1.00 70.37  ? 16  GLY A N   1 
ATOM   97   C CA  . GLY A 1 16  ? 5.834   13.519  9.270   1.00 71.10  ? 16  GLY A CA  1 
ATOM   98   C C   . GLY A 1 16  ? 5.270   14.408  10.357  1.00 77.16  ? 16  GLY A C   1 
ATOM   99   O O   . GLY A 1 16  ? 5.669   15.571  10.433  1.00 82.36  ? 16  GLY A O   1 
ATOM   100  N N   . GLN A 1 17  ? 4.375   13.861  11.172  1.00 74.86  ? 17  GLN A N   1 
ATOM   101  C CA  . GLN A 1 17  ? 3.773   14.626  12.286  1.00 75.70  ? 17  GLN A CA  1 
ATOM   102  C C   . GLN A 1 17  ? 3.519   13.676  13.454  1.00 68.64  ? 17  GLN A C   1 
ATOM   103  O O   . GLN A 1 17  ? 3.576   12.477  13.260  1.00 69.61  ? 17  GLN A O   1 
ATOM   104  C CB  . GLN A 1 17  ? 2.486   15.300  11.819  1.00 80.96  ? 17  GLN A CB  1 
ATOM   105  C CG  . GLN A 1 17  ? 2.721   16.640  11.140  1.00 88.29  ? 17  GLN A CG  1 
ATOM   106  C CD  . GLN A 1 17  ? 3.165   17.700  12.115  1.00 93.52  ? 17  GLN A CD  1 
ATOM   107  O OE1 . GLN A 1 17  ? 3.052   17.542  13.326  1.00 93.68  ? 17  GLN A OE1 1 
ATOM   108  N NE2 . GLN A 1 17  ? 3.670   18.801  11.590  1.00 94.15  ? 17  GLN A NE2 1 
ATOM   109  N N   . ASP A 1 18  ? 3.145   14.205  14.612  1.00 67.48  ? 18  ASP A N   1 
ATOM   110  C CA  . ASP A 1 18  ? 2.919   13.363  15.814  1.00 64.16  ? 18  ASP A CA  1 
ATOM   111  C C   . ASP A 1 18  ? 1.806   12.350  15.575  1.00 58.08  ? 18  ASP A C   1 
ATOM   112  O O   . ASP A 1 18  ? 0.852   12.638  14.857  1.00 59.83  ? 18  ASP A O   1 
ATOM   113  C CB  . ASP A 1 18  ? 2.571   14.207  17.037  1.00 69.71  ? 18  ASP A CB  1 
ATOM   114  C CG  . ASP A 1 18  ? 3.755   14.478  17.937  1.00 70.11  ? 18  ASP A CG  1 
ATOM   115  O OD1 . ASP A 1 18  ? 4.882   14.453  17.437  1.00 69.03  ? 18  ASP A OD1 1 
ATOM   116  O OD2 . ASP A 1 18  ? 3.532   14.715  19.122  1.00 70.45  ? 18  ASP A OD2 1 
ATOM   117  N N   . PRO A 1 19  ? 1.842   11.194  16.249  1.00 56.90  ? 19  PRO A N   1 
ATOM   118  C CA  . PRO A 1 19  ? 0.819   10.191  16.061  1.00 60.90  ? 19  PRO A CA  1 
ATOM   119  C C   . PRO A 1 19  ? -0.467  10.662  16.740  1.00 60.38  ? 19  PRO A C   1 
ATOM   120  O O   . PRO A 1 19  ? -0.387  11.356  17.705  1.00 65.42  ? 19  PRO A O   1 
ATOM   121  C CB  . PRO A 1 19  ? 1.397   9.001   16.826  1.00 58.15  ? 19  PRO A CB  1 
ATOM   122  C CG  . PRO A 1 19  ? 2.194   9.639   17.906  1.00 58.40  ? 19  PRO A CG  1 
ATOM   123  C CD  . PRO A 1 19  ? 2.836   10.826  17.235  1.00 61.94  ? 19  PRO A CD  1 
ATOM   124  N N   . GLU A 1 20  ? -1.613  10.272  16.201  1.00 57.15  ? 20  GLU A N   1 
ATOM   125  C CA  . GLU A 1 20  ? -2.904  10.647  16.813  1.00 62.91  ? 20  GLU A CA  1 
ATOM   126  C C   . GLU A 1 20  ? -3.508  9.356   17.353  1.00 67.70  ? 20  GLU A C   1 
ATOM   127  O O   . GLU A 1 20  ? -3.859  8.504   16.544  1.00 72.87  ? 20  GLU A O   1 
ATOM   128  C CB  . GLU A 1 20  ? -3.802  11.282  15.755  1.00 67.94  ? 20  GLU A CB  1 
ATOM   129  C CG  . GLU A 1 20  ? -4.976  12.048  16.326  1.00 71.95  ? 20  GLU A CG  1 
ATOM   130  C CD  . GLU A 1 20  ? -6.325  11.465  15.946  1.00 77.34  ? 20  GLU A CD  1 
ATOM   131  O OE1 . GLU A 1 20  ? -6.553  11.266  14.746  1.00 73.30  ? 20  GLU A OE1 1 
ATOM   132  O OE2 . GLU A 1 20  ? -7.136  11.206  16.851  1.00 76.22  ? 20  GLU A OE2 1 
ATOM   133  N N   . VAL A 1 21  ? -3.606  9.217   18.672  1.00 63.29  ? 21  VAL A N   1 
ATOM   134  C CA  . VAL A 1 21  ? -4.150  7.954   19.236  1.00 65.29  ? 21  VAL A CA  1 
ATOM   135  C C   . VAL A 1 21  ? -5.543  8.204   19.810  1.00 66.94  ? 21  VAL A C   1 
ATOM   136  O O   . VAL A 1 21  ? -5.716  9.179   20.526  1.00 67.47  ? 21  VAL A O   1 
ATOM   137  C CB  . VAL A 1 21  ? -3.207  7.389   20.305  1.00 68.13  ? 21  VAL A CB  1 
ATOM   138  C CG1 . VAL A 1 21  ? -2.728  8.486   21.233  1.00 75.31  ? 21  VAL A CG1 1 
ATOM   139  C CG2 . VAL A 1 21  ? -3.861  6.272   21.093  1.00 66.76  ? 21  VAL A CG2 1 
ATOM   140  N N   . ARG A 1 22  ? -6.486  7.322   19.499  1.00 68.50  ? 22  ARG A N   1 
ATOM   141  C CA  . ARG A 1 22  ? -7.876  7.445   19.997  1.00 72.78  ? 22  ARG A CA  1 
ATOM   142  C C   . ARG A 1 22  ? -8.316  6.112   20.613  1.00 76.17  ? 22  ARG A C   1 
ATOM   143  O O   . ARG A 1 22  ? -7.503  5.188   20.657  1.00 74.18  ? 22  ARG A O   1 
ATOM   144  C CB  . ARG A 1 22  ? -8.795  7.906   18.862  1.00 75.28  ? 22  ARG A CB  1 
ATOM   145  C CG  . ARG A 1 22  ? -9.282  6.795   17.943  1.00 78.06  ? 22  ARG A CG  1 
ATOM   146  C CD  . ARG A 1 22  ? -10.191 7.292   16.836  1.00 77.68  ? 22  ARG A CD  1 
ATOM   147  N NE  . ARG A 1 22  ? -10.842 6.207   16.120  1.00 76.66  ? 22  ARG A NE  1 
ATOM   148  C CZ  . ARG A 1 22  ? -10.576 5.866   14.871  1.00 74.62  ? 22  ARG A CZ  1 
ATOM   149  N NH1 . ARG A 1 22  ? -9.662  6.526   14.186  1.00 72.50  ? 22  ARG A NH1 1 
ATOM   150  N NH2 . ARG A 1 22  ? -11.218 4.863   14.309  1.00 71.76  ? 22  ARG A NH2 1 
ATOM   151  N N   . TYR A 1 23  ? -9.562  6.040   21.088  1.00 80.39  ? 23  TYR A N   1 
ATOM   152  C CA  . TYR A 1 23  ? -10.126 4.820   21.719  1.00 72.28  ? 23  TYR A CA  1 
ATOM   153  C C   . TYR A 1 23  ? -11.593 4.684   21.303  1.00 76.85  ? 23  TYR A C   1 
ATOM   154  O O   . TYR A 1 23  ? -12.147 5.649   20.772  1.00 79.11  ? 23  TYR A O   1 
ATOM   155  C CB  . TYR A 1 23  ? -10.031 4.946   23.237  1.00 65.60  ? 23  TYR A CB  1 
ATOM   156  C CG  . TYR A 1 23  ? -8.637  4.858   23.799  1.00 72.93  ? 23  TYR A CG  1 
ATOM   157  C CD1 . TYR A 1 23  ? -7.855  5.982   23.978  1.00 67.45  ? 23  TYR A CD1 1 
ATOM   158  C CD2 . TYR A 1 23  ? -8.107  3.642   24.184  1.00 83.38  ? 23  TYR A CD2 1 
ATOM   159  C CE1 . TYR A 1 23  ? -6.580  5.894   24.508  1.00 73.32  ? 23  TYR A CE1 1 
ATOM   160  C CE2 . TYR A 1 23  ? -6.837  3.535   24.719  1.00 75.48  ? 23  TYR A CE2 1 
ATOM   161  C CZ  . TYR A 1 23  ? -6.071  4.667   24.882  1.00 75.04  ? 23  TYR A CZ  1 
ATOM   162  O OH  . TYR A 1 23  ? -4.820  4.548   25.400  1.00 74.79  ? 23  TYR A OH  1 
ATOM   163  N N   . MET A 1 24  ? -12.208 3.527   21.548  1.00 72.17  ? 24  MET A N   1 
ATOM   164  C CA  . MET A 1 24  ? -13.630 3.331   21.164  1.00 69.51  ? 24  MET A CA  1 
ATOM   165  C C   . MET A 1 24  ? -14.416 2.735   22.333  1.00 67.08  ? 24  MET A C   1 
ATOM   166  O O   . MET A 1 24  ? -15.344 1.962   22.046  1.00 65.61  ? 24  MET A O   1 
ATOM   167  C CB  . MET A 1 24  ? -13.740 2.393   19.962  1.00 73.55  ? 24  MET A CB  1 
ATOM   168  C CG  . MET A 1 24  ? -12.939 2.858   18.772  1.00 77.35  ? 24  MET A CG  1 
ATOM   169  S SD  . MET A 1 24  ? -12.315 1.489   17.785  1.00 98.85  ? 24  MET A SD  1 
ATOM   170  C CE  . MET A 1 24  ? -10.557 1.656   18.077  1.00 71.34  ? 24  MET A CE  1 
ATOM   171  N N   . GLY A 1 27  ? -13.447 -0.660  23.696  1.00 54.93  ? 27  GLY A N   1 
ATOM   172  C CA  . GLY A 1 27  ? -12.560 0.305   24.373  1.00 61.74  ? 27  GLY A CA  1 
ATOM   173  C C   . GLY A 1 27  ? -11.120 0.190   23.903  1.00 71.59  ? 27  GLY A C   1 
ATOM   174  O O   . GLY A 1 27  ? -10.236 0.741   24.574  1.00 69.33  ? 27  GLY A O   1 
ATOM   175  N N   . GLY A 1 28  ? -10.902 -0.483  22.768  1.00 70.51  ? 28  GLY A N   1 
ATOM   176  C CA  . GLY A 1 28  ? -9.559  -0.701  22.194  1.00 65.45  ? 28  GLY A CA  1 
ATOM   177  C C   . GLY A 1 28  ? -8.902  0.585   21.738  1.00 73.01  ? 28  GLY A C   1 
ATOM   178  O O   . GLY A 1 28  ? -9.614  1.519   21.390  1.00 79.45  ? 28  GLY A O   1 
ATOM   179  N N   . ALA A 1 29  ? -7.573  0.606   21.689  1.00 72.83  ? 29  ALA A N   1 
ATOM   180  C CA  . ALA A 1 29  ? -6.845  1.834   21.308  1.00 70.11  ? 29  ALA A CA  1 
ATOM   181  C C   . ALA A 1 29  ? -6.464  1.810   19.830  1.00 71.06  ? 29  ALA A C   1 
ATOM   182  O O   . ALA A 1 29  ? -6.142  0.752   19.331  1.00 73.41  ? 29  ALA A O   1 
ATOM   183  C CB  . ALA A 1 29  ? -5.623  1.955   22.172  1.00 68.86  ? 29  ALA A CB  1 
ATOM   184  N N   . VAL A 1 30  ? -6.518  2.963   19.166  1.00 72.65  ? 30  VAL A N   1 
ATOM   185  C CA  . VAL A 1 30  ? -6.126  3.077   17.734  1.00 64.93  ? 30  VAL A CA  1 
ATOM   186  C C   . VAL A 1 30  ? -5.142  4.231   17.625  1.00 67.00  ? 30  VAL A C   1 
ATOM   187  O O   . VAL A 1 30  ? -5.303  5.189   18.363  1.00 70.35  ? 30  VAL A O   1 
ATOM   188  C CB  . VAL A 1 30  ? -7.334  3.348   16.829  1.00 64.30  ? 30  VAL A CB  1 
ATOM   189  C CG1 . VAL A 1 30  ? -6.992  3.069   15.383  1.00 63.03  ? 30  VAL A CG1 1 
ATOM   190  C CG2 . VAL A 1 30  ? -8.550  2.554   17.255  1.00 68.68  ? 30  VAL A CG2 1 
ATOM   191  N N   . ALA A 1 31  ? -4.171  4.131   16.726  1.00 66.26  ? 31  ALA A N   1 
ATOM   192  C CA  . ALA A 1 31  ? -3.180  5.208   16.567  1.00 62.13  ? 31  ALA A CA  1 
ATOM   193  C C   . ALA A 1 31  ? -2.958  5.450   15.083  1.00 61.59  ? 31  ALA A C   1 
ATOM   194  O O   . ALA A 1 31  ? -2.721  4.497   14.373  1.00 62.77  ? 31  ALA A O   1 
ATOM   195  C CB  . ALA A 1 31  ? -1.901  4.803   17.227  1.00 62.61  ? 31  ALA A CB  1 
ATOM   196  N N   . ASN A 1 32  ? -3.050  6.698   14.648  1.00 62.73  ? 32  ASN A N   1 
ATOM   197  C CA  . ASN A 1 32  ? -2.825  7.002   13.218  1.00 56.67  ? 32  ASN A CA  1 
ATOM   198  C C   . ASN A 1 32  ? -1.535  7.792   13.099  1.00 57.20  ? 32  ASN A C   1 
ATOM   199  O O   . ASN A 1 32  ? -1.251  8.571   13.991  1.00 61.47  ? 32  ASN A O   1 
ATOM   200  C CB  . ASN A 1 32  ? -3.952  7.842   12.637  1.00 51.20  ? 32  ASN A CB  1 
ATOM   201  C CG  . ASN A 1 32  ? -5.221  7.051   12.479  1.00 53.82  ? 32  ASN A CG  1 
ATOM   202  O OD1 . ASN A 1 32  ? -5.906  6.787   13.452  1.00 56.15  ? 32  ASN A OD1 1 
ATOM   203  N ND2 . ASN A 1 32  ? -5.532  6.671   11.258  1.00 52.46  ? 32  ASN A ND2 1 
ATOM   204  N N   . LEU A 1 33  ? -0.782  7.562   12.039  1.00 50.86  ? 33  LEU A N   1 
ATOM   205  C CA  . LEU A 1 33  ? 0.458   8.344   11.850  1.00 53.90  ? 33  LEU A CA  1 
ATOM   206  C C   . LEU A 1 33  ? 0.814   8.358   10.373  1.00 56.05  ? 33  LEU A C   1 
ATOM   207  O O   . LEU A 1 33  ? 0.287   7.537   9.646   1.00 57.69  ? 33  LEU A O   1 
ATOM   208  C CB  . LEU A 1 33  ? 1.583   7.764   12.701  1.00 59.92  ? 33  LEU A CB  1 
ATOM   209  C CG  . LEU A 1 33  ? 1.785   6.260   12.612  1.00 60.87  ? 33  LEU A CG  1 
ATOM   210  C CD1 . LEU A 1 33  ? 3.101   5.960   11.927  1.00 61.56  ? 33  LEU A CD1 1 
ATOM   211  C CD2 . LEU A 1 33  ? 1.768   5.659   14.000  1.00 62.05  ? 33  LEU A CD2 1 
ATOM   212  N N   . THR A 1 34  ? 1.668   9.289   9.966   1.00 57.11  ? 34  THR A N   1 
ATOM   213  C CA  . THR A 1 34  ? 2.020   9.412   8.534   1.00 63.16  ? 34  THR A CA  1 
ATOM   214  C C   . THR A 1 34  ? 3.536   9.413   8.393   1.00 58.88  ? 34  THR A C   1 
ATOM   215  O O   . THR A 1 34  ? 4.152   10.271  8.993   1.00 61.92  ? 34  THR A O   1 
ATOM   216  C CB  . THR A 1 34  ? 1.430   10.704  7.958   1.00 67.65  ? 34  THR A CB  1 
ATOM   217  O OG1 . THR A 1 34  ? 0.156   10.928  8.557   1.00 74.64  ? 34  THR A OG1 1 
ATOM   218  C CG2 . THR A 1 34  ? 1.238   10.656  6.462   1.00 64.86  ? 34  THR A CG2 1 
ATOM   219  N N   . LEU A 1 35  ? 4.102   8.463   7.650   1.00 52.68  ? 35  LEU A N   1 
ATOM   220  C CA  . LEU A 1 35  ? 5.572   8.482   7.467   1.00 54.25  ? 35  LEU A CA  1 
ATOM   221  C C   . LEU A 1 35  ? 5.904   8.665   5.992   1.00 51.37  ? 35  LEU A C   1 
ATOM   222  O O   . LEU A 1 35  ? 5.048   8.414   5.163   1.00 51.26  ? 35  LEU A O   1 
ATOM   223  C CB  . LEU A 1 35  ? 6.256   7.264   8.084   1.00 58.77  ? 35  LEU A CB  1 
ATOM   224  C CG  . LEU A 1 35  ? 5.618   5.914   7.817   1.00 53.06  ? 35  LEU A CG  1 
ATOM   225  C CD1 . LEU A 1 35  ? 6.696   4.870   7.645   1.00 53.27  ? 35  LEU A CD1 1 
ATOM   226  C CD2 . LEU A 1 35  ? 4.716   5.537   8.967   1.00 51.93  ? 35  LEU A CD2 1 
ATOM   227  N N   . ALA A 1 36  ? 7.157   9.009   5.732   1.00 49.03  ? 36  ALA A N   1 
ATOM   228  C CA  . ALA A 1 36  ? 7.648   9.414   4.439   1.00 48.45  ? 36  ALA A CA  1 
ATOM   229  C C   . ALA A 1 36  ? 8.821   8.542   4.013   1.00 51.99  ? 36  ALA A C   1 
ATOM   230  O O   . ALA A 1 36  ? 9.704   8.195   4.813   1.00 51.02  ? 36  ALA A O   1 
ATOM   231  C CB  . ALA A 1 36  ? 8.044   10.890  4.472   1.00 56.22  ? 36  ALA A CB  1 
ATOM   232  N N   . THR A 1 37  ? 8.798   8.184   2.740   1.00 49.96  ? 37  THR A N   1 
ATOM   233  C CA  . THR A 1 37  ? 9.903   7.538   2.064   1.00 48.62  ? 37  THR A CA  1 
ATOM   234  C C   . THR A 1 37  ? 10.310  8.431   0.906   1.00 55.03  ? 37  THR A C   1 
ATOM   235  O O   . THR A 1 37  ? 9.453   8.890   0.148   1.00 61.22  ? 37  THR A O   1 
ATOM   236  C CB  . THR A 1 37  ? 9.485   6.159   1.582   1.00 49.21  ? 37  THR A CB  1 
ATOM   237  O OG1 . THR A 1 37  ? 8.609   6.281   0.455   1.00 46.09  ? 37  THR A OG1 1 
ATOM   238  C CG2 . THR A 1 37  ? 8.753   5.458   2.693   1.00 49.71  ? 37  THR A CG2 1 
ATOM   239  N N   . SER A 1 38  ? 11.597  8.735   0.815   1.00 60.57  ? 38  SER A N   1 
ATOM   240  C CA  . SER A 1 38  ? 12.138  9.600   -0.219  1.00 58.88  ? 38  SER A CA  1 
ATOM   241  C C   . SER A 1 38  ? 13.019  8.824   -1.183  1.00 67.00  ? 38  SER A C   1 
ATOM   242  O O   . SER A 1 38  ? 13.512  7.728   -0.896  1.00 66.57  ? 38  SER A O   1 
ATOM   243  C CB  . SER A 1 38  ? 12.970  10.726  0.385   1.00 62.79  ? 38  SER A CB  1 
ATOM   244  O OG  . SER A 1 38  ? 12.353  11.214  1.554   1.00 65.81  ? 38  SER A OG  1 
ATOM   245  N N   . GLU A 1 39  ? 13.252  9.459   -2.319  1.00 69.42  ? 39  GLU A N   1 
ATOM   246  C CA  . GLU A 1 39  ? 14.072  8.944   -3.398  1.00 72.18  ? 39  GLU A CA  1 
ATOM   247  C C   . GLU A 1 39  ? 14.658  10.183  -4.046  1.00 76.07  ? 39  GLU A C   1 
ATOM   248  O O   . GLU A 1 39  ? 14.151  11.295  -3.853  1.00 75.43  ? 39  GLU A O   1 
ATOM   249  C CB  . GLU A 1 39  ? 13.272  8.094   -4.396  1.00 70.58  ? 39  GLU A CB  1 
ATOM   250  C CG  . GLU A 1 39  ? 12.637  6.859   -3.768  1.00 75.35  ? 39  GLU A CG  1 
ATOM   251  C CD  . GLU A 1 39  ? 12.709  5.621   -4.638  1.00 76.56  ? 39  GLU A CD  1 
ATOM   252  O OE1 . GLU A 1 39  ? 12.889  5.770   -5.865  1.00 75.54  ? 39  GLU A OE1 1 
ATOM   253  O OE2 . GLU A 1 39  ? 12.581  4.499   -4.089  1.00 77.14  ? 39  GLU A OE2 1 
ATOM   254  N N   . SER A 1 40  ? 15.803  10.060  -4.708  1.00 76.64  ? 40  SER A N   1 
ATOM   255  C CA  . SER A 1 40  ? 16.395  11.311  -5.235  1.00 82.76  ? 40  SER A CA  1 
ATOM   256  C C   . SER A 1 40  ? 16.606  11.251  -6.744  1.00 91.47  ? 40  SER A C   1 
ATOM   257  O O   . SER A 1 40  ? 17.038  10.205  -7.241  1.00 90.56  ? 40  SER A O   1 
ATOM   258  C CB  . SER A 1 40  ? 17.646  11.682  -4.507  1.00 79.83  ? 40  SER A CB  1 
ATOM   259  O OG  . SER A 1 40  ? 17.356  12.588  -3.458  1.00 75.35  ? 40  SER A OG  1 
ATOM   260  N N   . TRP A 1 41  ? 16.284  12.358  -7.413  1.00 95.85  ? 41  TRP A N   1 
ATOM   261  C CA  . TRP A 1 41  ? 16.451  12.497  -8.880  1.00 103.18 ? 41  TRP A CA  1 
ATOM   262  C C   . TRP A 1 41  ? 17.441  13.634  -9.144  1.00 109.41 ? 41  TRP A C   1 
ATOM   263  O O   . TRP A 1 41  ? 17.493  14.570  -8.330  1.00 104.65 ? 41  TRP A O   1 
ATOM   264  C CB  . TRP A 1 41  ? 15.099  12.727  -9.565  1.00 98.31  ? 41  TRP A CB  1 
ATOM   265  C CG  . TRP A 1 41  ? 14.417  11.458  -9.971  1.00 100.10 ? 41  TRP A CG  1 
ATOM   266  C CD1 . TRP A 1 41  ? 14.576  10.226  -9.411  1.00 96.02  ? 41  TRP A CD1 1 
ATOM   267  C CD2 . TRP A 1 41  ? 13.470  11.290  -11.042 1.00 103.17 ? 41  TRP A CD2 1 
ATOM   268  N NE1 . TRP A 1 41  ? 13.798  9.306   -10.057 1.00 98.69  ? 41  TRP A NE1 1 
ATOM   269  C CE2 . TRP A 1 41  ? 13.111  9.928   -11.062 1.00 98.96  ? 41  TRP A CE2 1 
ATOM   270  C CE3 . TRP A 1 41  ? 12.895  12.153  -11.981 1.00 98.19  ? 41  TRP A CE3 1 
ATOM   271  C CZ2 . TRP A 1 41  ? 12.197  9.416   -11.979 1.00 99.63  ? 41  TRP A CZ2 1 
ATOM   272  C CZ3 . TRP A 1 41  ? 11.997  11.646  -12.892 1.00 88.84  ? 41  TRP A CZ3 1 
ATOM   273  C CH2 . TRP A 1 41  ? 11.654  10.296  -12.886 1.00 96.48  ? 41  TRP A CH2 1 
ATOM   274  N N   . ARG A 1 42  ? 18.182  13.528  -10.252 1.00 115.34 ? 42  ARG A N   1 
ATOM   275  C CA  . ARG A 1 42  ? 19.217  14.500  -10.703 1.00 112.55 ? 42  ARG A CA  1 
ATOM   276  C C   . ARG A 1 42  ? 18.984  14.789  -12.191 1.00 112.99 ? 42  ARG A C   1 
ATOM   277  O O   . ARG A 1 42  ? 19.191  13.871  -12.991 1.00 118.31 ? 42  ARG A O   1 
ATOM   278  C CB  . ARG A 1 42  ? 20.599  13.872  -10.505 1.00 106.69 ? 42  ARG A CB  1 
ATOM   279  C CG  . ARG A 1 42  ? 20.576  12.512  -9.816  1.00 105.34 ? 42  ARG A CG  1 
ATOM   280  C CD  . ARG A 1 42  ? 19.856  11.413  -10.576 1.00 104.07 ? 42  ARG A CD  1 
ATOM   281  N NE  . ARG A 1 42  ? 19.421  11.915  -11.871 1.00 100.75 ? 42  ARG A NE  1 
ATOM   282  C CZ  . ARG A 1 42  ? 18.738  11.219  -12.771 1.00 92.23  ? 42  ARG A CZ  1 
ATOM   283  N NH1 . ARG A 1 42  ? 18.383  9.972   -12.521 1.00 93.46  ? 42  ARG A NH1 1 
ATOM   284  N NH2 . ARG A 1 42  ? 18.413  11.777  -13.922 1.00 84.92  ? 42  ARG A NH2 1 
ATOM   285  N N   . ASP A 1 43  ? 18.594  16.019  -12.546 1.00 30.00  ? 43  ASP A N   1 
ATOM   286  C CA  . ASP A 1 43  ? 18.264  16.340  -13.962 1.00 30.00  ? 43  ASP A CA  1 
ATOM   287  C C   . ASP A 1 43  ? 19.526  16.560  -14.800 1.00 30.00  ? 43  ASP A C   1 
ATOM   288  O O   . ASP A 1 43  ? 19.377  16.536  -16.042 1.00 30.00  ? 43  ASP A O   1 
ATOM   289  C CB  . ASP A 1 43  ? 17.293  17.514  -14.065 1.00 30.00  ? 43  ASP A CB  1 
ATOM   290  C CG  . ASP A 1 43  ? 15.995  17.148  -14.766 1.00 30.00  ? 43  ASP A CG  1 
ATOM   291  O OD1 . ASP A 1 43  ? 15.829  15.961  -15.115 1.00 30.00  ? 43  ASP A OD1 1 
ATOM   292  O OD2 . ASP A 1 43  ? 15.155  18.054  -14.942 1.00 30.00  ? 43  ASP A OD2 1 
ATOM   293  N N   . MET A 1 49  ? 19.096  19.014  -7.719  1.00 108.67 ? 49  MET A N   1 
ATOM   294  C CA  . MET A 1 49  ? 18.623  17.873  -6.895  1.00 106.39 ? 49  MET A CA  1 
ATOM   295  C C   . MET A 1 49  ? 17.102  17.913  -6.750  1.00 105.12 ? 49  MET A C   1 
ATOM   296  O O   . MET A 1 49  ? 16.598  18.889  -6.176  1.00 102.20 ? 49  MET A O   1 
ATOM   297  C CB  . MET A 1 49  ? 19.257  17.915  -5.504  1.00 106.57 ? 49  MET A CB  1 
ATOM   298  C CG  . MET A 1 49  ? 19.885  16.598  -5.091  1.00 100.87 ? 49  MET A CG  1 
ATOM   299  S SD  . MET A 1 49  ? 20.853  15.873  -6.424  1.00 93.99  ? 49  MET A SD  1 
ATOM   300  C CE  . MET A 1 49  ? 20.121  14.243  -6.508  1.00 96.20  ? 49  MET A CE  1 
ATOM   301  N N   . LYS A 1 50  ? 16.422  16.865  -7.229  1.00 102.73 ? 50  LYS A N   1 
ATOM   302  C CA  . LYS A 1 50  ? 14.943  16.766  -7.162  1.00 97.18  ? 50  LYS A CA  1 
ATOM   303  C C   . LYS A 1 50  ? 14.562  15.513  -6.370  1.00 93.53  ? 50  LYS A C   1 
ATOM   304  O O   . LYS A 1 50  ? 14.849  14.411  -6.843  1.00 90.95  ? 50  LYS A O   1 
ATOM   305  C CB  . LYS A 1 50  ? 14.357  16.676  -8.571  1.00 101.74 ? 50  LYS A CB  1 
ATOM   306  C CG  . LYS A 1 50  ? 13.895  17.992  -9.186  1.00 107.61 ? 50  LYS A CG  1 
ATOM   307  C CD  . LYS A 1 50  ? 13.905  17.990  -10.706 1.00 101.74 ? 50  LYS A CD  1 
ATOM   308  C CE  . LYS A 1 50  ? 14.175  19.350  -11.313 1.00 94.70  ? 50  LYS A CE  1 
ATOM   309  N NZ  . LYS A 1 50  ? 15.048  19.272  -12.506 1.00 92.81  ? 50  LYS A NZ  1 
ATOM   310  N N   . GLU A 1 51  ? 13.933  15.697  -5.211  1.00 91.43  ? 51  GLU A N   1 
ATOM   311  C CA  . GLU A 1 51  ? 13.501  14.576  -4.339  1.00 85.49  ? 51  GLU A CA  1 
ATOM   312  C C   . GLU A 1 51  ? 12.089  14.148  -4.726  1.00 82.55  ? 51  GLU A C   1 
ATOM   313  O O   . GLU A 1 51  ? 11.523  14.720  -5.642  1.00 87.76  ? 51  GLU A O   1 
ATOM   314  C CB  . GLU A 1 51  ? 13.373  15.078  -2.903  1.00 81.90  ? 51  GLU A CB  1 
ATOM   315  C CG  . GLU A 1 51  ? 14.407  14.512  -1.948  1.00 91.04  ? 51  GLU A CG  1 
ATOM   316  C CD  . GLU A 1 51  ? 14.276  15.029  -0.525  1.00 96.69  ? 51  GLU A CD  1 
ATOM   317  O OE1 . GLU A 1 51  ? 13.312  15.775  -0.254  1.00 98.71  ? 51  GLU A OE1 1 
ATOM   318  O OE2 . GLU A 1 51  ? 15.132  14.685  0.308   1.00 98.95  ? 51  GLU A OE2 1 
ATOM   319  N N   . GLN A 1 52  ? 11.559  13.158  -4.027  1.00 79.10  ? 52  GLN A N   1 
ATOM   320  C CA  . GLN A 1 52  ? 10.160  12.724  -4.228  1.00 71.87  ? 52  GLN A CA  1 
ATOM   321  C C   . GLN A 1 52  ? 9.758   11.961  -2.975  1.00 72.50  ? 52  GLN A C   1 
ATOM   322  O O   . GLN A 1 52  ? 10.143  10.804  -2.845  1.00 72.00  ? 52  GLN A O   1 
ATOM   323  C CB  . GLN A 1 52  ? 9.976   11.884  -5.485  1.00 71.31  ? 52  GLN A CB  1 
ATOM   324  C CG  . GLN A 1 52  ? 8.543   11.403  -5.640  1.00 74.24  ? 52  GLN A CG  1 
ATOM   325  C CD  . GLN A 1 52  ? 8.384   10.435  -6.784  1.00 74.73  ? 52  GLN A CD  1 
ATOM   326  O OE1 . GLN A 1 52  ? 7.273   10.110  -7.187  1.00 79.62  ? 52  GLN A OE1 1 
ATOM   327  N NE2 . GLN A 1 52  ? 9.501   9.965   -7.318  1.00 69.16  ? 52  GLN A NE2 1 
ATOM   328  N N   . THR A 1 53  ? 9.055   12.645  -2.079  1.00 68.70  ? 53  THR A N   1 
ATOM   329  C CA  . THR A 1 53  ? 8.602   12.055  -0.803  1.00 57.98  ? 53  THR A CA  1 
ATOM   330  C C   . THR A 1 53  ? 7.269   11.350  -1.023  1.00 55.09  ? 53  THR A C   1 
ATOM   331  O O   . THR A 1 53  ? 6.461   11.857  -1.788  1.00 63.20  ? 53  THR A O   1 
ATOM   332  C CB  . THR A 1 53  ? 8.479   13.149  0.251   1.00 52.33  ? 53  THR A CB  1 
ATOM   333  O OG1 . THR A 1 53  ? 9.762   13.760  0.315   1.00 55.83  ? 53  THR A OG1 1 
ATOM   334  C CG2 . THR A 1 53  ? 8.096   12.603  1.601   1.00 50.27  ? 53  THR A CG2 1 
ATOM   335  N N   . GLU A 1 54  ? 7.089   10.194  -0.403  1.00 47.61  ? 54  GLU A N   1 
ATOM   336  C CA  . GLU A 1 54  ? 5.821   9.454   -0.530  1.00 44.39  ? 54  GLU A CA  1 
ATOM   337  C C   . GLU A 1 54  ? 5.190   9.466   0.850   1.00 47.82  ? 54  GLU A C   1 
ATOM   338  O O   . GLU A 1 54  ? 5.921   9.303   1.799   1.00 53.35  ? 54  GLU A O   1 
ATOM   339  C CB  . GLU A 1 54  ? 6.098   8.036   -0.999  1.00 42.57  ? 54  GLU A CB  1 
ATOM   340  C CG  . GLU A 1 54  ? 4.847   7.284   -1.353  1.00 48.29  ? 54  GLU A CG  1 
ATOM   341  C CD  . GLU A 1 54  ? 4.157   7.788   -2.595  1.00 55.31  ? 54  GLU A CD  1 
ATOM   342  O OE1 . GLU A 1 54  ? 4.835   8.039   -3.582  1.00 53.68  ? 54  GLU A OE1 1 
ATOM   343  O OE2 . GLU A 1 54  ? 2.946   7.916   -2.560  1.00 54.75  ? 54  GLU A OE2 1 
ATOM   344  N N   . TRP A 1 55  ? 3.897   9.738   0.945   1.00 51.44  ? 55  TRP A N   1 
ATOM   345  C CA  . TRP A 1 55  ? 3.251   9.767   2.277   1.00 46.69  ? 55  TRP A CA  1 
ATOM   346  C C   . TRP A 1 55  ? 2.436   8.498   2.447   1.00 50.39  ? 55  TRP A C   1 
ATOM   347  O O   . TRP A 1 55  ? 1.764   8.094   1.512   1.00 53.22  ? 55  TRP A O   1 
ATOM   348  C CB  . TRP A 1 55  ? 2.496   11.070  2.504   1.00 45.73  ? 55  TRP A CB  1 
ATOM   349  C CG  . TRP A 1 55  ? 3.475   12.190  2.571   1.00 43.02  ? 55  TRP A CG  1 
ATOM   350  C CD1 . TRP A 1 55  ? 3.996   12.881  1.525   1.00 47.49  ? 55  TRP A CD1 1 
ATOM   351  C CD2 . TRP A 1 55  ? 4.126   12.688  3.744   1.00 48.10  ? 55  TRP A CD2 1 
ATOM   352  N NE1 . TRP A 1 55  ? 4.896   13.804  1.969   1.00 49.03  ? 55  TRP A NE1 1 
ATOM   353  C CE2 . TRP A 1 55  ? 4.995   13.709  3.326   1.00 45.65  ? 55  TRP A CE2 1 
ATOM   354  C CE3 . TRP A 1 55  ? 4.041   12.393  5.102   1.00 58.15  ? 55  TRP A CE3 1 
ATOM   355  C CZ2 . TRP A 1 55  ? 5.777   14.429  4.219   1.00 51.39  ? 55  TRP A CZ2 1 
ATOM   356  C CZ3 . TRP A 1 55  ? 4.812   13.105  5.987   1.00 59.24  ? 55  TRP A CZ3 1 
ATOM   357  C CH2 . TRP A 1 55  ? 5.669   14.108  5.548   1.00 58.10  ? 55  TRP A CH2 1 
ATOM   358  N N   . HIS A 1 56  ? 2.512   7.927   3.637   1.00 50.33  ? 56  HIS A N   1 
ATOM   359  C CA  . HIS A 1 56  ? 1.983   6.598   3.891   1.00 46.71  ? 56  HIS A CA  1 
ATOM   360  C C   . HIS A 1 56  ? 1.013   6.707   5.049   1.00 48.71  ? 56  HIS A C   1 
ATOM   361  O O   . HIS A 1 56  ? 1.425   6.970   6.183   1.00 49.55  ? 56  HIS A O   1 
ATOM   362  C CB  . HIS A 1 56  ? 3.111   5.634   4.241   1.00 42.52  ? 56  HIS A CB  1 
ATOM   363  C CG  . HIS A 1 56  ? 4.099   5.407   3.141   1.00 36.39  ? 56  HIS A CG  1 
ATOM   364  N ND1 . HIS A 1 56  ? 3.900   4.472   2.150   1.00 36.84  ? 56  HIS A ND1 1 
ATOM   365  C CD2 . HIS A 1 56  ? 5.325   5.934   2.918   1.00 38.91  ? 56  HIS A CD2 1 
ATOM   366  C CE1 . HIS A 1 56  ? 4.944   4.460   1.340   1.00 34.67  ? 56  HIS A CE1 1 
ATOM   367  N NE2 . HIS A 1 56  ? 5.823   5.338   1.781   1.00 33.17  ? 56  HIS A NE2 1 
ATOM   368  N N   . ARG A 1 57  ? -0.262  6.486   4.779   1.00 50.92  ? 57  ARG A N   1 
ATOM   369  C CA  . ARG A 1 57  ? -1.245  6.515   5.849   1.00 50.85  ? 57  ARG A CA  1 
ATOM   370  C C   . ARG A 1 57  ? -1.156  5.203   6.619   1.00 50.84  ? 57  ARG A C   1 
ATOM   371  O O   . ARG A 1 57  ? -1.435  4.137   6.062   1.00 54.00  ? 57  ARG A O   1 
ATOM   372  C CB  . ARG A 1 57  ? -2.635  6.750   5.262   1.00 52.86  ? 57  ARG A CB  1 
ATOM   373  C CG  . ARG A 1 57  ? -2.920  8.242   5.040   1.00 60.38  ? 57  ARG A CG  1 
ATOM   374  C CD  . ARG A 1 57  ? -3.967  8.562   3.953   1.00 55.39  ? 57  ARG A CD  1 
ATOM   375  N NE  . ARG A 1 57  ? -3.797  7.762   2.741   1.00 61.78  ? 57  ARG A NE  1 
ATOM   376  C CZ  . ARG A 1 57  ? -2.813  7.892   1.853   1.00 63.45  ? 57  ARG A CZ  1 
ATOM   377  N NH1 . ARG A 1 57  ? -1.875  8.823   1.978   1.00 58.95  ? 57  ARG A NH1 1 
ATOM   378  N NH2 . ARG A 1 57  ? -2.770  7.065   0.807   1.00 57.26  ? 57  ARG A NH2 1 
ATOM   379  N N   . VAL A 1 58  ? -0.769  5.272   7.894   1.00 50.55  ? 58  VAL A N   1 
ATOM   380  C CA  . VAL A 1 58  ? -0.516  4.091   8.720   1.00 50.05  ? 58  VAL A CA  1 
ATOM   381  C C   . VAL A 1 58  ? -1.423  4.090   9.931   1.00 52.76  ? 58  VAL A C   1 
ATOM   382  O O   . VAL A 1 58  ? -1.615  5.128   10.574  1.00 61.53  ? 58  VAL A O   1 
ATOM   383  C CB  . VAL A 1 58  ? 0.939   4.030   9.203   1.00 47.92  ? 58  VAL A CB  1 
ATOM   384  C CG1 . VAL A 1 58  ? 1.150   2.773   9.971   1.00 46.44  ? 58  VAL A CG1 1 
ATOM   385  C CG2 . VAL A 1 58  ? 1.872   4.085   8.030   1.00 50.96  ? 58  VAL A CG2 1 
ATOM   386  N N   . VAL A 1 59  ? -1.917  2.915   10.296  1.00 48.83  ? 59  VAL A N   1 
ATOM   387  C CA  . VAL A 1 59  ? -2.830  2.810   11.420  1.00 50.61  ? 59  VAL A CA  1 
ATOM   388  C C   . VAL A 1 59  ? -2.567  1.508   12.171  1.00 55.67  ? 59  VAL A C   1 
ATOM   389  O O   . VAL A 1 59  ? -2.424  0.445   11.558  1.00 53.45  ? 59  VAL A O   1 
ATOM   390  C CB  . VAL A 1 59  ? -4.286  2.915   10.947  1.00 47.61  ? 59  VAL A CB  1 
ATOM   391  C CG1 . VAL A 1 59  ? -4.613  1.782   9.991   1.00 53.64  ? 59  VAL A CG1 1 
ATOM   392  C CG2 . VAL A 1 59  ? -5.199  2.923   12.128  1.00 57.53  ? 59  VAL A CG2 1 
ATOM   393  N N   . MET A 1 60  ? -2.473  1.607   13.499  1.00 55.15  ? 60  MET A N   1 
ATOM   394  C CA  . MET A 1 60  ? -2.125  0.507   14.376  1.00 52.43  ? 60  MET A CA  1 
ATOM   395  C C   . MET A 1 60  ? -3.184  0.334   15.448  1.00 58.43  ? 60  MET A C   1 
ATOM   396  O O   . MET A 1 60  ? -3.999  1.224   15.688  1.00 62.72  ? 60  MET A O   1 
ATOM   397  C CB  . MET A 1 60  ? -0.794  0.772   15.036  1.00 51.27  ? 60  MET A CB  1 
ATOM   398  C CG  . MET A 1 60  ? 0.227   1.189   14.025  1.00 53.16  ? 60  MET A CG  1 
ATOM   399  S SD  . MET A 1 60  ? 1.831   1.559   14.739  1.00 57.41  ? 60  MET A SD  1 
ATOM   400  C CE  . MET A 1 60  ? 1.533   3.221   15.269  1.00 58.45  ? 60  MET A CE  1 
ATOM   401  N N   . PHE A 1 61  ? -3.131  -0.807  16.128  1.00 60.35  ? 61  PHE A N   1 
ATOM   402  C CA  . PHE A 1 61  ? -4.146  -1.153  17.108  1.00 61.72  ? 61  PHE A CA  1 
ATOM   403  C C   . PHE A 1 61  ? -3.504  -1.761  18.347  1.00 70.81  ? 61  PHE A C   1 
ATOM   404  O O   . PHE A 1 61  ? -2.366  -2.242  18.317  1.00 76.30  ? 61  PHE A O   1 
ATOM   405  C CB  . PHE A 1 61  ? -5.168  -2.105  16.508  1.00 55.92  ? 61  PHE A CB  1 
ATOM   406  C CG  . PHE A 1 61  ? -5.742  -1.605  15.221  1.00 62.92  ? 61  PHE A CG  1 
ATOM   407  C CD1 . PHE A 1 61  ? -6.748  -0.659  15.223  1.00 61.99  ? 61  PHE A CD1 1 
ATOM   408  C CD2 . PHE A 1 61  ? -5.259  -2.052  14.003  1.00 67.00  ? 61  PHE A CD2 1 
ATOM   409  C CE1 . PHE A 1 61  ? -7.283  -0.188  14.032  1.00 58.97  ? 61  PHE A CE1 1 
ATOM   410  C CE2 . PHE A 1 61  ? -5.792  -1.575  12.804  1.00 62.62  ? 61  PHE A CE2 1 
ATOM   411  C CZ  . PHE A 1 61  ? -6.803  -0.644  12.824  1.00 55.47  ? 61  PHE A CZ  1 
ATOM   412  N N   . GLY A 1 62  ? -4.281  -1.774  19.425  1.00 71.03  ? 62  GLY A N   1 
ATOM   413  C CA  . GLY A 1 62  ? -3.880  -2.371  20.709  1.00 73.92  ? 62  GLY A CA  1 
ATOM   414  C C   . GLY A 1 62  ? -2.610  -1.786  21.287  1.00 77.09  ? 62  GLY A C   1 
ATOM   415  O O   . GLY A 1 62  ? -2.378  -0.585  21.122  1.00 74.25  ? 62  GLY A O   1 
ATOM   416  N N   . LYS A 1 63  ? -1.831  -2.631  21.964  1.00 79.19  ? 63  LYS A N   1 
ATOM   417  C CA  . LYS A 1 63  ? -0.581  -2.198  22.629  1.00 75.80  ? 63  LYS A CA  1 
ATOM   418  C C   . LYS A 1 63  ? 0.275   -1.436  21.623  1.00 73.60  ? 63  LYS A C   1 
ATOM   419  O O   . LYS A 1 63  ? 0.762   -0.359  21.999  1.00 72.46  ? 63  LYS A O   1 
ATOM   420  C CB  . LYS A 1 63  ? 0.153   -3.398  23.232  1.00 82.54  ? 63  LYS A CB  1 
ATOM   421  C CG  . LYS A 1 63  ? 1.355   -3.059  24.108  1.00 84.08  ? 63  LYS A CG  1 
ATOM   422  C CD  . LYS A 1 63  ? 1.135   -3.276  25.591  1.00 76.44  ? 63  LYS A CD  1 
ATOM   423  C CE  . LYS A 1 63  ? 1.026   -1.991  26.381  1.00 77.50  ? 63  LYS A CE  1 
ATOM   424  N NZ  . LYS A 1 63  ? 2.355   -1.465  26.769  1.00 83.75  ? 63  LYS A NZ  1 
ATOM   425  N N   . LEU A 1 64  ? 0.424   -1.982  20.410  1.00 73.26  ? 64  LEU A N   1 
ATOM   426  C CA  . LEU A 1 64  ? 1.226   -1.335  19.377  1.00 67.99  ? 64  LEU A CA  1 
ATOM   427  C C   . LEU A 1 64  ? 0.789   0.118   19.222  1.00 71.91  ? 64  LEU A C   1 
ATOM   428  O O   . LEU A 1 64  ? 1.617   1.039   19.224  1.00 69.55  ? 64  LEU A O   1 
ATOM   429  C CB  . LEU A 1 64  ? 1.101   -2.088  18.053  1.00 62.98  ? 64  LEU A CB  1 
ATOM   430  C CG  . LEU A 1 64  ? 2.056   -3.254  17.834  1.00 64.84  ? 64  LEU A CG  1 
ATOM   431  C CD1 . LEU A 1 64  ? 1.522   -4.198  16.764  1.00 67.38  ? 64  LEU A CD1 1 
ATOM   432  C CD2 . LEU A 1 64  ? 3.441   -2.740  17.466  1.00 58.78  ? 64  LEU A CD2 1 
ATOM   433  N N   . ALA A 1 65  ? -0.519  0.343   19.088  1.00 70.08  ? 65  ALA A N   1 
ATOM   434  C CA  . ALA A 1 65  ? -1.029  1.706   19.141  1.00 69.38  ? 65  ALA A CA  1 
ATOM   435  C C   . ALA A 1 65  ? -0.582  2.362   20.438  1.00 70.70  ? 65  ALA A C   1 
ATOM   436  O O   . ALA A 1 65  ? -0.021  3.466   20.439  1.00 71.21  ? 65  ALA A O   1 
ATOM   437  C CB  . ALA A 1 65  ? -2.557  1.715   19.010  1.00 70.21  ? 65  ALA A CB  1 
ATOM   438  N N   . GLU A 1 66  ? -0.811  1.662   21.557  1.00 71.92  ? 66  GLU A N   1 
ATOM   439  C CA  . GLU A 1 66  ? -0.543  2.206   22.885  1.00 70.06  ? 66  GLU A CA  1 
ATOM   440  C C   . GLU A 1 66  ? 0.920   2.596   23.053  1.00 68.77  ? 66  GLU A C   1 
ATOM   441  O O   . GLU A 1 66  ? 1.224   3.653   23.617  1.00 69.95  ? 66  GLU A O   1 
ATOM   442  C CB  . GLU A 1 66  ? -0.915  1.153   23.930  1.00 73.86  ? 66  GLU A CB  1 
ATOM   443  C CG  . GLU A 1 66  ? -1.825  1.581   25.059  1.00 78.26  ? 66  GLU A CG  1 
ATOM   444  C CD  . GLU A 1 66  ? -2.232  0.398   25.934  1.00 81.92  ? 66  GLU A CD  1 
ATOM   445  O OE1 . GLU A 1 66  ? -3.412  -0.010  25.857  1.00 81.18  ? 66  GLU A OE1 1 
ATOM   446  O OE2 . GLU A 1 66  ? -1.367  -0.130  26.681  1.00 81.75  ? 66  GLU A OE2 1 
ATOM   447  N N   . VAL A 1 67  ? 1.841   1.778   22.534  1.00 65.87  ? 67  VAL A N   1 
ATOM   448  C CA  . VAL A 1 67  ? 3.260   2.117   22.605  1.00 65.66  ? 67  VAL A CA  1 
ATOM   449  C C   . VAL A 1 67  ? 3.565   3.343   21.757  1.00 70.87  ? 67  VAL A C   1 
ATOM   450  O O   . VAL A 1 67  ? 4.335   4.223   22.166  1.00 70.10  ? 67  VAL A O   1 
ATOM   451  C CB  . VAL A 1 67  ? 4.116   0.914   22.191  1.00 63.99  ? 67  VAL A CB  1 
ATOM   452  C CG1 . VAL A 1 67  ? 5.596   1.237   22.345  1.00 63.76  ? 67  VAL A CG1 1 
ATOM   453  C CG2 . VAL A 1 67  ? 3.752   -0.268  23.048  1.00 69.54  ? 67  VAL A CG2 1 
ATOM   454  N N   . ALA A 1 68  ? 2.980   3.410   20.557  1.00 72.37  ? 68  ALA A N   1 
ATOM   455  C CA  . ALA A 1 68  ? 3.208   4.551   19.681  1.00 65.29  ? 68  ALA A CA  1 
ATOM   456  C C   . ALA A 1 68  ? 2.959   5.855   20.405  1.00 67.05  ? 68  ALA A C   1 
ATOM   457  O O   . ALA A 1 68  ? 3.751   6.796   20.297  1.00 72.45  ? 68  ALA A O   1 
ATOM   458  C CB  . ALA A 1 68  ? 2.297   4.459   18.464  1.00 64.40  ? 68  ALA A CB  1 
ATOM   459  N N   . GLY A 1 69  ? 1.883   5.914   21.183  1.00 66.23  ? 69  GLY A N   1 
ATOM   460  C CA  . GLY A 1 69  ? 1.563   7.131   21.923  1.00 76.21  ? 69  GLY A CA  1 
ATOM   461  C C   . GLY A 1 69  ? 2.652   7.487   22.930  1.00 79.92  ? 69  GLY A C   1 
ATOM   462  O O   . GLY A 1 69  ? 3.096   8.641   22.998  1.00 80.41  ? 69  GLY A O   1 
ATOM   463  N N   . GLU A 1 70  ? 3.076   6.507   23.743  1.00 80.96  ? 70  GLU A N   1 
ATOM   464  C CA  . GLU A 1 70  ? 3.974   6.797   24.859  1.00 82.56  ? 70  GLU A CA  1 
ATOM   465  C C   . GLU A 1 70  ? 5.347   7.266   24.379  1.00 87.29  ? 70  GLU A C   1 
ATOM   466  O O   . GLU A 1 70  ? 5.990   8.084   25.057  1.00 88.66  ? 70  GLU A O   1 
ATOM   467  C CB  . GLU A 1 70  ? 4.135   5.545   25.738  1.00 82.73  ? 70  GLU A CB  1 
ATOM   468  C CG  . GLU A 1 70  ? 3.442   5.551   27.102  1.00 85.08  ? 70  GLU A CG  1 
ATOM   469  C CD  . GLU A 1 70  ? 3.025   4.136   27.562  1.00 91.95  ? 70  GLU A CD  1 
ATOM   470  O OE1 . GLU A 1 70  ? 3.685   3.136   27.177  1.00 92.39  ? 70  GLU A OE1 1 
ATOM   471  O OE2 . GLU A 1 70  ? 2.029   4.021   28.311  1.00 90.46  ? 70  GLU A OE2 1 
ATOM   472  N N   . TYR A 1 71  ? 5.753   6.773   23.196  1.00 82.75  ? 71  TYR A N   1 
ATOM   473  C CA  . TYR A 1 71  ? 7.146   6.975   22.722  1.00 79.17  ? 71  TYR A CA  1 
ATOM   474  C C   . TYR A 1 71  ? 7.322   7.600   21.328  1.00 75.03  ? 71  TYR A C   1 
ATOM   475  O O   . TYR A 1 71  ? 8.393   8.152   21.127  1.00 77.92  ? 71  TYR A O   1 
ATOM   476  C CB  . TYR A 1 71  ? 7.884   5.637   22.813  1.00 77.68  ? 71  TYR A CB  1 
ATOM   477  C CG  . TYR A 1 71  ? 7.874   5.012   24.187  1.00 89.42  ? 71  TYR A CG  1 
ATOM   478  C CD1 . TYR A 1 71  ? 8.625   5.549   25.215  1.00 97.21  ? 71  TYR A CD1 1 
ATOM   479  C CD2 . TYR A 1 71  ? 7.101   3.903   24.479  1.00 90.05  ? 71  TYR A CD2 1 
ATOM   480  C CE1 . TYR A 1 71  ? 8.619   5.001   26.487  1.00 91.41  ? 71  TYR A CE1 1 
ATOM   481  C CE2 . TYR A 1 71  ? 7.084   3.338   25.746  1.00 85.69  ? 71  TYR A CE2 1 
ATOM   482  C CZ  . TYR A 1 71  ? 7.844   3.893   26.757  1.00 90.32  ? 71  TYR A CZ  1 
ATOM   483  O OH  . TYR A 1 71  ? 7.848   3.370   28.017  1.00 93.52  ? 71  TYR A OH  1 
ATOM   484  N N   . LEU A 1 72  ? 6.358   7.562   20.411  1.00 68.63  ? 72  LEU A N   1 
ATOM   485  C CA  . LEU A 1 72  ? 6.658   8.088   19.048  1.00 66.63  ? 72  LEU A CA  1 
ATOM   486  C C   . LEU A 1 72  ? 6.470   9.607   18.954  1.00 71.87  ? 72  LEU A C   1 
ATOM   487  O O   . LEU A 1 72  ? 5.537   10.102  19.576  1.00 75.67  ? 72  LEU A O   1 
ATOM   488  C CB  . LEU A 1 72  ? 5.830   7.316   18.021  1.00 61.89  ? 72  LEU A CB  1 
ATOM   489  C CG  . LEU A 1 72  ? 6.290   5.881   17.781  1.00 58.03  ? 72  LEU A CG  1 
ATOM   490  C CD1 . LEU A 1 72  ? 5.830   5.376   16.437  1.00 52.02  ? 72  LEU A CD1 1 
ATOM   491  C CD2 . LEU A 1 72  ? 7.794   5.790   17.859  1.00 64.53  ? 72  LEU A CD2 1 
ATOM   492  N N   . ARG A 1 73  ? 7.309   10.302  18.167  1.00 73.73  ? 73  ARG A N   1 
ATOM   493  C CA  . ARG A 1 73  ? 7.275   11.792  18.058  1.00 73.17  ? 73  ARG A CA  1 
ATOM   494  C C   . ARG A 1 73  ? 7.257   12.295  16.606  1.00 69.50  ? 73  ARG A C   1 
ATOM   495  O O   . ARG A 1 73  ? 7.374   11.481  15.705  1.00 72.50  ? 73  ARG A O   1 
ATOM   496  C CB  . ARG A 1 73  ? 8.464   12.397  18.804  1.00 78.04  ? 73  ARG A CB  1 
ATOM   497  C CG  . ARG A 1 73  ? 8.589   11.931  20.243  1.00 80.95  ? 73  ARG A CG  1 
ATOM   498  C CD  . ARG A 1 73  ? 7.400   12.359  21.069  1.00 80.27  ? 73  ARG A CD  1 
ATOM   499  N NE  . ARG A 1 73  ? 7.716   12.271  22.479  1.00 88.09  ? 73  ARG A NE  1 
ATOM   500  C CZ  . ARG A 1 73  ? 8.617   13.028  23.083  1.00 92.10  ? 73  ARG A CZ  1 
ATOM   501  N NH1 . ARG A 1 73  ? 9.284   13.935  22.392  1.00 89.24  ? 73  ARG A NH1 1 
ATOM   502  N NH2 . ARG A 1 73  ? 8.847   12.879  24.374  1.00 92.46  ? 73  ARG A NH2 1 
ATOM   503  N N   . LYS A 1 74  ? 7.203   13.619  16.420  1.00 66.53  ? 74  LYS A N   1 
ATOM   504  C CA  . LYS A 1 74  ? 7.056   14.283  15.090  1.00 71.78  ? 74  LYS A CA  1 
ATOM   505  C C   . LYS A 1 74  ? 8.250   14.121  14.148  1.00 70.71  ? 74  LYS A C   1 
ATOM   506  O O   . LYS A 1 74  ? 8.249   14.775  13.126  1.00 77.02  ? 74  LYS A O   1 
ATOM   507  C CB  . LYS A 1 74  ? 6.683   15.759  15.211  1.00 76.17  ? 74  LYS A CB  1 
ATOM   508  C CG  . LYS A 1 74  ? 6.260   16.412  13.904  1.00 75.79  ? 74  LYS A CG  1 
ATOM   509  C CD  . LYS A 1 74  ? 7.333   17.303  13.335  1.00 76.24  ? 74  LYS A CD  1 
ATOM   510  C CE  . LYS A 1 74  ? 7.406   17.272  11.827  1.00 75.71  ? 74  LYS A CE  1 
ATOM   511  N NZ  . LYS A 1 74  ? 8.000   18.521  11.301  1.00 72.56  ? 74  LYS A NZ  1 
ATOM   512  N N   . GLY A 1 75  ? 9.306   13.455  14.566  1.00 61.71  ? 75  GLY A N   1 
ATOM   513  C CA  . GLY A 1 75  ? 10.363  13.047  13.669  1.00 65.13  ? 75  GLY A CA  1 
ATOM   514  C C   . GLY A 1 75  ? 10.854  11.622  13.845  1.00 67.57  ? 75  GLY A C   1 
ATOM   515  O O   . GLY A 1 75  ? 11.844  11.248  13.202  1.00 64.50  ? 75  GLY A O   1 
ATOM   516  N N   . SER A 1 76  ? 10.213  10.820  14.703  1.00 65.36  ? 76  SER A N   1 
ATOM   517  C CA  . SER A 1 76  ? 10.752  9.503   15.035  1.00 62.04  ? 76  SER A CA  1 
ATOM   518  C C   . SER A 1 76  ? 10.834  8.635   13.787  1.00 65.67  ? 76  SER A C   1 
ATOM   519  O O   . SER A 1 76  ? 10.007  8.744   12.876  1.00 69.00  ? 76  SER A O   1 
ATOM   520  C CB  . SER A 1 76  ? 9.880   8.811   16.085  1.00 61.92  ? 76  SER A CB  1 
ATOM   521  O OG  . SER A 1 76  ? 10.353  9.042   17.398  1.00 66.91  ? 76  SER A OG  1 
ATOM   522  N N   . GLN A 1 77  ? 11.837  7.757   13.752  1.00 62.64  ? 77  GLN A N   1 
ATOM   523  C CA  . GLN A 1 77  ? 12.007  6.802   12.664  1.00 57.83  ? 77  GLN A CA  1 
ATOM   524  C C   . GLN A 1 77  ? 11.601  5.407   13.111  1.00 55.77  ? 77  GLN A C   1 
ATOM   525  O O   . GLN A 1 77  ? 11.933  4.993   14.225  1.00 60.13  ? 77  GLN A O   1 
ATOM   526  C CB  . GLN A 1 77  ? 13.445  6.784   12.183  1.00 56.02  ? 77  GLN A CB  1 
ATOM   527  C CG  . GLN A 1 77  ? 13.601  6.087   10.873  1.00 59.77  ? 77  GLN A CG  1 
ATOM   528  C CD  . GLN A 1 77  ? 15.045  5.812   10.553  1.00 60.62  ? 77  GLN A CD  1 
ATOM   529  O OE1 . GLN A 1 77  ? 15.823  5.428   11.431  1.00 61.00  ? 77  GLN A OE1 1 
ATOM   530  N NE2 . GLN A 1 77  ? 15.423  6.017   9.290   1.00 67.09  ? 77  GLN A NE2 1 
ATOM   531  N N   . VAL A 1 78  ? 10.919  4.663   12.231  1.00 53.83  ? 78  VAL A N   1 
ATOM   532  C CA  . VAL A 1 78  ? 10.305  3.397   12.624  1.00 50.83  ? 78  VAL A CA  1 
ATOM   533  C C   . VAL A 1 78  ? 10.335  2.404   11.472  1.00 51.66  ? 78  VAL A C   1 
ATOM   534  O O   . VAL A 1 78  ? 10.281  2.776   10.296  1.00 55.93  ? 78  VAL A O   1 
ATOM   535  C CB  . VAL A 1 78  ? 8.837   3.558   13.089  1.00 48.46  ? 78  VAL A CB  1 
ATOM   536  C CG1 . VAL A 1 78  ? 8.735   4.406   14.330  1.00 55.16  ? 78  VAL A CG1 1 
ATOM   537  C CG2 . VAL A 1 78  ? 8.006   4.133   11.990  1.00 49.77  ? 78  VAL A CG2 1 
ATOM   538  N N   . TYR A 1 79  ? 10.302  1.131   11.838  1.00 48.07  ? 79  TYR A N   1 
ATOM   539  C CA  . TYR A 1 79  ? 10.193  0.042   10.850  1.00 45.36  ? 79  TYR A CA  1 
ATOM   540  C C   . TYR A 1 79  ? 8.773   -0.484  11.014  1.00 45.27  ? 79  TYR A C   1 
ATOM   541  O O   . TYR A 1 79  ? 8.385   -0.655  12.148  1.00 48.25  ? 79  TYR A O   1 
ATOM   542  C CB  . TYR A 1 79  ? 11.200  -1.048  11.193  1.00 44.78  ? 79  TYR A CB  1 
ATOM   543  C CG  . TYR A 1 79  ? 10.943  -2.362  10.516  1.00 36.64  ? 79  TYR A CG  1 
ATOM   544  C CD1 . TYR A 1 79  ? 10.022  -3.260  11.015  1.00 35.43  ? 79  TYR A CD1 1 
ATOM   545  C CD2 . TYR A 1 79  ? 11.627  -2.695  9.371   1.00 36.62  ? 79  TYR A CD2 1 
ATOM   546  C CE1 . TYR A 1 79  ? 9.785   -4.461  10.381  1.00 37.93  ? 79  TYR A CE1 1 
ATOM   547  C CE2 . TYR A 1 79  ? 11.404  -3.890  8.728   1.00 33.68  ? 79  TYR A CE2 1 
ATOM   548  C CZ  . TYR A 1 79  ? 10.483  -4.769  9.237   1.00 39.82  ? 79  TYR A CZ  1 
ATOM   549  O OH  . TYR A 1 79  ? 10.306  -5.942  8.591   1.00 48.46  ? 79  TYR A OH  1 
ATOM   550  N N   . ILE A 1 80  ? 8.027   -0.694  9.933   1.00 40.93  ? 80  ILE A N   1 
ATOM   551  C CA  . ILE A 1 80  ? 6.621   -1.153  10.097  1.00 39.21  ? 80  ILE A CA  1 
ATOM   552  C C   . ILE A 1 80  ? 6.382   -2.378  9.225   1.00 37.46  ? 80  ILE A C   1 
ATOM   553  O O   . ILE A 1 80  ? 6.962   -2.442  8.170   1.00 41.68  ? 80  ILE A O   1 
ATOM   554  C CB  . ILE A 1 80  ? 5.653   -0.003  9.763   1.00 37.04  ? 80  ILE A CB  1 
ATOM   555  C CG1 . ILE A 1 80  ? 5.096   0.649   11.020  1.00 37.50  ? 80  ILE A CG1 1 
ATOM   556  C CG2 . ILE A 1 80  ? 4.529   -0.431  8.852   1.00 31.59  ? 80  ILE A CG2 1 
ATOM   557  C CD1 . ILE A 1 80  ? 5.126   2.136   10.966  1.00 46.61  ? 80  ILE A CD1 1 
ATOM   558  N N   . GLU A 1 81  ? 5.618   -3.345  9.721   1.00 31.69  ? 81  GLU A N   1 
ATOM   559  C CA  . GLU A 1 81  ? 5.234   -4.515  8.905   1.00 38.19  ? 81  GLU A CA  1 
ATOM   560  C C   . GLU A 1 81  ? 3.723   -4.630  8.998   1.00 41.79  ? 81  GLU A C   1 
ATOM   561  O O   . GLU A 1 81  ? 3.230   -4.743  10.094  1.00 44.63  ? 81  GLU A O   1 
ATOM   562  C CB  . GLU A 1 81  ? 5.761   -5.811  9.502   1.00 45.64  ? 81  GLU A CB  1 
ATOM   563  C CG  . GLU A 1 81  ? 7.144   -6.177  9.034   1.00 43.45  ? 81  GLU A CG  1 
ATOM   564  C CD  . GLU A 1 81  ? 7.671   -7.490  9.574   1.00 54.80  ? 81  GLU A CD  1 
ATOM   565  O OE1 . GLU A 1 81  ? 8.855   -7.576  9.871   1.00 49.54  ? 81  GLU A OE1 1 
ATOM   566  O OE2 . GLU A 1 81  ? 6.886   -8.434  9.620   1.00 64.17  ? 81  GLU A OE2 1 
ATOM   567  N N   . GLY A 1 82  ? 3.018   -4.570  7.886   1.00 37.12  ? 82  GLY A N   1 
ATOM   568  C CA  . GLY A 1 82  ? 1.589   -4.751  7.987   1.00 42.69  ? 82  GLY A CA  1 
ATOM   569  C C   . GLY A 1 82  ? 1.006   -5.113  6.643   1.00 47.96  ? 82  GLY A C   1 
ATOM   570  O O   . GLY A 1 82  ? 1.723   -5.561  5.744   1.00 47.86  ? 82  GLY A O   1 
ATOM   571  N N   . GLN A 1 83  ? -0.312  -4.904  6.500   1.00 46.36  ? 83  GLN A N   1 
ATOM   572  C CA  . GLN A 1 83  ? -0.973  -5.215  5.239   1.00 54.44  ? 83  GLN A CA  1 
ATOM   573  C C   . GLN A 1 83  ? -1.756  -4.028  4.684   1.00 51.16  ? 83  GLN A C   1 
ATOM   574  O O   . GLN A 1 83  ? -2.340  -3.230  5.423   1.00 53.33  ? 83  GLN A O   1 
ATOM   575  C CB  . GLN A 1 83  ? -1.944  -6.410  5.349   1.00 60.94  ? 83  GLN A CB  1 
ATOM   576  C CG  . GLN A 1 83  ? -3.016  -6.316  6.420   1.00 58.09  ? 83  GLN A CG  1 
ATOM   577  C CD  . GLN A 1 83  ? -2.878  -7.430  7.413   1.00 64.05  ? 83  GLN A CD  1 
ATOM   578  O OE1 . GLN A 1 83  ? -2.076  -7.347  8.338   1.00 65.01  ? 83  GLN A OE1 1 
ATOM   579  N NE2 . GLN A 1 83  ? -3.654  -8.497  7.223   1.00 66.26  ? 83  GLN A NE2 1 
ATOM   580  N N   . LEU A 1 84  ? -1.817  -3.973  3.355   1.00 47.70  ? 84  LEU A N   1 
ATOM   581  C CA  . LEU A 1 84  ? -2.609  -2.962  2.693   1.00 40.90  ? 84  LEU A CA  1 
ATOM   582  C C   . LEU A 1 84  ? -4.058  -3.249  2.975   1.00 44.88  ? 84  LEU A C   1 
ATOM   583  O O   . LEU A 1 84  ? -4.491  -4.401  2.952   1.00 47.19  ? 84  LEU A O   1 
ATOM   584  C CB  . LEU A 1 84  ? -2.359  -2.983  1.196   1.00 34.46  ? 84  LEU A CB  1 
ATOM   585  C CG  . LEU A 1 84  ? -1.073  -2.274  0.792   1.00 38.05  ? 84  LEU A CG  1 
ATOM   586  C CD1 . LEU A 1 84  ? -0.852  -2.450  -0.673  1.00 40.65  ? 84  LEU A CD1 1 
ATOM   587  C CD2 . LEU A 1 84  ? -1.097  -0.783  1.139   1.00 41.28  ? 84  LEU A CD2 1 
ATOM   588  N N   . ARG A 1 85  ? -4.803  -2.190  3.244   1.00 50.29  ? 85  ARG A N   1 
ATOM   589  C CA  . ARG A 1 85  ? -6.238  -2.283  3.473   1.00 56.58  ? 85  ARG A CA  1 
ATOM   590  C C   . ARG A 1 85  ? -6.835  -0.993  2.951   1.00 55.69  ? 85  ARG A C   1 
ATOM   591  O O   . ARG A 1 85  ? -6.491  0.076   3.455   1.00 56.59  ? 85  ARG A O   1 
ATOM   592  C CB  . ARG A 1 85  ? -6.576  -2.469  4.957   1.00 57.83  ? 85  ARG A CB  1 
ATOM   593  C CG  . ARG A 1 85  ? -7.972  -3.046  5.195   1.00 63.45  ? 85  ARG A CG  1 
ATOM   594  C CD  . ARG A 1 85  ? -9.028  -1.951  5.194   1.00 67.30  ? 85  ARG A CD  1 
ATOM   595  N NE  . ARG A 1 85  ? -10.317 -2.287  5.808   1.00 72.28  ? 85  ARG A NE  1 
ATOM   596  C CZ  . ARG A 1 85  ? -11.345 -2.846  5.173   1.00 74.51  ? 85  ARG A CZ  1 
ATOM   597  N NH1 . ARG A 1 85  ? -11.247 -3.249  3.911   1.00 71.93  ? 85  ARG A NH1 1 
ATOM   598  N NH2 . ARG A 1 85  ? -12.512 -2.973  5.808   1.00 73.53  ? 85  ARG A NH2 1 
ATOM   599  N N   . THR A 1 86  ? -7.704  -1.086  1.947   1.00 59.23  ? 86  THR A N   1 
ATOM   600  C CA  . THR A 1 86  ? -8.358  0.082   1.361   1.00 55.87  ? 86  THR A CA  1 
ATOM   601  C C   . THR A 1 86  ? -9.763  0.209   1.954   1.00 54.31  ? 86  THR A C   1 
ATOM   602  O O   . THR A 1 86  ? -10.628 -0.622  1.669   1.00 55.76  ? 86  THR A O   1 
ATOM   603  C CB  . THR A 1 86  ? -8.412  -0.053  -0.159  1.00 58.21  ? 86  THR A CB  1 
ATOM   604  O OG1 . THR A 1 86  ? -7.082  -0.006  -0.701  1.00 67.34  ? 86  THR A OG1 1 
ATOM   605  C CG2 . THR A 1 86  ? -9.216  1.055   -0.751  1.00 56.70  ? 86  THR A CG2 1 
ATOM   606  N N   . ARG A 1 87  ? -10.021 1.249   2.745   1.00 54.16  ? 87  ARG A N   1 
ATOM   607  C CA  . ARG A 1 87  ? -11.342 1.396   3.408   1.00 54.85  ? 87  ARG A CA  1 
ATOM   608  C C   . ARG A 1 87  ? -12.193 2.485   2.751   1.00 56.76  ? 87  ARG A C   1 
ATOM   609  O O   . ARG A 1 87  ? -11.645 3.497   2.379   1.00 59.47  ? 87  ARG A O   1 
ATOM   610  C CB  . ARG A 1 87  ? -11.123 1.701   4.888   1.00 59.19  ? 87  ARG A CB  1 
ATOM   611  C CG  . ARG A 1 87  ? -11.101 3.181   5.219   1.00 62.94  ? 87  ARG A CG  1 
ATOM   612  C CD  . ARG A 1 87  ? -10.825 3.392   6.691   1.00 61.95  ? 87  ARG A CD  1 
ATOM   613  N NE  . ARG A 1 87  ? -9.889  4.480   6.882   1.00 62.73  ? 87  ARG A NE  1 
ATOM   614  C CZ  . ARG A 1 87  ? -10.220 5.753   6.821   1.00 67.56  ? 87  ARG A CZ  1 
ATOM   615  N NH1 . ARG A 1 87  ? -11.470 6.093   6.590   1.00 69.65  ? 87  ARG A NH1 1 
ATOM   616  N NH2 . ARG A 1 87  ? -9.310  6.686   6.997   1.00 74.24  ? 87  ARG A NH2 1 
ATOM   617  N N   . LYS A 1 88  ? -13.506 2.266   2.670   1.00 30.00  ? 88  LYS A N   1 
ATOM   618  C CA  . LYS A 1 88  ? -14.466 3.208   2.035   1.00 30.00  ? 88  LYS A CA  1 
ATOM   619  C C   . LYS A 1 88  ? -15.109 4.110   3.092   1.00 30.00  ? 88  LYS A C   1 
ATOM   620  O O   . LYS A 1 88  ? -15.301 3.660   4.213   1.00 30.00  ? 88  LYS A O   1 
ATOM   621  C CB  . LYS A 1 88  ? -15.587 2.448   1.322   1.00 30.00  ? 88  LYS A CB  1 
ATOM   622  C CG  . LYS A 1 88  ? -15.144 1.290   0.446   1.00 30.00  ? 88  LYS A CG  1 
ATOM   623  C CD  . LYS A 1 88  ? -16.161 0.171   0.353   1.00 30.00  ? 88  LYS A CD  1 
ATOM   624  C CE  . LYS A 1 88  ? -15.682 -1.130  0.966   1.00 30.00  ? 88  LYS A CE  1 
ATOM   625  N NZ  . LYS A 1 88  ? -14.850 -1.922  0.030   1.00 30.00  ? 88  LYS A NZ  1 
ATOM   626  N N   . TRP A 1 89  ? -15.456 5.339   2.713   1.00 75.64  ? 89  TRP A N   1 
ATOM   627  C CA  . TRP A 1 89  ? -16.080 6.289   3.665   1.00 74.64  ? 89  TRP A CA  1 
ATOM   628  C C   . TRP A 1 89  ? -16.792 7.391   2.882   1.00 76.16  ? 89  TRP A C   1 
ATOM   629  O O   . TRP A 1 89  ? -16.479 7.551   1.704   1.00 79.41  ? 89  TRP A O   1 
ATOM   630  C CB  . TRP A 1 89  ? -14.993 6.869   4.565   1.00 69.78  ? 89  TRP A CB  1 
ATOM   631  C CG  . TRP A 1 89  ? -13.914 7.520   3.769   1.00 66.10  ? 89  TRP A CG  1 
ATOM   632  C CD1 . TRP A 1 89  ? -13.011 6.900   2.969   1.00 65.38  ? 89  TRP A CD1 1 
ATOM   633  C CD2 . TRP A 1 89  ? -13.646 8.923   3.658   1.00 75.09  ? 89  TRP A CD2 1 
ATOM   634  N NE1 . TRP A 1 89  ? -12.188 7.815   2.382   1.00 65.62  ? 89  TRP A NE1 1 
ATOM   635  C CE2 . TRP A 1 89  ? -12.559 9.064   2.780   1.00 72.30  ? 89  TRP A CE2 1 
ATOM   636  C CE3 . TRP A 1 89  ? -14.218 10.072  4.208   1.00 78.38  ? 89  TRP A CE3 1 
ATOM   637  C CZ2 . TRP A 1 89  ? -12.038 10.305  2.440   1.00 71.79  ? 89  TRP A CZ2 1 
ATOM   638  C CZ3 . TRP A 1 89  ? -13.700 11.300  3.874   1.00 73.91  ? 89  TRP A CZ3 1 
ATOM   639  C CH2 . TRP A 1 89  ? -12.623 11.411  3.004   1.00 71.84  ? 89  TRP A CH2 1 
ATOM   640  N N   . THR A 1 90  ? -17.739 8.087   3.515   1.00 75.74  ? 90  THR A N   1 
ATOM   641  C CA  . THR A 1 90  ? -18.455 9.202   2.876   1.00 78.78  ? 90  THR A CA  1 
ATOM   642  C C   . THR A 1 90  ? -17.822 10.537  3.232   1.00 79.28  ? 90  THR A C   1 
ATOM   643  O O   . THR A 1 90  ? -17.551 10.810  4.407   1.00 80.01  ? 90  THR A O   1 
ATOM   644  C CB  . THR A 1 90  ? -19.940 9.334   3.270   1.00 77.05  ? 90  THR A CB  1 
ATOM   645  O OG1 . THR A 1 90  ? -20.051 9.974   4.554   1.00 84.65  ? 90  THR A OG1 1 
ATOM   646  C CG2 . THR A 1 90  ? -20.752 8.046   3.216   1.00 73.97  ? 90  THR A CG2 1 
ATOM   647  N N   . ASP A 1 91  ? -17.644 11.334  2.179   1.00 81.19  ? 91  ASP A N   1 
ATOM   648  C CA  . ASP A 1 91  ? -17.115 12.724  2.204   1.00 82.52  ? 91  ASP A CA  1 
ATOM   649  C C   . ASP A 1 91  ? -18.310 13.661  2.445   1.00 84.93  ? 91  ASP A C   1 
ATOM   650  O O   . ASP A 1 91  ? -19.450 13.212  2.258   1.00 88.17  ? 91  ASP A O   1 
ATOM   651  C CB  . ASP A 1 91  ? -16.207 12.924  0.983   1.00 82.96  ? 91  ASP A CB  1 
ATOM   652  C CG  . ASP A 1 91  ? -16.086 14.320  0.397   1.00 84.65  ? 91  ASP A CG  1 
ATOM   653  O OD1 . ASP A 1 91  ? -16.048 15.283  1.178   1.00 85.03  ? 91  ASP A OD1 1 
ATOM   654  O OD2 . ASP A 1 91  ? -16.061 14.426  -0.841  1.00 85.55  ? 91  ASP A OD2 1 
ATOM   655  N N   . GLN A 1 92  ? -18.083 14.911  2.854   1.00 87.31  ? 92  GLN A N   1 
ATOM   656  C CA  . GLN A 1 92  ? -19.213 15.764  3.176   1.00 84.83  ? 92  GLN A CA  1 
ATOM   657  C C   . GLN A 1 92  ? -20.124 15.935  1.968   1.00 81.94  ? 92  GLN A C   1 
ATOM   658  O O   . GLN A 1 92  ? -21.351 15.880  2.097   1.00 83.00  ? 92  GLN A O   1 
ATOM   659  C CB  . GLN A 1 92  ? -18.746 17.090  3.752   1.00 81.90  ? 92  GLN A CB  1 
ATOM   660  C CG  . GLN A 1 92  ? -18.969 17.102  5.276   1.00 80.38  ? 92  GLN A CG  1 
ATOM   661  C CD  . GLN A 1 92  ? -20.341 16.538  5.721   1.00 86.92  ? 92  GLN A CD  1 
ATOM   662  O OE1 . GLN A 1 92  ? -21.364 16.687  5.043   1.00 88.65  ? 92  GLN A OE1 1 
ATOM   663  N NE2 . GLN A 1 92  ? -20.345 15.864  6.865   1.00 86.17  ? 92  GLN A NE2 1 
ATOM   664  N N   . SER A 1 93  ? -19.550 16.102  0.778   1.00 81.77  ? 93  SER A N   1 
ATOM   665  C CA  . SER A 1 93  ? -20.386 16.165  -0.417  1.00 86.11  ? 93  SER A CA  1 
ATOM   666  C C   . SER A 1 93  ? -21.232 14.898  -0.599  1.00 90.82  ? 93  SER A C   1 
ATOM   667  O O   . SER A 1 93  ? -22.305 14.951  -1.210  1.00 92.98  ? 93  SER A O   1 
ATOM   668  C CB  . SER A 1 93  ? -19.496 16.390  -1.641  1.00 88.61  ? 93  SER A CB  1 
ATOM   669  O OG  . SER A 1 93  ? -20.152 16.034  -2.848  1.00 96.75  ? 93  SER A OG  1 
ATOM   670  N N   . GLY A 1 94  ? -20.890 13.842  0.145   1.00 90.22  ? 94  GLY A N   1 
ATOM   671  C CA  . GLY A 1 94  ? -21.766 12.655  0.218   1.00 81.22  ? 94  GLY A CA  1 
ATOM   672  C C   . GLY A 1 94  ? -21.486 11.519  -0.740  1.00 80.05  ? 94  GLY A C   1 
ATOM   673  O O   . GLY A 1 94  ? -22.393 10.716  -0.945  1.00 77.33  ? 94  GLY A O   1 
ATOM   674  N N   . GLN A 1 95  ? -20.293 11.430  -1.312  1.00 86.85  ? 95  GLN A N   1 
ATOM   675  C CA  . GLN A 1 95  ? -20.031 10.269  -2.198  1.00 93.71  ? 95  GLN A CA  1 
ATOM   676  C C   . GLN A 1 95  ? -19.023 9.367   -1.488  1.00 89.40  ? 95  GLN A C   1 
ATOM   677  O O   . GLN A 1 95  ? -18.070 9.905   -0.940  1.00 86.50  ? 95  GLN A O   1 
ATOM   678  C CB  . GLN A 1 95  ? -19.516 10.711  -3.565  1.00 97.36  ? 95  GLN A CB  1 
ATOM   679  C CG  . GLN A 1 95  ? -18.216 11.484  -3.482  1.00 100.92 ? 95  GLN A CG  1 
ATOM   680  C CD  . GLN A 1 95  ? -18.428 12.803  -2.786  1.00 106.45 ? 95  GLN A CD  1 
ATOM   681  O OE1 . GLN A 1 95  ? -18.871 13.771  -3.395  1.00 106.30 ? 95  GLN A OE1 1 
ATOM   682  N NE2 . GLN A 1 95  ? -18.116 12.843  -1.500  1.00 104.88 ? 95  GLN A NE2 1 
ATOM   683  N N   . GLU A 1 96  ? -19.257 8.056   -1.481  1.00 89.99  ? 96  GLU A N   1 
ATOM   684  C CA  . GLU A 1 96  ? -18.310 7.148   -0.789  1.00 90.91  ? 96  GLU A CA  1 
ATOM   685  C C   . GLU A 1 96  ? -16.936 7.347   -1.417  1.00 84.25  ? 96  GLU A C   1 
ATOM   686  O O   . GLU A 1 96  ? -16.845 7.267   -2.637  1.00 84.44  ? 96  GLU A O   1 
ATOM   687  C CB  . GLU A 1 96  ? -18.787 5.693   -0.818  1.00 30.00  ? 96  GLU A CB  1 
ATOM   688  C CG  . GLU A 1 96  ? -19.750 5.358   0.315   1.00 30.00  ? 96  GLU A CG  1 
ATOM   689  C CD  . GLU A 1 96  ? -19.328 4.272   1.291   1.00 30.00  ? 96  GLU A CD  1 
ATOM   690  O OE1 . GLU A 1 96  ? -18.819 3.243   0.825   1.00 30.00  ? 96  GLU A OE1 1 
ATOM   691  O OE2 . GLU A 1 96  ? -19.518 4.458   2.511   1.00 30.00  ? 96  GLU A OE2 1 
ATOM   692  N N   . ARG A 1 97  ? -15.934 7.642   -0.595  1.00 81.71  ? 97  ARG A N   1 
ATOM   693  C CA  . ARG A 1 97  ? -14.552 7.843   -1.095  1.00 79.67  ? 97  ARG A CA  1 
ATOM   694  C C   . ARG A 1 97  ? -13.653 6.742   -0.525  1.00 72.66  ? 97  ARG A C   1 
ATOM   695  O O   . ARG A 1 97  ? -14.057 6.100   0.437   1.00 67.97  ? 97  ARG A O   1 
ATOM   696  C CB  . ARG A 1 97  ? -14.080 9.262   -0.785  1.00 73.72  ? 97  ARG A CB  1 
ATOM   697  C CG  . ARG A 1 97  ? -14.011 10.147  -2.019  1.00 75.73  ? 97  ARG A CG  1 
ATOM   698  C CD  . ARG A 1 97  ? -14.561 11.521  -1.737  1.00 79.31  ? 97  ARG A CD  1 
ATOM   699  N NE  . ARG A 1 97  ? -13.494 12.389  -1.294  1.00 72.98  ? 97  ARG A NE  1 
ATOM   700  C CZ  . ARG A 1 97  ? -12.450 12.693  -2.036  1.00 79.65  ? 97  ARG A CZ  1 
ATOM   701  N NH1 . ARG A 1 97  ? -12.350 12.206  -3.257  1.00 80.20  ? 97  ARG A NH1 1 
ATOM   702  N NH2 . ARG A 1 97  ? -11.512 13.489  -1.564  1.00 79.45  ? 97  ARG A NH2 1 
ATOM   703  N N   . TYR A 1 98  ? -12.471 6.559   -1.107  1.00 64.37  ? 98  TYR A N   1 
ATOM   704  C CA  . TYR A 1 98  ? -11.562 5.467   -0.695  1.00 57.17  ? 98  TYR A CA  1 
ATOM   705  C C   . TYR A 1 98  ? -10.188 5.996   -0.291  1.00 56.28  ? 98  TYR A C   1 
ATOM   706  O O   . TYR A 1 98  ? -9.604  6.771   -1.029  1.00 55.54  ? 98  TYR A O   1 
ATOM   707  C CB  . TYR A 1 98  ? -11.401 4.508   -1.872  1.00 60.59  ? 98  TYR A CB  1 
ATOM   708  C CG  . TYR A 1 98  ? -12.701 3.976   -2.407  1.00 68.77  ? 98  TYR A CG  1 
ATOM   709  C CD1 . TYR A 1 98  ? -13.488 4.727   -3.255  1.00 69.09  ? 98  TYR A CD1 1 
ATOM   710  C CD2 . TYR A 1 98  ? -13.150 2.718   -2.058  1.00 73.31  ? 98  TYR A CD2 1 
ATOM   711  C CE1 . TYR A 1 98  ? -14.689 4.243   -3.743  1.00 72.63  ? 98  TYR A CE1 1 
ATOM   712  C CE2 . TYR A 1 98  ? -14.345 2.216   -2.539  1.00 77.20  ? 98  TYR A CE2 1 
ATOM   713  C CZ  . TYR A 1 98  ? -15.118 2.982   -3.384  1.00 76.14  ? 98  TYR A CZ  1 
ATOM   714  O OH  . TYR A 1 98  ? -16.291 2.485   -3.856  1.00 75.83  ? 98  TYR A OH  1 
ATOM   715  N N   . THR A 1 99  ? -9.691  5.550   0.858   1.00 55.86  ? 99  THR A N   1 
ATOM   716  C CA  . THR A 1 99  ? -8.372  5.930   1.312   1.00 50.46  ? 99  THR A CA  1 
ATOM   717  C C   . THR A 1 99  ? -7.628  4.654   1.637   1.00 49.97  ? 99  THR A C   1 
ATOM   718  O O   . THR A 1 99  ? -8.171  3.791   2.325   1.00 55.33  ? 99  THR A O   1 
ATOM   719  C CB  . THR A 1 99  ? -8.484  6.833   2.524   1.00 53.28  ? 99  THR A CB  1 
ATOM   720  O OG1 . THR A 1 99  ? -8.660  8.189   2.090   1.00 53.31  ? 99  THR A OG1 1 
ATOM   721  C CG2 . THR A 1 99  ? -7.246  6.706   3.406   1.00 57.28  ? 99  THR A CG2 1 
ATOM   722  N N   . THR A 1 100 ? -6.403  4.511   1.151   1.00 54.62  ? 100 THR A N   1 
ATOM   723  C CA  . THR A 1 100 ? -5.679  3.257   1.320   1.00 53.34  ? 100 THR A CA  1 
ATOM   724  C C   . THR A 1 100 ? -4.628  3.451   2.399   1.00 52.39  ? 100 THR A C   1 
ATOM   725  O O   . THR A 1 100 ? -3.718  4.280   2.258   1.00 53.79  ? 100 THR A O   1 
ATOM   726  C CB  . THR A 1 100 ? -5.057  2.770   0.013   1.00 53.96  ? 100 THR A CB  1 
ATOM   727  O OG1 . THR A 1 100 ? -6.059  2.095   -0.759  1.00 54.38  ? 100 THR A OG1 1 
ATOM   728  C CG2 . THR A 1 100 ? -3.944  1.792   0.299   1.00 52.72  ? 100 THR A CG2 1 
ATOM   729  N N   . GLU A 1 101 ? -4.788  2.718   3.492   1.00 50.53  ? 101 GLU A N   1 
ATOM   730  C CA  . GLU A 1 101 ? -3.868  2.835   4.644   1.00 54.42  ? 101 GLU A CA  1 
ATOM   731  C C   . GLU A 1 101 ? -3.077  1.538   4.805   1.00 54.07  ? 101 GLU A C   1 
ATOM   732  O O   . GLU A 1 101 ? -3.343  0.594   4.090   1.00 56.16  ? 101 GLU A O   1 
ATOM   733  C CB  . GLU A 1 101 ? -4.681  3.130   5.901   1.00 53.76  ? 101 GLU A CB  1 
ATOM   734  C CG  . GLU A 1 101 ? -5.491  4.401   5.787   1.00 60.12  ? 101 GLU A CG  1 
ATOM   735  C CD  . GLU A 1 101 ? -6.640  4.545   6.759   1.00 63.41  ? 101 GLU A CD  1 
ATOM   736  O OE1 . GLU A 1 101 ? -7.214  3.530   7.130   1.00 64.24  ? 101 GLU A OE1 1 
ATOM   737  O OE2 . GLU A 1 101 ? -6.959  5.675   7.122   1.00 64.07  ? 101 GLU A OE2 1 
ATOM   738  N N   . ILE A 1 102 ? -2.112  1.542   5.711   1.00 48.95  ? 102 ILE A N   1 
ATOM   739  C CA  . ILE A 1 102 ? -1.298  0.337   6.001   1.00 42.43  ? 102 ILE A CA  1 
ATOM   740  C C   . ILE A 1 102 ? -1.764  -0.147  7.361   1.00 45.04  ? 102 ILE A C   1 
ATOM   741  O O   . ILE A 1 102 ? -1.495  0.523   8.325   1.00 48.66  ? 102 ILE A O   1 
ATOM   742  C CB  . ILE A 1 102 ? 0.181   0.730   6.015   1.00 44.75  ? 102 ILE A CB  1 
ATOM   743  C CG1 . ILE A 1 102 ? 0.488   1.673   4.853   1.00 43.17  ? 102 ILE A CG1 1 
ATOM   744  C CG2 . ILE A 1 102 ? 1.073   -0.487  5.998   1.00 41.67  ? 102 ILE A CG2 1 
ATOM   745  C CD1 . ILE A 1 102 ? 1.600   1.216   3.970   1.00 42.74  ? 102 ILE A CD1 1 
ATOM   746  N N   . ASN A 1 103 ? -2.515  -1.237  7.398   1.00 47.76  ? 103 ASN A N   1 
ATOM   747  C CA  . ASN A 1 103 ? -3.030  -1.750  8.687   1.00 51.60  ? 103 ASN A CA  1 
ATOM   748  C C   . ASN A 1 103 ? -1.914  -2.515  9.377   1.00 55.95  ? 103 ASN A C   1 
ATOM   749  O O   . ASN A 1 103 ? -1.241  -3.282  8.714   1.00 56.93  ? 103 ASN A O   1 
ATOM   750  C CB  . ASN A 1 103 ? -4.214  -2.691  8.490   1.00 54.65  ? 103 ASN A CB  1 
ATOM   751  C CG  . ASN A 1 103 ? -5.546  -1.983  8.521   1.00 62.90  ? 103 ASN A CG  1 
ATOM   752  O OD1 . ASN A 1 103 ? -5.622  -0.783  8.304   1.00 62.51  ? 103 ASN A OD1 1 
ATOM   753  N ND2 . ASN A 1 103 ? -6.606  -2.720  8.791   1.00 74.14  ? 103 ASN A ND2 1 
ATOM   754  N N   . VAL A 1 104 ? -1.745  -2.295  10.671  1.00 57.42  ? 104 VAL A N   1 
ATOM   755  C CA  . VAL A 1 104 ? -0.718  -3.029  11.453  1.00 52.33  ? 104 VAL A CA  1 
ATOM   756  C C   . VAL A 1 104 ? -1.482  -3.913  12.430  1.00 56.32  ? 104 VAL A C   1 
ATOM   757  O O   . VAL A 1 104 ? -1.644  -3.525  13.575  1.00 61.78  ? 104 VAL A O   1 
ATOM   758  C CB  . VAL A 1 104 ? 0.208   -2.046  12.173  1.00 50.14  ? 104 VAL A CB  1 
ATOM   759  C CG1 . VAL A 1 104 ? 1.303   -2.772  12.909  1.00 62.02  ? 104 VAL A CG1 1 
ATOM   760  C CG2 . VAL A 1 104 ? 0.797   -1.050  11.202  1.00 46.69  ? 104 VAL A CG2 1 
ATOM   761  N N   . PRO A 1 105 ? -1.899  -5.121  12.018  1.00 55.93  ? 105 PRO A N   1 
ATOM   762  C CA  . PRO A 1 105 ? -2.722  -5.979  12.843  1.00 60.85  ? 105 PRO A CA  1 
ATOM   763  C C   . PRO A 1 105 ? -2.175  -6.247  14.245  1.00 70.45  ? 105 PRO A C   1 
ATOM   764  O O   . PRO A 1 105 ? -0.998  -6.410  14.388  1.00 75.67  ? 105 PRO A O   1 
ATOM   765  C CB  . PRO A 1 105 ? -2.661  -7.306  12.092  1.00 62.92  ? 105 PRO A CB  1 
ATOM   766  C CG  . PRO A 1 105 ? -2.469  -6.912  10.662  1.00 58.84  ? 105 PRO A CG  1 
ATOM   767  C CD  . PRO A 1 105 ? -1.526  -5.745  10.763  1.00 52.55  ? 105 PRO A CD  1 
ATOM   768  N N   . GLN A 1 106 ? -3.071  -6.363  15.224  1.00 30.00  ? 106 GLN A N   1 
ATOM   769  C CA  . GLN A 1 106 ? -2.685  -6.687  16.619  1.00 30.00  ? 106 GLN A CA  1 
ATOM   770  C C   . GLN A 1 106 ? -1.878  -7.985  16.601  1.00 30.00  ? 106 GLN A C   1 
ATOM   771  O O   . GLN A 1 106 ? -0.809  -8.028  17.210  1.00 30.00  ? 106 GLN A O   1 
ATOM   772  C CB  . GLN A 1 106 ? -3.941  -6.930  17.449  1.00 30.00  ? 106 GLN A CB  1 
ATOM   773  C CG  . GLN A 1 106 ? -4.514  -5.674  18.084  1.00 30.00  ? 106 GLN A CG  1 
ATOM   774  C CD  . GLN A 1 106 ? -5.966  -5.451  17.743  1.00 30.00  ? 106 GLN A CD  1 
ATOM   775  O OE1 . GLN A 1 106 ? -6.336  -5.303  16.582  1.00 30.00  ? 106 GLN A OE1 1 
ATOM   776  N NE2 . GLN A 1 106 ? -6.802  -5.403  18.767  1.00 30.00  ? 106 GLN A NE2 1 
ATOM   777  N N   . ILE A 1 107 ? -2.398  -9.006  15.922  1.00 67.57  ? 107 ILE A N   1 
ATOM   778  C CA  . ILE A 1 107 ? -1.696  -10.309 15.813  1.00 65.22  ? 107 ILE A CA  1 
ATOM   779  C C   . ILE A 1 107 ? -1.137  -10.443 14.403  1.00 62.83  ? 107 ILE A C   1 
ATOM   780  O O   . ILE A 1 107 ? -1.900  -10.789 13.520  1.00 65.96  ? 107 ILE A O   1 
ATOM   781  C CB  . ILE A 1 107 ? -2.676  -11.456 16.092  1.00 66.77  ? 107 ILE A CB  1 
ATOM   782  C CG1 . ILE A 1 107 ? -3.501  -11.203 17.354  1.00 69.73  ? 107 ILE A CG1 1 
ATOM   783  C CG2 . ILE A 1 107 ? -1.936  -12.776 16.162  1.00 68.42  ? 107 ILE A CG2 1 
ATOM   784  C CD1 . ILE A 1 107 ? -2.770  -11.524 18.630  1.00 72.55  ? 107 ILE A CD1 1 
ATOM   785  N N   . GLY A 1 108 ? 0.151   -10.187 14.211  1.00 61.04  ? 108 GLY A N   1 
ATOM   786  C CA  . GLY A 1 108 ? 0.734   -10.360 12.871  1.00 59.93  ? 108 GLY A CA  1 
ATOM   787  C C   . GLY A 1 108 ? 1.453   -9.123  12.393  1.00 61.88  ? 108 GLY A C   1 
ATOM   788  O O   . GLY A 1 108 ? 2.230   -9.233  11.440  1.00 62.80  ? 108 GLY A O   1 
ATOM   789  N N   . GLY A 1 109 ? 1.214   -7.985  13.042  1.00 60.57  ? 109 GLY A N   1 
ATOM   790  C CA  . GLY A 1 109 ? 1.868   -6.753  12.575  1.00 54.30  ? 109 GLY A CA  1 
ATOM   791  C C   . GLY A 1 109 ? 2.938   -6.291  13.526  1.00 52.16  ? 109 GLY A C   1 
ATOM   792  O O   . GLY A 1 109 ? 2.741   -6.411  14.716  1.00 56.46  ? 109 GLY A O   1 
ATOM   793  N N   . VAL A 1 110 ? 4.022   -5.748  12.996  1.00 52.77  ? 110 VAL A N   1 
ATOM   794  C CA  . VAL A 1 110 ? 5.116   -5.301  13.847  1.00 49.58  ? 110 VAL A CA  1 
ATOM   795  C C   . VAL A 1 110 ? 5.401   -3.827  13.588  1.00 48.23  ? 110 VAL A C   1 
ATOM   796  O O   . VAL A 1 110 ? 5.138   -3.291  12.506  1.00 44.73  ? 110 VAL A O   1 
ATOM   797  C CB  . VAL A 1 110 ? 6.382   -6.184  13.673  1.00 42.80  ? 110 VAL A CB  1 
ATOM   798  C CG1 . VAL A 1 110 ? 6.627   -6.516  12.245  1.00 46.77  ? 110 VAL A CG1 1 
ATOM   799  C CG2 . VAL A 1 110 ? 7.621   -5.487  14.172  1.00 49.47  ? 110 VAL A CG2 1 
ATOM   800  N N   . MET A 1 111 ? 5.903   -3.170  14.627  1.00 49.70  ? 111 MET A N   1 
ATOM   801  C CA  . MET A 1 111 ? 6.457   -1.832  14.568  1.00 48.16  ? 111 MET A CA  1 
ATOM   802  C C   . MET A 1 111 ? 7.653   -1.739  15.511  1.00 51.46  ? 111 MET A C   1 
ATOM   803  O O   . MET A 1 111 ? 7.689   -2.398  16.549  1.00 53.14  ? 111 MET A O   1 
ATOM   804  C CB  . MET A 1 111 ? 5.428   -0.798  14.957  1.00 51.85  ? 111 MET A CB  1 
ATOM   805  C CG  . MET A 1 111 ? 6.004   0.595   14.887  1.00 61.85  ? 111 MET A CG  1 
ATOM   806  S SD  . MET A 1 111 ? 6.401   1.214   16.532  1.00 65.58  ? 111 MET A SD  1 
ATOM   807  C CE  . MET A 1 111 ? 4.852   0.896   17.371  1.00 62.21  ? 111 MET A CE  1 
ATOM   808  N N   . GLN A 1 112 ? 8.644   -0.927  15.143  1.00 51.41  ? 112 GLN A N   1 
ATOM   809  C CA  . GLN A 1 112 ? 9.853   -0.779  15.947  1.00 51.58  ? 112 GLN A CA  1 
ATOM   810  C C   . GLN A 1 112 ? 10.408  0.627   15.813  1.00 52.94  ? 112 GLN A C   1 
ATOM   811  O O   . GLN A 1 112 ? 10.627  1.090   14.691  1.00 56.29  ? 112 GLN A O   1 
ATOM   812  C CB  . GLN A 1 112 ? 10.934  -1.753  15.493  1.00 49.95  ? 112 GLN A CB  1 
ATOM   813  C CG  . GLN A 1 112 ? 10.719  -3.174  15.866  1.00 50.28  ? 112 GLN A CG  1 
ATOM   814  C CD  . GLN A 1 112 ? 12.037  -3.847  16.065  1.00 56.01  ? 112 GLN A CD  1 
ATOM   815  O OE1 . GLN A 1 112 ? 13.029  -3.186  16.392  1.00 56.26  ? 112 GLN A OE1 1 
ATOM   816  N NE2 . GLN A 1 112 ? 12.078  -5.162  15.853  1.00 59.05  ? 112 GLN A NE2 1 
ATOM   817  N N   . MET A 1 113 ? 10.700  1.271   16.937  1.00 49.96  ? 113 MET A N   1 
ATOM   818  C CA  . MET A 1 113 ? 11.351  2.569   16.895  1.00 49.96  ? 113 MET A CA  1 
ATOM   819  C C   . MET A 1 113 ? 12.820  2.336   16.645  1.00 51.47  ? 113 MET A C   1 
ATOM   820  O O   . MET A 1 113 ? 13.349  1.292   17.010  1.00 62.94  ? 113 MET A O   1 
ATOM   821  C CB  . MET A 1 113 ? 11.191  3.299   18.215  1.00 53.25  ? 113 MET A CB  1 
ATOM   822  C CG  . MET A 1 113 ? 9.863   3.069   18.850  1.00 58.64  ? 113 MET A CG  1 
ATOM   823  S SD  . MET A 1 113 ? 10.082  3.095   20.639  1.00 99.54  ? 113 MET A SD  1 
ATOM   824  C CE  . MET A 1 113 ? 11.240  1.730   20.867  1.00 73.42  ? 113 MET A CE  1 
ATOM   825  N N   . LEU A 1 114 ? 13.461  3.257   15.940  1.00 52.05  ? 114 LEU A N   1 
ATOM   826  C CA  . LEU A 1 114 ? 14.860  3.087   15.538  1.00 54.43  ? 114 LEU A CA  1 
ATOM   827  C C   . LEU A 1 114 ? 15.705  4.269   16.054  1.00 59.87  ? 114 LEU A C   1 
ATOM   828  O O   . LEU A 1 114 ? 16.262  5.037   15.264  1.00 64.42  ? 114 LEU A O   1 
ATOM   829  C CB  . LEU A 1 114 ? 14.918  2.940   14.008  1.00 52.04  ? 114 LEU A CB  1 
ATOM   830  C CG  . LEU A 1 114 ? 13.932  1.910   13.437  1.00 50.65  ? 114 LEU A CG  1 
ATOM   831  C CD1 . LEU A 1 114 ? 13.885  1.950   11.928  1.00 52.63  ? 114 LEU A CD1 1 
ATOM   832  C CD2 . LEU A 1 114 ? 14.269  0.520   13.872  1.00 53.86  ? 114 LEU A CD2 1 
ATOM   833  N N   . GLY A 1 115 ? 15.856  4.386   17.376  1.00 60.28  ? 115 GLY A N   1 
ATOM   834  C CA  . GLY A 1 115 ? 16.698  5.431   17.953  1.00 61.95  ? 115 GLY A CA  1 
ATOM   835  C C   . GLY A 1 115 ? 16.146  6.167   19.167  1.00 66.54  ? 115 GLY A C   1 
ATOM   836  O O   . GLY A 1 115 ? 15.655  5.556   20.121  1.00 69.10  ? 115 GLY A O   1 
ATOM   837  N N   . SER B 1 3   ? 16.381  5.324   -2.128  1.00 66.65  ? 3   SER B N   1 
ATOM   838  C CA  . SER B 1 3   ? 17.376  6.315   -1.717  1.00 73.38  ? 3   SER B CA  1 
ATOM   839  C C   . SER B 1 3   ? 17.323  6.642   -0.214  1.00 76.88  ? 3   SER B C   1 
ATOM   840  O O   . SER B 1 3   ? 18.341  6.524   0.467   1.00 84.69  ? 3   SER B O   1 
ATOM   841  C CB  . SER B 1 3   ? 17.229  7.616   -2.526  1.00 75.34  ? 3   SER B CB  1 
ATOM   842  O OG  . SER B 1 3   ? 17.374  7.395   -3.921  1.00 73.37  ? 3   SER B OG  1 
ATOM   843  N N   . ARG B 1 4   ? 16.159  7.051   0.312   1.00 73.04  ? 4   ARG B N   1 
ATOM   844  C CA  . ARG B 1 4   ? 16.061  7.529   1.703   1.00 69.69  ? 4   ARG B CA  1 
ATOM   845  C C   . ARG B 1 4   ? 14.786  7.008   2.382   1.00 69.01  ? 4   ARG B C   1 
ATOM   846  O O   . ARG B 1 4   ? 13.752  7.680   2.357   1.00 70.00  ? 4   ARG B O   1 
ATOM   847  C CB  . ARG B 1 4   ? 16.117  9.051   1.716   1.00 69.65  ? 4   ARG B CB  1 
ATOM   848  C CG  . ARG B 1 4   ? 16.290  9.655   3.090   1.00 76.33  ? 4   ARG B CG  1 
ATOM   849  C CD  . ARG B 1 4   ? 16.964  8.692   4.066   1.00 79.99  ? 4   ARG B CD  1 
ATOM   850  N NE  . ARG B 1 4   ? 17.066  9.277   5.397   1.00 86.49  ? 4   ARG B NE  1 
ATOM   851  C CZ  . ARG B 1 4   ? 16.045  9.457   6.229   1.00 84.05  ? 4   ARG B CZ  1 
ATOM   852  N NH1 . ARG B 1 4   ? 14.819  9.052   5.923   1.00 79.99  ? 4   ARG B NH1 1 
ATOM   853  N NH2 . ARG B 1 4   ? 16.254  10.082  7.385   1.00 84.25  ? 4   ARG B NH2 1 
ATOM   854  N N   . GLY B 1 5   ? 14.892  5.856   3.052   1.00 65.34  ? 5   GLY B N   1 
ATOM   855  C CA  . GLY B 1 5   ? 13.761  5.154   3.635   1.00 50.97  ? 5   GLY B CA  1 
ATOM   856  C C   . GLY B 1 5   ? 13.513  3.848   2.895   1.00 51.66  ? 5   GLY B C   1 
ATOM   857  O O   . GLY B 1 5   ? 14.235  3.485   1.966   1.00 57.34  ? 5   GLY B O   1 
ATOM   858  N N   . VAL B 1 6   ? 12.468  3.133   3.296   1.00 48.79  ? 6   VAL B N   1 
ATOM   859  C CA  . VAL B 1 6   ? 12.170  1.843   2.610   1.00 50.03  ? 6   VAL B CA  1 
ATOM   860  C C   . VAL B 1 6   ? 10.692  1.767   2.247   1.00 48.81  ? 6   VAL B C   1 
ATOM   861  O O   . VAL B 1 6   ? 9.869   1.688   3.148   1.00 49.55  ? 6   VAL B O   1 
ATOM   862  C CB  . VAL B 1 6   ? 12.596  0.623   3.444   1.00 46.16  ? 6   VAL B CB  1 
ATOM   863  C CG1 . VAL B 1 6   ? 12.118  -0.664  2.819   1.00 44.68  ? 6   VAL B CG1 1 
ATOM   864  C CG2 . VAL B 1 6   ? 14.092  0.580   3.629   1.00 44.16  ? 6   VAL B CG2 1 
ATOM   865  N N   . ASN B 1 7   ? 10.400  1.806   0.953   1.00 47.91  ? 7   ASN B N   1 
ATOM   866  C CA  . ASN B 1 7   ? 9.017   1.674   0.442   1.00 47.56  ? 7   ASN B CA  1 
ATOM   867  C C   . ASN B 1 7   ? 8.968   0.305   -0.210  1.00 48.89  ? 7   ASN B C   1 
ATOM   868  O O   . ASN B 1 7   ? 9.493   0.168   -1.295  1.00 55.84  ? 7   ASN B O   1 
ATOM   869  C CB  . ASN B 1 7   ? 8.716   2.726   -0.617  1.00 48.46  ? 7   ASN B CB  1 
ATOM   870  C CG  . ASN B 1 7   ? 7.240   2.925   -0.851  1.00 49.10  ? 7   ASN B CG  1 
ATOM   871  O OD1 . ASN B 1 7   ? 6.495   1.969   -0.992  1.00 43.75  ? 7   ASN B OD1 1 
ATOM   872  N ND2 . ASN B 1 7   ? 6.818   4.168   -0.907  1.00 50.90  ? 7   ASN B ND2 1 
ATOM   873  N N   . LYS B 1 8   ? 8.392   -0.680  0.455   1.00 45.53  ? 8   LYS B N   1 
ATOM   874  C CA  . LYS B 1 8   ? 8.430   -2.023  -0.148  1.00 44.05  ? 8   LYS B CA  1 
ATOM   875  C C   . LYS B 1 8   ? 7.113   -2.722  0.133   1.00 42.50  ? 8   LYS B C   1 
ATOM   876  O O   . LYS B 1 8   ? 6.575   -2.539  1.204   1.00 45.05  ? 8   LYS B O   1 
ATOM   877  C CB  . LYS B 1 8   ? 9.619   -2.779  0.442   1.00 46.13  ? 8   LYS B CB  1 
ATOM   878  C CG  . LYS B 1 8   ? 9.677   -4.266  0.158   1.00 40.13  ? 8   LYS B CG  1 
ATOM   879  C CD  . LYS B 1 8   ? 11.073  -4.775  0.123   1.00 36.15  ? 8   LYS B CD  1 
ATOM   880  C CE  . LYS B 1 8   ? 11.620  -4.850  -1.277  1.00 43.31  ? 8   LYS B CE  1 
ATOM   881  N NZ  . LYS B 1 8   ? 10.868  -5.820  -2.100  1.00 43.34  ? 8   LYS B NZ  1 
ATOM   882  N N   . VAL B 1 9   ? 6.612   -3.452  -0.844  1.00 38.11  ? 9   VAL B N   1 
ATOM   883  C CA  . VAL B 1 9   ? 5.377   -4.197  -0.649  1.00 39.24  ? 9   VAL B CA  1 
ATOM   884  C C   . VAL B 1 9   ? 5.482   -5.505  -1.414  1.00 42.54  ? 9   VAL B C   1 
ATOM   885  O O   . VAL B 1 9   ? 6.028   -5.545  -2.521  1.00 48.11  ? 9   VAL B O   1 
ATOM   886  C CB  . VAL B 1 9   ? 4.154   -3.369  -1.098  1.00 48.28  ? 9   VAL B CB  1 
ATOM   887  C CG1 . VAL B 1 9   ? 4.372   -2.818  -2.466  1.00 48.69  ? 9   VAL B CG1 1 
ATOM   888  C CG2 . VAL B 1 9   ? 2.903   -4.199  -1.093  1.00 47.33  ? 9   VAL B CG2 1 
ATOM   889  N N   . ILE B 1 10  ? 5.068   -6.590  -0.772  1.00 41.51  ? 10  ILE B N   1 
ATOM   890  C CA  . ILE B 1 10  ? 5.169   -7.942  -1.381  1.00 42.18  ? 10  ILE B CA  1 
ATOM   891  C C   . ILE B 1 10  ? 3.761   -8.505  -1.456  1.00 49.44  ? 10  ILE B C   1 
ATOM   892  O O   . ILE B 1 10  ? 3.076   -8.428  -0.458  1.00 51.18  ? 10  ILE B O   1 
ATOM   893  C CB  . ILE B 1 10  ? 6.075   -8.834  -0.523  1.00 41.68  ? 10  ILE B CB  1 
ATOM   894  C CG1 . ILE B 1 10  ? 7.544   -8.458  -0.693  1.00 45.84  ? 10  ILE B CG1 1 
ATOM   895  C CG2 . ILE B 1 10  ? 5.837   -10.292 -0.837  1.00 41.09  ? 10  ILE B CG2 1 
ATOM   896  C CD1 . ILE B 1 10  ? 8.273   -8.264  0.601   1.00 43.07  ? 10  ILE B CD1 1 
ATOM   897  N N   . LEU B 1 11  ? 3.367   -9.039  -2.610  1.00 48.09  ? 11  LEU B N   1 
ATOM   898  C CA  . LEU B 1 11  ? 1.996   -9.572  -2.773  1.00 46.48  ? 11  LEU B CA  1 
ATOM   899  C C   . LEU B 1 11  ? 2.025   -10.904 -3.512  1.00 45.36  ? 11  LEU B C   1 
ATOM   900  O O   . LEU B 1 11  ? 2.817   -11.061 -4.425  1.00 42.05  ? 11  LEU B O   1 
ATOM   901  C CB  . LEU B 1 11  ? 1.171   -8.566  -3.575  1.00 52.53  ? 11  LEU B CB  1 
ATOM   902  C CG  . LEU B 1 11  ? 0.943   -7.210  -2.924  1.00 47.76  ? 11  LEU B CG  1 
ATOM   903  C CD1 . LEU B 1 11  ? 0.446   -6.229  -3.948  1.00 49.05  ? 11  LEU B CD1 1 
ATOM   904  C CD2 . LEU B 1 11  ? -0.060  -7.317  -1.805  1.00 52.58  ? 11  LEU B CD2 1 
ATOM   905  N N   . VAL B 1 12  ? 1.185   -11.823 -3.061  1.00 47.47  ? 12  VAL B N   1 
ATOM   906  C CA  . VAL B 1 12  ? 0.950   -13.151 -3.684  1.00 48.53  ? 12  VAL B CA  1 
ATOM   907  C C   . VAL B 1 12  ? -0.562  -13.264 -3.692  1.00 53.75  ? 12  VAL B C   1 
ATOM   908  O O   . VAL B 1 12  ? -1.122  -13.294 -2.609  1.00 58.54  ? 12  VAL B O   1 
ATOM   909  C CB  . VAL B 1 12  ? 1.533   -14.302 -2.852  1.00 51.39  ? 12  VAL B CB  1 
ATOM   910  C CG1 . VAL B 1 12  ? 2.006   -15.442 -3.725  1.00 54.55  ? 12  VAL B CG1 1 
ATOM   911  C CG2 . VAL B 1 12  ? 2.633   -13.838 -1.924  1.00 51.51  ? 12  VAL B CG2 1 
ATOM   912  N N   . GLY B 1 13  ? -1.175  -13.264 -4.866  1.00 53.50  ? 13  GLY B N   1 
ATOM   913  C CA  . GLY B 1 13  ? -2.617  -13.322 -4.971  1.00 56.04  ? 13  GLY B CA  1 
ATOM   914  C C   . GLY B 1 13  ? -2.976  -13.537 -6.417  1.00 62.04  ? 13  GLY B C   1 
ATOM   915  O O   . GLY B 1 13  ? -2.114  -13.524 -7.301  1.00 62.80  ? 13  GLY B O   1 
ATOM   916  N N   . ASN B 1 14  ? -4.275  -13.698 -6.648  1.00 66.75  ? 14  ASN B N   1 
ATOM   917  C CA  . ASN B 1 14  ? -4.810  -14.026 -7.961  1.00 68.12  ? 14  ASN B CA  1 
ATOM   918  C C   . ASN B 1 14  ? -5.559  -12.831 -8.530  1.00 67.02  ? 14  ASN B C   1 
ATOM   919  O O   . ASN B 1 14  ? -6.244  -12.106 -7.794  1.00 63.28  ? 14  ASN B O   1 
ATOM   920  C CB  . ASN B 1 14  ? -5.751  -15.227 -7.896  1.00 68.38  ? 14  ASN B CB  1 
ATOM   921  C CG  . ASN B 1 14  ? -5.340  -16.219 -6.850  1.00 73.01  ? 14  ASN B CG  1 
ATOM   922  O OD1 . ASN B 1 14  ? -5.299  -15.892 -5.660  1.00 77.93  ? 14  ASN B OD1 1 
ATOM   923  N ND2 . ASN B 1 14  ? -5.039  -17.448 -7.274  1.00 77.16  ? 14  ASN B ND2 1 
ATOM   924  N N   . LEU B 1 15  ? -5.422  -12.640 -9.841  1.00 64.69  ? 15  LEU B N   1 
ATOM   925  C CA  . LEU B 1 15  ? -6.077  -11.539 -10.535 1.00 64.85  ? 15  LEU B CA  1 
ATOM   926  C C   . LEU B 1 15  ? -7.597  -11.680 -10.496 1.00 68.99  ? 15  LEU B C   1 
ATOM   927  O O   . LEU B 1 15  ? -8.150  -12.779 -10.354 1.00 67.53  ? 15  LEU B O   1 
ATOM   928  C CB  . LEU B 1 15  ? -5.608  -11.441 -11.993 1.00 67.38  ? 15  LEU B CB  1 
ATOM   929  C CG  . LEU B 1 15  ? -4.148  -11.109 -12.352 1.00 64.16  ? 15  LEU B CG  1 
ATOM   930  C CD1 . LEU B 1 15  ? -3.145  -12.050 -11.687 1.00 61.68  ? 15  LEU B CD1 1 
ATOM   931  C CD2 . LEU B 1 15  ? -3.921  -11.015 -13.863 1.00 65.71  ? 15  LEU B CD2 1 
ATOM   932  N N   . GLY B 1 16  ? -8.271  -10.532 -10.576 1.00 72.78  ? 16  GLY B N   1 
ATOM   933  C CA  . GLY B 1 16  ? -9.715  -10.471 -10.696 1.00 70.23  ? 16  GLY B CA  1 
ATOM   934  C C   . GLY B 1 16  ? -10.143 -10.348 -12.151 1.00 76.39  ? 16  GLY B C   1 
ATOM   935  O O   . GLY B 1 16  ? -11.267 -10.719 -12.506 1.00 76.70  ? 16  GLY B O   1 
ATOM   936  N N   . GLN B 1 17  ? -9.273  -9.828  -13.004 1.00 70.79  ? 17  GLN B N   1 
ATOM   937  C CA  . GLN B 1 17  ? -9.681  -9.706  -14.418 1.00 71.17  ? 17  GLN B CA  1 
ATOM   938  C C   . GLN B 1 17  ? -8.427  -9.708  -15.278 1.00 73.78  ? 17  GLN B C   1 
ATOM   939  O O   . GLN B 1 17  ? -7.374  -9.369  -14.767 1.00 73.19  ? 17  GLN B O   1 
ATOM   940  C CB  . GLN B 1 17  ? -10.485 -8.422  -14.616 1.00 78.39  ? 17  GLN B CB  1 
ATOM   941  C CG  . GLN B 1 17  ? -11.278 -8.370  -15.914 1.00 81.36  ? 17  GLN B CG  1 
ATOM   942  C CD  . GLN B 1 17  ? -12.125 -9.591  -16.163 1.00 82.19  ? 17  GLN B CD  1 
ATOM   943  O OE1 . GLN B 1 17  ? -11.783 -10.454 -16.967 1.00 81.19  ? 17  GLN B OE1 1 
ATOM   944  N NE2 . GLN B 1 17  ? -13.259 -9.660  -15.486 1.00 76.48  ? 17  GLN B NE2 1 
ATOM   945  N N   . ASP B 1 18  ? -8.576  -10.038 -16.555 1.00 74.12  ? 18  ASP B N   1 
ATOM   946  C CA  . ASP B 1 18  ? -7.447  -10.072 -17.510 1.00 72.52  ? 18  ASP B CA  1 
ATOM   947  C C   . ASP B 1 18  ? -6.699  -8.746  -17.454 1.00 73.23  ? 18  ASP B C   1 
ATOM   948  O O   . ASP B 1 18  ? -7.340  -7.696  -17.516 1.00 75.21  ? 18  ASP B O   1 
ATOM   949  C CB  . ASP B 1 18  ? -7.951  -10.271 -18.935 1.00 75.58  ? 18  ASP B CB  1 
ATOM   950  C CG  . ASP B 1 18  ? -8.431  -11.677 -19.201 1.00 83.86  ? 18  ASP B CG  1 
ATOM   951  O OD1 . ASP B 1 18  ? -8.476  -12.466 -18.246 1.00 80.81  ? 18  ASP B OD1 1 
ATOM   952  O OD2 . ASP B 1 18  ? -8.754  -11.961 -20.359 1.00 88.66  ? 18  ASP B OD2 1 
ATOM   953  N N   . PRO B 1 19  ? -5.358  -8.768  -17.410 1.00 71.71  ? 19  PRO B N   1 
ATOM   954  C CA  . PRO B 1 19  ? -4.560  -7.554  -17.377 1.00 70.96  ? 19  PRO B CA  1 
ATOM   955  C C   . PRO B 1 19  ? -4.862  -6.586  -18.524 1.00 75.71  ? 19  PRO B C   1 
ATOM   956  O O   . PRO B 1 19  ? -5.088  -7.005  -19.622 1.00 80.03  ? 19  PRO B O   1 
ATOM   957  C CB  . PRO B 1 19  ? -3.125  -8.052  -17.546 1.00 67.31  ? 19  PRO B CB  1 
ATOM   958  C CG  . PRO B 1 19  ? -3.272  -9.467  -18.019 1.00 75.10  ? 19  PRO B CG  1 
ATOM   959  C CD  . PRO B 1 19  ? -4.542  -9.961  -17.367 1.00 76.19  ? 19  PRO B CD  1 
ATOM   960  N N   . GLU B 1 20  ? -4.819  -5.301  -18.201 1.00 73.68  ? 20  GLU B N   1 
ATOM   961  C CA  . GLU B 1 20  ? -5.054  -4.201  -19.124 1.00 79.04  ? 20  GLU B CA  1 
ATOM   962  C C   . GLU B 1 20  ? -3.724  -3.570  -19.511 1.00 77.42  ? 20  GLU B C   1 
ATOM   963  O O   . GLU B 1 20  ? -3.136  -2.819  -18.727 1.00 79.35  ? 20  GLU B O   1 
ATOM   964  C CB  . GLU B 1 20  ? -5.986  -3.180  -18.474 1.00 82.97  ? 20  GLU B CB  1 
ATOM   965  C CG  . GLU B 1 20  ? -7.421  -3.683  -18.293 1.00 92.32  ? 20  GLU B CG  1 
ATOM   966  C CD  . GLU B 1 20  ? -7.988  -4.441  -19.514 1.00 102.69 ? 20  GLU B CD  1 
ATOM   967  O OE1 . GLU B 1 20  ? -7.625  -4.141  -20.685 1.00 106.63 ? 20  GLU B OE1 1 
ATOM   968  O OE2 . GLU B 1 20  ? -8.779  -5.387  -19.282 1.00 101.07 ? 20  GLU B OE2 1 
ATOM   969  N N   . VAL B 1 21  ? -3.278  -3.835  -20.731 1.00 74.92  ? 21  VAL B N   1 
ATOM   970  C CA  . VAL B 1 21  ? -2.025  -3.302  -21.254 1.00 74.44  ? 21  VAL B CA  1 
ATOM   971  C C   . VAL B 1 21  ? -2.322  -2.271  -22.339 1.00 82.35  ? 21  VAL B C   1 
ATOM   972  O O   . VAL B 1 21  ? -3.169  -2.507  -23.211 1.00 89.03  ? 21  VAL B O   1 
ATOM   973  C CB  . VAL B 1 21  ? -1.150  -4.437  -21.792 1.00 80.96  ? 21  VAL B CB  1 
ATOM   974  C CG1 . VAL B 1 21  ? -2.000  -5.351  -22.667 1.00 84.99  ? 21  VAL B CG1 1 
ATOM   975  C CG2 . VAL B 1 21  ? 0.004   -3.858  -22.596 1.00 86.28  ? 21  VAL B CG2 1 
ATOM   976  N N   . ARG B 1 22  ? -1.646  -1.121  -22.270 1.00 80.17  ? 22  ARG B N   1 
ATOM   977  C CA  . ARG B 1 22  ? -1.759  -0.050  -23.271 1.00 86.71  ? 22  ARG B CA  1 
ATOM   978  C C   . ARG B 1 22  ? -0.344  0.478   -23.537 1.00 83.46  ? 22  ARG B C   1 
ATOM   979  O O   . ARG B 1 22  ? 0.641   -0.197  -23.231 1.00 85.30  ? 22  ARG B O   1 
ATOM   980  C CB  . ARG B 1 22  ? -2.762  1.036   -22.837 1.00 91.78  ? 22  ARG B CB  1 
ATOM   981  C CG  . ARG B 1 22  ? -2.290  1.927   -21.706 1.00 91.55  ? 22  ARG B CG  1 
ATOM   982  C CD  . ARG B 1 22  ? -3.287  3.014   -21.306 1.00 92.91  ? 22  ARG B CD  1 
ATOM   983  N NE  . ARG B 1 22  ? -2.557  4.050   -20.585 1.00 95.43  ? 22  ARG B NE  1 
ATOM   984  C CZ  . ARG B 1 22  ? -2.235  3.980   -19.298 1.00 90.39  ? 22  ARG B CZ  1 
ATOM   985  N NH1 . ARG B 1 22  ? -2.560  2.926   -18.561 1.00 81.97  ? 22  ARG B NH1 1 
ATOM   986  N NH2 . ARG B 1 22  ? -1.527  4.967   -18.749 1.00 84.72  ? 22  ARG B NH2 1 
ATOM   987  N N   . TYR B 1 23  ? -0.231  1.644   -24.185 1.00 86.92  ? 23  TYR B N   1 
ATOM   988  C CA  . TYR B 1 23  ? 1.058   2.247   -24.538 1.00 89.28  ? 23  TYR B CA  1 
ATOM   989  C C   . TYR B 1 23  ? 0.943   3.772   -24.436 1.00 97.02  ? 23  TYR B C   1 
ATOM   990  O O   . TYR B 1 23  ? -0.143  4.314   -24.210 1.00 100.64 ? 23  TYR B O   1 
ATOM   991  C CB  . TYR B 1 23  ? 1.515   1.816   -25.943 1.00 90.09  ? 23  TYR B CB  1 
ATOM   992  C CG  . TYR B 1 23  ? 1.842   0.337   -26.091 1.00 84.19  ? 23  TYR B CG  1 
ATOM   993  C CD1 . TYR B 1 23  ? 0.837   -0.593  -26.352 1.00 78.70  ? 23  TYR B CD1 1 
ATOM   994  C CD2 . TYR B 1 23  ? 3.159   -0.119  -26.036 1.00 83.02  ? 23  TYR B CD2 1 
ATOM   995  C CE1 . TYR B 1 23  ? 1.127   -1.939  -26.501 1.00 79.98  ? 23  TYR B CE1 1 
ATOM   996  C CE2 . TYR B 1 23  ? 3.459   -1.466  -26.193 1.00 80.89  ? 23  TYR B CE2 1 
ATOM   997  C CZ  . TYR B 1 23  ? 2.434   -2.370  -26.420 1.00 79.28  ? 23  TYR B CZ  1 
ATOM   998  O OH  . TYR B 1 23  ? 2.707   -3.709  -26.573 1.00 77.51  ? 23  TYR B OH  1 
ATOM   999  N N   . MET B 1 24  ? 2.078   4.473   -24.536 1.00 97.63  ? 24  MET B N   1 
ATOM   1000 C CA  . MET B 1 24  ? 2.051   5.955   -24.566 1.00 94.83  ? 24  MET B CA  1 
ATOM   1001 C C   . MET B 1 24  ? 2.594   6.535   -25.879 1.00 85.16  ? 24  MET B C   1 
ATOM   1002 O O   . MET B 1 24  ? 3.588   6.054   -26.432 1.00 87.95  ? 24  MET B O   1 
ATOM   1003 C CB  . MET B 1 24  ? 2.846   6.558   -23.396 1.00 99.41  ? 24  MET B CB  1 
ATOM   1004 C CG  . MET B 1 24  ? 2.153   6.494   -22.023 1.00 103.83 ? 24  MET B CG  1 
ATOM   1005 S SD  . MET B 1 24  ? 2.861   5.277   -20.867 1.00 114.00 ? 24  MET B SD  1 
ATOM   1006 C CE  . MET B 1 24  ? 4.507   5.959   -20.561 1.00 93.95  ? 24  MET B CE  1 
ATOM   1007 N N   . GLY B 1 27  ? 5.840   6.589   -25.776 1.00 80.19  ? 27  GLY B N   1 
ATOM   1008 C CA  . GLY B 1 27  ? 6.176   5.982   -24.499 1.00 89.46  ? 27  GLY B CA  1 
ATOM   1009 C C   . GLY B 1 27  ? 6.095   4.458   -24.435 1.00 96.42  ? 27  GLY B C   1 
ATOM   1010 O O   . GLY B 1 27  ? 5.407   3.815   -25.247 1.00 91.02  ? 27  GLY B O   1 
ATOM   1011 N N   . GLY B 1 28  ? 6.827   3.898   -23.454 1.00 99.92  ? 28  GLY B N   1 
ATOM   1012 C CA  . GLY B 1 28  ? 6.873   2.465   -23.188 1.00 93.94  ? 28  GLY B CA  1 
ATOM   1013 C C   . GLY B 1 28  ? 5.560   1.880   -22.674 1.00 93.16  ? 28  GLY B C   1 
ATOM   1014 O O   . GLY B 1 28  ? 4.651   2.579   -22.222 1.00 93.90  ? 28  GLY B O   1 
ATOM   1015 N N   . ALA B 1 29  ? 5.485   0.549   -22.699 1.00 83.54  ? 29  ALA B N   1 
ATOM   1016 C CA  . ALA B 1 29  ? 4.229   -0.131  -22.402 1.00 77.88  ? 29  ALA B CA  1 
ATOM   1017 C C   . ALA B 1 29  ? 3.901   -0.052  -20.917 1.00 75.89  ? 29  ALA B C   1 
ATOM   1018 O O   . ALA B 1 29  ? 4.792   -0.080  -20.066 1.00 83.33  ? 29  ALA B O   1 
ATOM   1019 C CB  . ALA B 1 29  ? 4.302   -1.591  -22.841 1.00 78.46  ? 29  ALA B CB  1 
ATOM   1020 N N   . VAL B 1 30  ? 2.604   0.068   -20.614 1.00 74.74  ? 30  VAL B N   1 
ATOM   1021 C CA  . VAL B 1 30  ? 2.082   0.090   -19.251 1.00 66.34  ? 30  VAL B CA  1 
ATOM   1022 C C   . VAL B 1 30  ? 1.027   -0.995  -19.106 1.00 65.60  ? 30  VAL B C   1 
ATOM   1023 O O   . VAL B 1 30  ? 0.184   -1.174  -19.990 1.00 71.84  ? 30  VAL B O   1 
ATOM   1024 C CB  . VAL B 1 30  ? 1.478   1.471   -18.927 1.00 66.84  ? 30  VAL B CB  1 
ATOM   1025 C CG1 . VAL B 1 30  ? 0.561   1.385   -17.728 1.00 66.61  ? 30  VAL B CG1 1 
ATOM   1026 C CG2 . VAL B 1 30  ? 2.576   2.514   -18.742 1.00 68.72  ? 30  VAL B CG2 1 
ATOM   1027 N N   . ALA B 1 31  ? 1.039   -1.688  -17.968 1.00 62.74  ? 31  ALA B N   1 
ATOM   1028 C CA  . ALA B 1 31  ? 0.090   -2.763  -17.714 1.00 64.90  ? 31  ALA B CA  1 
ATOM   1029 C C   . ALA B 1 31  ? -0.524  -2.581  -16.342 1.00 68.09  ? 31  ALA B C   1 
ATOM   1030 O O   . ALA B 1 31  ? 0.201   -2.537  -15.343 1.00 67.38  ? 31  ALA B O   1 
ATOM   1031 C CB  . ALA B 1 31  ? 0.758   -4.130  -17.798 1.00 64.38  ? 31  ALA B CB  1 
ATOM   1032 N N   . ASN B 1 32  ? -1.855  -2.518  -16.299 1.00 71.58  ? 32  ASN B N   1 
ATOM   1033 C CA  . ASN B 1 32  ? -2.627  -2.420  -15.068 1.00 66.33  ? 32  ASN B CA  1 
ATOM   1034 C C   . ASN B 1 32  ? -3.375  -3.721  -14.818 1.00 68.54  ? 32  ASN B C   1 
ATOM   1035 O O   . ASN B 1 32  ? -4.042  -4.241  -15.723 1.00 73.87  ? 32  ASN B O   1 
ATOM   1036 C CB  . ASN B 1 32  ? -3.628  -1.266  -15.150 1.00 59.34  ? 32  ASN B CB  1 
ATOM   1037 C CG  . ASN B 1 32  ? -3.047  0.052   -14.676 1.00 63.35  ? 32  ASN B CG  1 
ATOM   1038 O OD1 . ASN B 1 32  ? -2.680  0.904   -15.489 1.00 69.35  ? 32  ASN B OD1 1 
ATOM   1039 N ND2 . ASN B 1 32  ? -2.985  0.243   -13.359 1.00 59.81  ? 32  ASN B ND2 1 
ATOM   1040 N N   . LEU B 1 33  ? -3.306  -4.212  -13.583 1.00 60.08  ? 33  LEU B N   1 
ATOM   1041 C CA  . LEU B 1 33  ? -4.119  -5.343  -13.170 1.00 63.00  ? 33  LEU B CA  1 
ATOM   1042 C C   . LEU B 1 33  ? -4.415  -5.212  -11.685 1.00 63.32  ? 33  LEU B C   1 
ATOM   1043 O O   . LEU B 1 33  ? -3.780  -4.428  -10.972 1.00 62.08  ? 33  LEU B O   1 
ATOM   1044 C CB  . LEU B 1 33  ? -3.430  -6.668  -13.460 1.00 65.20  ? 33  LEU B CB  1 
ATOM   1045 C CG  . LEU B 1 33  ? -2.005  -6.748  -12.939 1.00 59.76  ? 33  LEU B CG  1 
ATOM   1046 C CD1 . LEU B 1 33  ? -1.992  -7.159  -11.487 1.00 62.08  ? 33  LEU B CD1 1 
ATOM   1047 C CD2 . LEU B 1 33  ? -1.221  -7.743  -13.773 1.00 62.58  ? 33  LEU B CD2 1 
ATOM   1048 N N   . THR B 1 34  ? -5.362  -6.028  -11.216 1.00 59.81  ? 34  THR B N   1 
ATOM   1049 C CA  . THR B 1 34  ? -5.806  -6.018  -9.827  1.00 59.40  ? 34  THR B CA  1 
ATOM   1050 C C   . THR B 1 34  ? -5.873  -7.459  -9.337  1.00 62.54  ? 34  THR B C   1 
ATOM   1051 O O   . THR B 1 34  ? -6.450  -8.311  -10.019 1.00 65.13  ? 34  THR B O   1 
ATOM   1052 C CB  . THR B 1 34  ? -7.170  -5.306  -9.682  1.00 61.81  ? 34  THR B CB  1 
ATOM   1053 O OG1 . THR B 1 34  ? -8.209  -6.091  -10.273 1.00 66.76  ? 34  THR B OG1 1 
ATOM   1054 C CG2 . THR B 1 34  ? -7.160  -3.949  -10.370 1.00 63.01  ? 34  THR B CG2 1 
ATOM   1055 N N   . LEU B 1 35  ? -5.251  -7.743  -8.181  1.00 61.26  ? 35  LEU B N   1 
ATOM   1056 C CA  . LEU B 1 35  ? -5.217  -9.094  -7.622  1.00 58.74  ? 35  LEU B CA  1 
ATOM   1057 C C   . LEU B 1 35  ? -5.734  -9.094  -6.193  1.00 54.46  ? 35  LEU B C   1 
ATOM   1058 O O   . LEU B 1 35  ? -5.790  -8.056  -5.532  1.00 57.68  ? 35  LEU B O   1 
ATOM   1059 C CB  . LEU B 1 35  ? -3.812  -9.714  -7.666  1.00 57.02  ? 35  LEU B CB  1 
ATOM   1060 C CG  . LEU B 1 35  ? -2.570  -8.922  -7.279  1.00 52.70  ? 35  LEU B CG  1 
ATOM   1061 C CD1 . LEU B 1 35  ? -2.545  -8.651  -5.816  1.00 55.25  ? 35  LEU B CD1 1 
ATOM   1062 C CD2 . LEU B 1 35  ? -1.373  -9.727  -7.650  1.00 50.54  ? 35  LEU B CD2 1 
ATOM   1063 N N   . ALA B 1 36  ? -6.078  -10.286 -5.709  1.00 51.56  ? 36  ALA B N   1 
ATOM   1064 C CA  . ALA B 1 36  ? -6.864  -10.423 -4.499  1.00 49.42  ? 36  ALA B CA  1 
ATOM   1065 C C   . ALA B 1 36  ? -6.099  -11.147 -3.408  1.00 52.66  ? 36  ALA B C   1 
ATOM   1066 O O   . ALA B 1 36  ? -5.442  -12.160 -3.659  1.00 60.23  ? 36  ALA B O   1 
ATOM   1067 C CB  . ALA B 1 36  ? -8.146  -11.173 -4.791  1.00 53.20  ? 36  ALA B CB  1 
ATOM   1068 N N   . THR B 1 37  ? -6.209  -10.637 -2.191  1.00 50.42  ? 37  THR B N   1 
ATOM   1069 C CA  . THR B 1 37  ? -5.722  -11.333 -1.015  1.00 51.25  ? 37  THR B CA  1 
ATOM   1070 C C   . THR B 1 37  ? -6.887  -11.533 -0.056  1.00 56.38  ? 37  THR B C   1 
ATOM   1071 O O   . THR B 1 37  ? -7.578  -10.572 0.295   1.00 58.15  ? 37  THR B O   1 
ATOM   1072 C CB  . THR B 1 37  ? -4.588  -10.552 -0.356  1.00 50.48  ? 37  THR B CB  1 
ATOM   1073 O OG1 . THR B 1 37  ? -5.128  -9.459  0.393   1.00 49.97  ? 37  THR B OG1 1 
ATOM   1074 C CG2 . THR B 1 37  ? -3.648  -10.018 -1.413  1.00 46.47  ? 37  THR B CG2 1 
ATOM   1075 N N   . SER B 1 38  ? -7.095  -12.775 0.371   1.00 62.35  ? 38  SER B N   1 
ATOM   1076 C CA  . SER B 1 38  ? -8.199  -13.139 1.248   1.00 64.65  ? 38  SER B CA  1 
ATOM   1077 C C   . SER B 1 38  ? -7.699  -13.484 2.641   1.00 70.40  ? 38  SER B C   1 
ATOM   1078 O O   . SER B 1 38  ? -6.527  -13.806 2.854   1.00 70.13  ? 38  SER B O   1 
ATOM   1079 C CB  . SER B 1 38  ? -8.974  -14.339 0.699   1.00 68.01  ? 38  SER B CB  1 
ATOM   1080 O OG  . SER B 1 38  ? -10.111 -13.939 -0.039  1.00 69.78  ? 38  SER B OG  1 
ATOM   1081 N N   . GLU B 1 39  ? -8.613  -13.415 3.605   1.00 70.47  ? 39  GLU B N   1 
ATOM   1082 C CA  . GLU B 1 39  ? -8.243  -13.640 5.019   1.00 69.76  ? 39  GLU B CA  1 
ATOM   1083 C C   . GLU B 1 39  ? -9.441  -14.149 5.815   1.00 80.12  ? 39  GLU B C   1 
ATOM   1084 O O   . GLU B 1 39  ? -10.571 -13.901 5.399   1.00 81.63  ? 39  GLU B O   1 
ATOM   1085 C CB  . GLU B 1 39  ? -7.854  -12.297 5.616   1.00 62.48  ? 39  GLU B CB  1 
ATOM   1086 C CG  . GLU B 1 39  ? -6.998  -12.416 6.844   1.00 68.22  ? 39  GLU B CG  1 
ATOM   1087 C CD  . GLU B 1 39  ? -5.936  -11.348 6.818   1.00 72.24  ? 39  GLU B CD  1 
ATOM   1088 O OE1 . GLU B 1 39  ? -5.543  -10.975 5.713   1.00 69.27  ? 39  GLU B OE1 1 
ATOM   1089 O OE2 . GLU B 1 39  ? -5.537  -10.882 7.891   1.00 70.34  ? 39  GLU B OE2 1 
ATOM   1090 N N   . SER B 1 40  ? -9.179  -14.821 6.936   1.00 84.87  ? 40  SER B N   1 
ATOM   1091 C CA  . SER B 1 40  ? -10.267 -15.341 7.798   1.00 87.93  ? 40  SER B CA  1 
ATOM   1092 C C   . SER B 1 40  ? -10.000 -14.964 9.255   1.00 90.13  ? 40  SER B C   1 
ATOM   1093 O O   . SER B 1 40  ? -8.829  -14.965 9.643   1.00 81.10  ? 40  SER B O   1 
ATOM   1094 C CB  . SER B 1 40  ? -10.433 -16.813 7.627   1.00 83.98  ? 40  SER B CB  1 
ATOM   1095 O OG  . SER B 1 40  ? -10.898 -17.108 6.321   1.00 84.61  ? 40  SER B OG  1 
ATOM   1096 N N   . TRP B 1 41  ? -11.056 -14.617 10.000  1.00 97.15  ? 41  TRP B N   1 
ATOM   1097 C CA  . TRP B 1 41  ? -10.940 -14.246 11.437  1.00 100.34 ? 41  TRP B CA  1 
ATOM   1098 C C   . TRP B 1 41  ? -12.243 -14.574 12.171  1.00 104.98 ? 41  TRP B C   1 
ATOM   1099 O O   . TRP B 1 41  ? -13.300 -14.545 11.523  1.00 100.54 ? 41  TRP B O   1 
ATOM   1100 C CB  . TRP B 1 41  ? -10.540 -12.781 11.599  1.00 97.07  ? 41  TRP B CB  1 
ATOM   1101 C CG  . TRP B 1 41  ? -11.325 -11.845 10.740  1.00 103.43 ? 41  TRP B CG  1 
ATOM   1102 C CD1 . TRP B 1 41  ? -11.534 -11.933 9.397   1.00 101.40 ? 41  TRP B CD1 1 
ATOM   1103 C CD2 . TRP B 1 41  ? -11.999 -10.656 11.174  1.00 107.35 ? 41  TRP B CD2 1 
ATOM   1104 N NE1 . TRP B 1 41  ? -12.301 -10.887 8.966   1.00 98.91  ? 41  TRP B NE1 1 
ATOM   1105 C CE2 . TRP B 1 41  ? -12.602 -10.089 10.035  1.00 107.11 ? 41  TRP B CE2 1 
ATOM   1106 C CE3 . TRP B 1 41  ? -12.153 -10.022 12.409  1.00 105.62 ? 41  TRP B CE3 1 
ATOM   1107 C CZ2 . TRP B 1 41  ? -13.343 -8.912  10.103  1.00 110.74 ? 41  TRP B CZ2 1 
ATOM   1108 C CZ3 . TRP B 1 41  ? -12.888 -8.862  12.476  1.00 105.02 ? 41  TRP B CZ3 1 
ATOM   1109 C CH2 . TRP B 1 41  ? -13.473 -8.316  11.336  1.00 109.57 ? 41  TRP B CH2 1 
ATOM   1110 N N   . ARG B 1 42  ? -12.144 -14.810 13.487  1.00 110.44 ? 42  ARG B N   1 
ATOM   1111 C CA  . ARG B 1 42  ? -13.266 -15.253 14.364  1.00 109.46 ? 42  ARG B CA  1 
ATOM   1112 C C   . ARG B 1 42  ? -14.080 -14.098 14.953  1.00 103.63 ? 42  ARG B C   1 
ATOM   1113 O O   . ARG B 1 42  ? -13.739 -12.939 14.723  1.00 101.86 ? 42  ARG B O   1 
ATOM   1114 C CB  . ARG B 1 42  ? -12.712 -16.056 15.544  1.00 111.65 ? 42  ARG B CB  1 
ATOM   1115 C CG  . ARG B 1 42  ? -12.086 -17.390 15.168  1.00 112.75 ? 42  ARG B CG  1 
ATOM   1116 C CD  . ARG B 1 42  ? -12.900 -18.513 15.768  1.00 114.45 ? 42  ARG B CD  1 
ATOM   1117 N NE  . ARG B 1 42  ? -14.320 -18.250 15.592  1.00 119.48 ? 42  ARG B NE  1 
ATOM   1118 C CZ  . ARG B 1 42  ? -15.266 -19.177 15.593  1.00 113.03 ? 42  ARG B CZ  1 
ATOM   1119 N NH1 . ARG B 1 42  ? -14.947 -20.450 15.753  1.00 101.74 ? 42  ARG B NH1 1 
ATOM   1120 N NH2 . ARG B 1 42  ? -16.526 -18.825 15.422  1.00 108.16 ? 42  ARG B NH2 1 
ATOM   1121 N N   . ASP B 1 43  ? -15.106 -14.477 15.721  1.00 105.24 ? 43  ASP B N   1 
ATOM   1122 C CA  . ASP B 1 43  ? -16.083 -13.608 16.433  1.00 96.36  ? 43  ASP B CA  1 
ATOM   1123 C C   . ASP B 1 43  ? -17.010 -12.901 15.440  1.00 89.69  ? 43  ASP B C   1 
ATOM   1124 O O   . ASP B 1 43  ? -18.212 -12.835 15.756  1.00 85.88  ? 43  ASP B O   1 
ATOM   1125 C CB  . ASP B 1 43  ? -15.429 -12.669 17.445  1.00 90.70  ? 43  ASP B CB  1 
ATOM   1126 C CG  . ASP B 1 43  ? -16.459 -11.972 18.309  1.00 89.78  ? 43  ASP B CG  1 
ATOM   1127 O OD1 . ASP B 1 43  ? -17.646 -12.312 18.188  1.00 84.72  ? 43  ASP B OD1 1 
ATOM   1128 O OD2 . ASP B 1 43  ? -16.064 -11.098 19.085  1.00 91.55  ? 43  ASP B OD2 1 
ATOM   1129 N N   . MET B 1 49  ? -16.363 -16.881 11.581  1.00 99.10  ? 49  MET B N   1 
ATOM   1130 C CA  . MET B 1 49  ? -15.352 -16.787 10.498  1.00 99.10  ? 49  MET B CA  1 
ATOM   1131 C C   . MET B 1 49  ? -15.798 -15.762 9.463   1.00 106.18 ? 49  MET B C   1 
ATOM   1132 O O   . MET B 1 49  ? -16.822 -15.995 8.794   1.00 102.56 ? 49  MET B O   1 
ATOM   1133 C CB  . MET B 1 49  ? -15.154 -18.121 9.785   1.00 100.20 ? 49  MET B CB  1 
ATOM   1134 C CG  . MET B 1 49  ? -13.718 -18.513 9.735   1.00 94.88  ? 49  MET B CG  1 
ATOM   1135 S SD  . MET B 1 49  ? -13.158 -18.528 11.428  1.00 113.92 ? 49  MET B SD  1 
ATOM   1136 C CE  . MET B 1 49  ? -14.694 -18.928 12.255  1.00 98.05  ? 49  MET B CE  1 
ATOM   1137 N N   . LYS B 1 50  ? -15.030 -14.684 9.336   1.00 105.88 ? 50  LYS B N   1 
ATOM   1138 C CA  . LYS B 1 50  ? -15.348 -13.630 8.348   1.00 100.72 ? 50  LYS B CA  1 
ATOM   1139 C C   . LYS B 1 50  ? -14.316 -13.720 7.231   1.00 97.30  ? 50  LYS B C   1 
ATOM   1140 O O   . LYS B 1 50  ? -13.166 -13.985 7.548   1.00 96.85  ? 50  LYS B O   1 
ATOM   1141 C CB  . LYS B 1 50  ? -15.242 -12.261 9.022   1.00 99.12  ? 50  LYS B CB  1 
ATOM   1142 C CG  . LYS B 1 50  ? -16.568 -11.580 9.331   1.00 105.81 ? 50  LYS B CG  1 
ATOM   1143 C CD  . LYS B 1 50  ? -17.501 -11.520 8.137   1.00 107.26 ? 50  LYS B CD  1 
ATOM   1144 C CE  . LYS B 1 50  ? -18.621 -10.515 8.295   1.00 97.71  ? 50  LYS B CE  1 
ATOM   1145 N NZ  . LYS B 1 50  ? -19.854 -11.153 8.811   1.00 96.54  ? 50  LYS B NZ  1 
ATOM   1146 N N   . GLU B 1 51  ? -14.734 -13.572 5.975   1.00 93.50  ? 51  GLU B N   1 
ATOM   1147 C CA  . GLU B 1 51  ? -13.755 -13.541 4.861   1.00 89.09  ? 51  GLU B CA  1 
ATOM   1148 C C   . GLU B 1 51  ? -13.734 -12.109 4.339   1.00 88.20  ? 51  GLU B C   1 
ATOM   1149 O O   . GLU B 1 51  ? -14.802 -11.578 4.067   1.00 88.22  ? 51  GLU B O   1 
ATOM   1150 C CB  . GLU B 1 51  ? -14.131 -14.490 3.727   1.00 86.11  ? 51  GLU B CB  1 
ATOM   1151 C CG  . GLU B 1 51  ? -15.177 -13.922 2.787   1.00 90.67  ? 51  GLU B CG  1 
ATOM   1152 C CD  . GLU B 1 51  ? -14.659 -13.171 1.576   1.00 91.11  ? 51  GLU B CD  1 
ATOM   1153 O OE1 . GLU B 1 51  ? -15.325 -13.213 0.533   1.00 91.19  ? 51  GLU B OE1 1 
ATOM   1154 O OE2 . GLU B 1 51  ? -13.601 -12.544 1.681   1.00 86.89  ? 51  GLU B OE2 1 
ATOM   1155 N N   . GLN B 1 52  ? -12.555 -11.507 4.244   1.00 83.02  ? 52  GLN B N   1 
ATOM   1156 C CA  . GLN B 1 52  ? -12.474 -10.122 3.734   1.00 76.69  ? 52  GLN B CA  1 
ATOM   1157 C C   . GLN B 1 52  ? -11.458 -10.145 2.603   1.00 74.90  ? 52  GLN B C   1 
ATOM   1158 O O   . GLN B 1 52  ? -10.285 -10.372 2.878   1.00 73.85  ? 52  GLN B O   1 
ATOM   1159 C CB  . GLN B 1 52  ? -12.030 -9.192  4.859   1.00 75.47  ? 52  GLN B CB  1 
ATOM   1160 C CG  . GLN B 1 52  ? -12.187 -7.711  4.556   1.00 76.25  ? 52  GLN B CG  1 
ATOM   1161 C CD  . GLN B 1 52  ? -11.289 -6.872  5.432   1.00 81.62  ? 52  GLN B CD  1 
ATOM   1162 O OE1 . GLN B 1 52  ? -10.177 -6.523  5.060   1.00 78.22  ? 52  GLN B OE1 1 
ATOM   1163 N NE2 . GLN B 1 52  ? -11.761 -6.545  6.620   1.00 82.62  ? 52  GLN B NE2 1 
ATOM   1164 N N   . THR B 1 53  ? -11.919 -9.986  1.371   1.00 73.50  ? 53  THR B N   1 
ATOM   1165 C CA  . THR B 1 53  ? -10.989 -9.993  0.222   1.00 62.81  ? 53  THR B CA  1 
ATOM   1166 C C   . THR B 1 53  ? -10.460 -8.586  0.006   1.00 60.17  ? 53  THR B C   1 
ATOM   1167 O O   . THR B 1 53  ? -11.239 -7.644  0.099   1.00 69.11  ? 53  THR B O   1 
ATOM   1168 C CB  . THR B 1 53  ? -11.697 -10.431 -1.055  1.00 61.65  ? 53  THR B CB  1 
ATOM   1169 O OG1 . THR B 1 53  ? -12.169 -11.752 -0.810  1.00 68.13  ? 53  THR B OG1 1 
ATOM   1170 C CG2 . THR B 1 53  ? -10.780 -10.414 -2.251  1.00 53.69  ? 53  THR B CG2 1 
ATOM   1171 N N   . GLU B 1 54  ? -9.162  -8.472  -0.212  1.00 55.74  ? 54  GLU B N   1 
ATOM   1172 C CA  . GLU B 1 54  ? -8.547  -7.198  -0.496  1.00 50.47  ? 54  GLU B CA  1 
ATOM   1173 C C   . GLU B 1 54  ? -8.217  -7.176  -1.967  1.00 54.75  ? 54  GLU B C   1 
ATOM   1174 O O   . GLU B 1 54  ? -7.791  -8.193  -2.519  1.00 56.68  ? 54  GLU B O   1 
ATOM   1175 C CB  . GLU B 1 54  ? -7.278  -6.990  0.304   1.00 53.13  ? 54  GLU B CB  1 
ATOM   1176 C CG  . GLU B 1 54  ? -6.943  -5.562  0.396   1.00 52.91  ? 54  GLU B CG  1 
ATOM   1177 C CD  . GLU B 1 54  ? -8.107  -4.798  0.943   1.00 59.11  ? 54  GLU B CD  1 
ATOM   1178 O OE1 . GLU B 1 54  ? -8.695  -5.299  1.935   1.00 57.10  ? 54  GLU B OE1 1 
ATOM   1179 O OE2 . GLU B 1 54  ? -8.434  -3.720  0.378   1.00 61.08  ? 54  GLU B OE2 1 
ATOM   1180 N N   . TRP B 1 55  ? -8.435  -6.031  -2.594  1.00 52.81  ? 55  TRP B N   1 
ATOM   1181 C CA  . TRP B 1 55  ? -8.158  -5.849  -4.005  1.00 46.07  ? 55  TRP B CA  1 
ATOM   1182 C C   . TRP B 1 55  ? -7.090  -4.785  -4.120  1.00 54.58  ? 55  TRP B C   1 
ATOM   1183 O O   . TRP B 1 55  ? -7.140  -3.767  -3.422  1.00 62.74  ? 55  TRP B O   1 
ATOM   1184 C CB  . TRP B 1 55  ? -9.406  -5.435  -4.763  1.00 51.83  ? 55  TRP B CB  1 
ATOM   1185 C CG  . TRP B 1 55  ? -10.434 -6.490  -4.724  1.00 52.16  ? 55  TRP B CG  1 
ATOM   1186 C CD1 . TRP B 1 55  ? -11.413 -6.638  -3.792  1.00 55.67  ? 55  TRP B CD1 1 
ATOM   1187 C CD2 . TRP B 1 55  ? -10.574 -7.585  -5.635  1.00 53.29  ? 55  TRP B CD2 1 
ATOM   1188 N NE1 . TRP B 1 55  ? -12.161 -7.761  -4.067  1.00 56.95  ? 55  TRP B NE1 1 
ATOM   1189 C CE2 . TRP B 1 55  ? -11.662 -8.359  -5.195  1.00 54.71  ? 55  TRP B CE2 1 
ATOM   1190 C CE3 . TRP B 1 55  ? -9.883  -7.986  -6.782  1.00 59.01  ? 55  TRP B CE3 1 
ATOM   1191 C CZ2 . TRP B 1 55  ? -12.077 -9.509  -5.861  1.00 55.96  ? 55  TRP B CZ2 1 
ATOM   1192 C CZ3 . TRP B 1 55  ? -10.299 -9.129  -7.447  1.00 57.56  ? 55  TRP B CZ3 1 
ATOM   1193 C CH2 . TRP B 1 55  ? -11.384 -9.874  -6.984  1.00 58.70  ? 55  TRP B CH2 1 
ATOM   1194 N N   . HIS B 1 56  ? -6.122  -5.026  -4.992  1.00 54.48  ? 56  HIS B N   1 
ATOM   1195 C CA  . HIS B 1 56  ? -4.869  -4.283  -4.995  1.00 55.04  ? 56  HIS B CA  1 
ATOM   1196 C C   . HIS B 1 56  ? -4.619  -3.761  -6.400  1.00 59.23  ? 56  HIS B C   1 
ATOM   1197 O O   . HIS B 1 56  ? -4.433  -4.554  -7.325  1.00 61.25  ? 56  HIS B O   1 
ATOM   1198 C CB  . HIS B 1 56  ? -3.710  -5.177  -4.555  1.00 50.96  ? 56  HIS B CB  1 
ATOM   1199 C CG  . HIS B 1 56  ? -3.797  -5.663  -3.143  1.00 48.46  ? 56  HIS B CG  1 
ATOM   1200 N ND1 . HIS B 1 56  ? -3.185  -5.016  -2.091  1.00 50.57  ? 56  HIS B ND1 1 
ATOM   1201 C CD2 . HIS B 1 56  ? -4.401  -6.751  -2.609  1.00 51.57  ? 56  HIS B CD2 1 
ATOM   1202 C CE1 . HIS B 1 56  ? -3.407  -5.682  -0.972  1.00 49.49  ? 56  HIS B CE1 1 
ATOM   1203 N NE2 . HIS B 1 56  ? -4.145  -6.741  -1.260  1.00 50.68  ? 56  HIS B NE2 1 
ATOM   1204 N N   . ARG B 1 57  ? -4.612  -2.443  -6.572  1.00 61.16  ? 57  ARG B N   1 
ATOM   1205 C CA  . ARG B 1 57  ? -4.320  -1.877  -7.885  1.00 61.18  ? 57  ARG B CA  1 
ATOM   1206 C C   . ARG B 1 57  ? -2.820  -1.987  -8.130  1.00 53.03  ? 57  ARG B C   1 
ATOM   1207 O O   . ARG B 1 57  ? -2.029  -1.408  -7.385  1.00 56.71  ? 57  ARG B O   1 
ATOM   1208 C CB  . ARG B 1 57  ? -4.788  -0.419  -7.977  1.00 66.73  ? 57  ARG B CB  1 
ATOM   1209 C CG  . ARG B 1 57  ? -6.276  -0.229  -8.355  1.00 71.04  ? 57  ARG B CG  1 
ATOM   1210 C CD  . ARG B 1 57  ? -6.935  0.835   -7.477  1.00 71.17  ? 57  ARG B CD  1 
ATOM   1211 N NE  . ARG B 1 57  ? -6.447  0.727   -6.102  1.00 77.49  ? 57  ARG B NE  1 
ATOM   1212 C CZ  . ARG B 1 57  ? -6.955  -0.071  -5.164  1.00 79.44  ? 57  ARG B CZ  1 
ATOM   1213 N NH1 . ARG B 1 57  ? -8.009  -0.841  -5.403  1.00 77.03  ? 57  ARG B NH1 1 
ATOM   1214 N NH2 . ARG B 1 57  ? -6.388  -0.100  -3.954  1.00 71.21  ? 57  ARG B NH2 1 
ATOM   1215 N N   . VAL B 1 58  ? -2.422  -2.738  -9.153  1.00 50.00  ? 58  VAL B N   1 
ATOM   1216 C CA  . VAL B 1 58  ? -1.014  -3.002  -9.432  1.00 53.43  ? 58  VAL B CA  1 
ATOM   1217 C C   . VAL B 1 58  ? -0.676  -2.482  -10.822 1.00 57.64  ? 58  VAL B C   1 
ATOM   1218 O O   . VAL B 1 58  ? -1.471  -2.649  -11.753 1.00 60.97  ? 58  VAL B O   1 
ATOM   1219 C CB  . VAL B 1 58  ? -0.706  -4.506  -9.351  1.00 55.07  ? 58  VAL B CB  1 
ATOM   1220 C CG1 . VAL B 1 58  ? 0.628   -4.790  -9.988  1.00 55.66  ? 58  VAL B CG1 1 
ATOM   1221 C CG2 . VAL B 1 58  ? -0.774  -5.007  -7.924  1.00 56.86  ? 58  VAL B CG2 1 
ATOM   1222 N N   . VAL B 1 59  ? 0.517   -1.900  -10.981 1.00 55.50  ? 59  VAL B N   1 
ATOM   1223 C CA  . VAL B 1 59  ? 0.924   -1.337  -12.266 1.00 57.09  ? 59  VAL B CA  1 
ATOM   1224 C C   . VAL B 1 59  ? 2.408   -1.597  -12.518 1.00 59.33  ? 59  VAL B C   1 
ATOM   1225 O O   . VAL B 1 59  ? 3.257   -1.327  -11.660 1.00 60.08  ? 59  VAL B O   1 
ATOM   1226 C CB  . VAL B 1 59  ? 0.596   0.172   -12.352 1.00 59.14  ? 59  VAL B CB  1 
ATOM   1227 C CG1 . VAL B 1 59  ? 1.312   0.965   -11.251 1.00 62.11  ? 59  VAL B CG1 1 
ATOM   1228 C CG2 . VAL B 1 59  ? 0.969   0.720   -13.717 1.00 59.24  ? 59  VAL B CG2 1 
ATOM   1229 N N   . MET B 1 60  ? 2.712   -2.120  -13.707 1.00 58.21  ? 60  MET B N   1 
ATOM   1230 C CA  . MET B 1 60  ? 4.045   -2.468  -14.164 1.00 55.65  ? 60  MET B CA  1 
ATOM   1231 C C   . MET B 1 60  ? 4.313   -1.752  -15.470 1.00 63.69  ? 60  MET B C   1 
ATOM   1232 O O   . MET B 1 60  ? 3.396   -1.278  -16.136 1.00 69.99  ? 60  MET B O   1 
ATOM   1233 C CB  . MET B 1 60  ? 4.166   -3.960  -14.369 1.00 55.89  ? 60  MET B CB  1 
ATOM   1234 C CG  . MET B 1 60  ? 3.718   -4.680  -13.166 1.00 56.14  ? 60  MET B CG  1 
ATOM   1235 S SD  . MET B 1 60  ? 3.248   -6.375  -13.517 1.00 66.12  ? 60  MET B SD  1 
ATOM   1236 C CE  . MET B 1 60  ? 4.012   -6.684  -15.097 1.00 68.49  ? 60  MET B CE  1 
ATOM   1237 N N   . PHE B 1 61  ? 5.575   -1.691  -15.858 1.00 65.70  ? 61  PHE B N   1 
ATOM   1238 C CA  . PHE B 1 61  ? 5.934   -0.932  -17.040 1.00 67.95  ? 61  PHE B CA  1 
ATOM   1239 C C   . PHE B 1 61  ? 6.933   -1.733  -17.845 1.00 76.03  ? 61  PHE B C   1 
ATOM   1240 O O   . PHE B 1 61  ? 7.573   -2.660  -17.336 1.00 81.15  ? 61  PHE B O   1 
ATOM   1241 C CB  . PHE B 1 61  ? 6.554   0.430   -16.708 1.00 62.49  ? 61  PHE B CB  1 
ATOM   1242 C CG  . PHE B 1 61  ? 5.765   1.239   -15.742 1.00 57.87  ? 61  PHE B CG  1 
ATOM   1243 C CD1 . PHE B 1 61  ? 5.859   1.010   -14.386 1.00 60.96  ? 61  PHE B CD1 1 
ATOM   1244 C CD2 . PHE B 1 61  ? 4.954   2.257   -16.186 1.00 63.29  ? 61  PHE B CD2 1 
ATOM   1245 C CE1 . PHE B 1 61  ? 5.133   1.768   -13.490 1.00 66.31  ? 61  PHE B CE1 1 
ATOM   1246 C CE2 . PHE B 1 61  ? 4.221   3.027   -15.296 1.00 65.92  ? 61  PHE B CE2 1 
ATOM   1247 C CZ  . PHE B 1 61  ? 4.311   2.785   -13.947 1.00 66.20  ? 61  PHE B CZ  1 
ATOM   1248 N N   . GLY B 1 62  ? 7.034   -1.363  -19.119 1.00 75.35  ? 62  GLY B N   1 
ATOM   1249 C CA  . GLY B 1 62  ? 8.063   -1.923  -19.975 1.00 80.95  ? 62  GLY B CA  1 
ATOM   1250 C C   . GLY B 1 62  ? 8.019   -3.436  -20.040 1.00 83.59  ? 62  GLY B C   1 
ATOM   1251 O O   . GLY B 1 62  ? 6.957   -4.062  -20.160 1.00 78.74  ? 62  GLY B O   1 
ATOM   1252 N N   . LYS B 1 63  ? 9.214   -4.019  -19.913 1.00 85.50  ? 63  LYS B N   1 
ATOM   1253 C CA  . LYS B 1 63  ? 9.419   -5.451  -20.088 1.00 79.55  ? 63  LYS B CA  1 
ATOM   1254 C C   . LYS B 1 63  ? 8.418   -6.259  -19.283 1.00 73.90  ? 63  LYS B C   1 
ATOM   1255 O O   . LYS B 1 63  ? 7.778   -7.179  -19.804 1.00 74.02  ? 63  LYS B O   1 
ATOM   1256 C CB  . LYS B 1 63  ? 10.850  -5.768  -19.653 1.00 79.20  ? 63  LYS B CB  1 
ATOM   1257 C CG  . LYS B 1 63  ? 11.355  -7.186  -19.784 1.00 81.86  ? 63  LYS B CG  1 
ATOM   1258 C CD  . LYS B 1 63  ? 11.020  -7.794  -21.104 1.00 87.48  ? 63  LYS B CD  1 
ATOM   1259 C CE  . LYS B 1 63  ? 10.592  -9.242  -20.918 1.00 90.48  ? 63  LYS B CE  1 
ATOM   1260 N NZ  . LYS B 1 63  ? 10.475  -10.005 -22.196 1.00 89.44  ? 63  LYS B NZ  1 
ATOM   1261 N N   . LEU B 1 64  ? 8.244   -5.897  -18.014 1.00 72.94  ? 64  LEU B N   1 
ATOM   1262 C CA  . LEU B 1 64  ? 7.267   -6.572  -17.167 1.00 73.26  ? 64  LEU B CA  1 
ATOM   1263 C C   . LEU B 1 64  ? 5.865   -6.476  -17.743 1.00 70.38  ? 64  LEU B C   1 
ATOM   1264 O O   . LEU B 1 64  ? 5.145   -7.476  -17.854 1.00 66.61  ? 64  LEU B O   1 
ATOM   1265 C CB  . LEU B 1 64  ? 7.310   -5.961  -15.775 1.00 72.97  ? 64  LEU B CB  1 
ATOM   1266 C CG  . LEU B 1 64  ? 8.567   -6.315  -15.009 1.00 63.32  ? 64  LEU B CG  1 
ATOM   1267 C CD1 . LEU B 1 64  ? 8.957   -5.128  -14.135 1.00 65.61  ? 64  LEU B CD1 1 
ATOM   1268 C CD2 . LEU B 1 64  ? 8.288   -7.575  -14.203 1.00 57.68  ? 64  LEU B CD2 1 
ATOM   1269 N N   . ALA B 1 65  ? 5.451   -5.262  -18.086 1.00 75.17  ? 65  ALA B N   1 
ATOM   1270 C CA  . ALA B 1 65  ? 4.114   -5.063  -18.621 1.00 75.99  ? 65  ALA B CA  1 
ATOM   1271 C C   . ALA B 1 65  ? 3.853   -5.978  -19.807 1.00 76.51  ? 65  ALA B C   1 
ATOM   1272 O O   . ALA B 1 65  ? 2.977   -6.850  -19.755 1.00 73.24  ? 65  ALA B O   1 
ATOM   1273 C CB  . ALA B 1 65  ? 3.954   -3.591  -19.014 1.00 78.98  ? 65  ALA B CB  1 
ATOM   1274 N N   . GLU B 1 66  ? 4.676   -5.848  -20.854 1.00 80.21  ? 66  GLU B N   1 
ATOM   1275 C CA  . GLU B 1 66  ? 4.449   -6.596  -22.089 1.00 81.12  ? 66  GLU B CA  1 
ATOM   1276 C C   . GLU B 1 66  ? 4.497   -8.099  -21.841 1.00 83.46  ? 66  GLU B C   1 
ATOM   1277 O O   . GLU B 1 66  ? 3.839   -8.870  -22.550 1.00 89.73  ? 66  GLU B O   1 
ATOM   1278 C CB  . GLU B 1 66  ? 5.430   -6.147  -23.177 1.00 78.20  ? 66  GLU B CB  1 
ATOM   1279 C CG  . GLU B 1 66  ? 5.984   -4.706  -23.007 1.00 83.91  ? 66  GLU B CG  1 
ATOM   1280 C CD  . GLU B 1 66  ? 6.864   -4.199  -24.177 1.00 90.46  ? 66  GLU B CD  1 
ATOM   1281 O OE1 . GLU B 1 66  ? 7.168   -4.985  -25.105 1.00 88.39  ? 66  GLU B OE1 1 
ATOM   1282 O OE2 . GLU B 1 66  ? 7.260   -3.003  -24.159 1.00 91.30  ? 66  GLU B OE2 1 
ATOM   1283 N N   . VAL B 1 67  ? 5.291   -8.541  -20.870 1.00 77.69  ? 67  VAL B N   1 
ATOM   1284 C CA  . VAL B 1 67  ? 5.223   -9.940  -20.471 1.00 76.82  ? 67  VAL B CA  1 
ATOM   1285 C C   . VAL B 1 67  ? 3.877   -10.257 -19.840 1.00 81.82  ? 67  VAL B C   1 
ATOM   1286 O O   . VAL B 1 67  ? 3.274   -11.299 -20.127 1.00 83.67  ? 67  VAL B O   1 
ATOM   1287 C CB  . VAL B 1 67  ? 6.369   -10.269 -19.510 1.00 79.31  ? 67  VAL B CB  1 
ATOM   1288 C CG1 . VAL B 1 67  ? 6.132   -11.629 -18.850 1.00 74.45  ? 67  VAL B CG1 1 
ATOM   1289 C CG2 . VAL B 1 67  ? 7.633   -10.296 -20.279 1.00 81.14  ? 67  VAL B CG2 1 
ATOM   1290 N N   . ALA B 1 68  ? 3.400   -9.382  -18.948 1.00 80.39  ? 68  ALA B N   1 
ATOM   1291 C CA  . ALA B 1 68  ? 2.110   -9.603  -18.303 1.00 80.77  ? 68  ALA B CA  1 
ATOM   1292 C C   . ALA B 1 68  ? 1.028   -9.859  -19.339 1.00 84.01  ? 68  ALA B C   1 
ATOM   1293 O O   . ALA B 1 68  ? 0.139   -10.694 -19.132 1.00 80.37  ? 68  ALA B O   1 
ATOM   1294 C CB  . ALA B 1 68  ? 1.751   -8.408  -17.421 1.00 76.53  ? 68  ALA B CB  1 
ATOM   1295 N N   . GLY B 1 69  ? 1.101   -9.143  -20.468 1.00 82.92  ? 69  GLY B N   1 
ATOM   1296 C CA  . GLY B 1 69  ? 0.119   -9.293  -21.541 1.00 86.29  ? 69  GLY B CA  1 
ATOM   1297 C C   . GLY B 1 69  ? 0.107   -10.704 -22.114 1.00 87.38  ? 69  GLY B C   1 
ATOM   1298 O O   . GLY B 1 69  ? -0.944  -11.351 -22.187 1.00 89.72  ? 69  GLY B O   1 
ATOM   1299 N N   . GLU B 1 70  ? 1.271   -11.197 -22.534 1.00 88.13  ? 70  GLU B N   1 
ATOM   1300 C CA  . GLU B 1 70  ? 1.305   -12.459 -23.259 1.00 89.19  ? 70  GLU B CA  1 
ATOM   1301 C C   . GLU B 1 70  ? 0.927   -13.643 -22.371 1.00 87.82  ? 70  GLU B C   1 
ATOM   1302 O O   . GLU B 1 70  ? 0.403   -14.642 -22.877 1.00 90.28  ? 70  GLU B O   1 
ATOM   1303 C CB  . GLU B 1 70  ? 2.683   -12.644 -23.906 1.00 92.41  ? 70  GLU B CB  1 
ATOM   1304 C CG  . GLU B 1 70  ? 2.803   -12.018 -25.297 1.00 98.19  ? 70  GLU B CG  1 
ATOM   1305 C CD  . GLU B 1 70  ? 4.187   -11.457 -25.578 1.00 100.65 ? 70  GLU B CD  1 
ATOM   1306 O OE1 . GLU B 1 70  ? 5.191   -12.098 -25.184 1.00 89.19  ? 70  GLU B OE1 1 
ATOM   1307 O OE2 . GLU B 1 70  ? 4.262   -10.369 -26.199 1.00 102.71 ? 70  GLU B OE2 1 
ATOM   1308 N N   . TYR B 1 71  ? 1.130   -13.547 -21.054 1.00 84.72  ? 71  TYR B N   1 
ATOM   1309 C CA  . TYR B 1 71  ? 1.084   -14.752 -20.229 1.00 86.56  ? 71  TYR B CA  1 
ATOM   1310 C C   . TYR B 1 71  ? 0.024   -14.731 -19.134 1.00 88.86  ? 71  TYR B C   1 
ATOM   1311 O O   . TYR B 1 71  ? -0.551  -15.783 -18.827 1.00 87.47  ? 71  TYR B O   1 
ATOM   1312 C CB  . TYR B 1 71  ? 2.464   -14.993 -19.570 1.00 87.43  ? 71  TYR B CB  1 
ATOM   1313 C CG  . TYR B 1 71  ? 3.588   -15.405 -20.505 1.00 84.88  ? 71  TYR B CG  1 
ATOM   1314 C CD1 . TYR B 1 71  ? 3.929   -14.624 -21.597 1.00 84.30  ? 71  TYR B CD1 1 
ATOM   1315 C CD2 . TYR B 1 71  ? 4.322   -16.566 -20.277 1.00 89.32  ? 71  TYR B CD2 1 
ATOM   1316 C CE1 . TYR B 1 71  ? 4.950   -14.985 -22.457 1.00 90.09  ? 71  TYR B CE1 1 
ATOM   1317 C CE2 . TYR B 1 71  ? 5.358   -16.940 -21.127 1.00 97.00  ? 71  TYR B CE2 1 
ATOM   1318 C CZ  . TYR B 1 71  ? 5.666   -16.142 -22.221 1.00 97.68  ? 71  TYR B CZ  1 
ATOM   1319 O OH  . TYR B 1 71  ? 6.687   -16.489 -23.081 1.00 103.10 ? 71  TYR B OH  1 
ATOM   1320 N N   . LEU B 1 72  ? -0.238  -13.582 -18.507 1.00 89.84  ? 72  LEU B N   1 
ATOM   1321 C CA  . LEU B 1 72  ? -1.116  -13.524 -17.337 1.00 89.00  ? 72  LEU B CA  1 
ATOM   1322 C C   . LEU B 1 72  ? -2.582  -13.324 -17.727 1.00 90.93  ? 72  LEU B C   1 
ATOM   1323 O O   . LEU B 1 72  ? -2.898  -12.482 -18.578 1.00 91.55  ? 72  LEU B O   1 
ATOM   1324 C CB  . LEU B 1 72  ? -0.670  -12.398 -16.402 1.00 87.21  ? 72  LEU B CB  1 
ATOM   1325 C CG  . LEU B 1 72  ? 0.507   -12.660 -15.461 1.00 82.95  ? 72  LEU B CG  1 
ATOM   1326 C CD1 . LEU B 1 72  ? 0.852   -11.377 -14.722 1.00 77.25  ? 72  LEU B CD1 1 
ATOM   1327 C CD2 . LEU B 1 72  ? 0.218   -13.811 -14.486 1.00 80.37  ? 72  LEU B CD2 1 
ATOM   1328 N N   . ARG B 1 73  ? -3.478  -14.089 -17.091 1.00 87.30  ? 73  ARG B N   1 
ATOM   1329 C CA  . ARG B 1 73  ? -4.913  -14.011 -17.377 1.00 83.98  ? 73  ARG B CA  1 
ATOM   1330 C C   . ARG B 1 73  ? -5.703  -13.940 -16.077 1.00 77.70  ? 73  ARG B C   1 
ATOM   1331 O O   . ARG B 1 73  ? -5.118  -13.803 -15.002 1.00 77.24  ? 73  ARG B O   1 
ATOM   1332 C CB  . ARG B 1 73  ? -5.385  -15.170 -18.263 1.00 90.62  ? 73  ARG B CB  1 
ATOM   1333 C CG  . ARG B 1 73  ? -5.192  -14.886 -19.779 1.00 90.12  ? 73  ARG B CG  1 
ATOM   1334 C CD  . ARG B 1 73  ? -4.603  -16.059 -20.578 1.00 99.53  ? 73  ARG B CD  1 
ATOM   1335 N NE  . ARG B 1 73  ? -5.069  -17.397 -20.199 1.00 110.45 ? 73  ARG B NE  1 
ATOM   1336 C CZ  . ARG B 1 73  ? -4.401  -18.277 -19.454 1.00 107.04 ? 73  ARG B CZ  1 
ATOM   1337 N NH1 . ARG B 1 73  ? -3.186  -18.019 -18.990 1.00 99.30  ? 73  ARG B NH1 1 
ATOM   1338 N NH2 . ARG B 1 73  ? -4.969  -19.450 -19.169 1.00 102.82 ? 73  ARG B NH2 1 
ATOM   1339 N N   . LYS B 1 74  ? -7.028  -14.068 -16.166 1.00 75.25  ? 74  LYS B N   1 
ATOM   1340 C CA  . LYS B 1 74  ? -7.888  -13.675 -15.053 1.00 73.58  ? 74  LYS B CA  1 
ATOM   1341 C C   . LYS B 1 74  ? -7.645  -14.479 -13.771 1.00 69.83  ? 74  LYS B C   1 
ATOM   1342 O O   . LYS B 1 74  ? -7.649  -13.905 -12.678 1.00 72.59  ? 74  LYS B O   1 
ATOM   1343 C CB  . LYS B 1 74  ? -9.361  -13.776 -15.455 1.00 78.21  ? 74  LYS B CB  1 
ATOM   1344 C CG  . LYS B 1 74  ? -10.246 -14.033 -14.237 1.00 79.35  ? 74  LYS B CG  1 
ATOM   1345 C CD  . LYS B 1 74  ? -11.724 -13.741 -14.402 1.00 73.67  ? 74  LYS B CD  1 
ATOM   1346 C CE  . LYS B 1 74  ? -12.472 -14.525 -13.316 1.00 75.78  ? 74  LYS B CE  1 
ATOM   1347 N NZ  . LYS B 1 74  ? -13.957 -14.526 -13.411 1.00 76.44  ? 74  LYS B NZ  1 
ATOM   1348 N N   . GLY B 1 75  ? -7.426  -15.785 -13.852 1.00 68.11  ? 75  GLY B N   1 
ATOM   1349 C CA  . GLY B 1 75  ? -7.301  -16.505 -12.595 1.00 71.73  ? 75  GLY B CA  1 
ATOM   1350 C C   . GLY B 1 75  ? -5.901  -16.769 -12.072 1.00 71.54  ? 75  GLY B C   1 
ATOM   1351 O O   . GLY B 1 75  ? -5.760  -17.408 -11.023 1.00 69.61  ? 75  GLY B O   1 
ATOM   1352 N N   . SER B 1 76  ? -4.871  -16.251 -12.739 1.00 69.54  ? 76  SER B N   1 
ATOM   1353 C CA  . SER B 1 76  ? -3.487  -16.588 -12.429 1.00 67.75  ? 76  SER B CA  1 
ATOM   1354 C C   . SER B 1 76  ? -3.093  -16.155 -11.021 1.00 67.58  ? 76  SER B C   1 
ATOM   1355 O O   . SER B 1 76  ? -3.631  -15.194 -10.471 1.00 66.64  ? 76  SER B O   1 
ATOM   1356 C CB  . SER B 1 76  ? -2.544  -15.924 -13.436 1.00 72.47  ? 76  SER B CB  1 
ATOM   1357 O OG  . SER B 1 76  ? -3.049  -15.976 -14.762 1.00 75.66  ? 76  SER B OG  1 
ATOM   1358 N N   . GLN B 1 77  ? -2.132  -16.882 -10.444 1.00 68.23  ? 77  GLN B N   1 
ATOM   1359 C CA  . GLN B 1 77  ? -1.480  -16.518 -9.192  1.00 63.34  ? 77  GLN B CA  1 
ATOM   1360 C C   . GLN B 1 77  ? -0.130  -15.916 -9.552  1.00 60.84  ? 77  GLN B C   1 
ATOM   1361 O O   . GLN B 1 77  ? 0.520   -16.354 -10.506 1.00 63.54  ? 77  GLN B O   1 
ATOM   1362 C CB  . GLN B 1 77  ? -1.289  -17.728 -8.256  1.00 65.59  ? 77  GLN B CB  1 
ATOM   1363 C CG  . GLN B 1 77  ? -0.827  -17.387 -6.808  1.00 63.17  ? 77  GLN B CG  1 
ATOM   1364 C CD  . GLN B 1 77  ? -1.362  -18.337 -5.707  1.00 65.19  ? 77  GLN B CD  1 
ATOM   1365 O OE1 . GLN B 1 77  ? -1.224  -19.566 -5.793  1.00 68.73  ? 77  GLN B OE1 1 
ATOM   1366 N NE2 . GLN B 1 77  ? -1.958  -17.756 -4.660  1.00 64.23  ? 77  GLN B NE2 1 
ATOM   1367 N N   . VAL B 1 78  ? 0.261   -14.864 -8.839  1.00 59.21  ? 78  VAL B N   1 
ATOM   1368 C CA  . VAL B 1 78  ? 1.466   -14.134 -9.198  1.00 56.51  ? 78  VAL B CA  1 
ATOM   1369 C C   . VAL B 1 78  ? 2.076   -13.545 -7.935  1.00 58.59  ? 78  VAL B C   1 
ATOM   1370 O O   . VAL B 1 78  ? 1.369   -13.196 -6.980  1.00 60.42  ? 78  VAL B O   1 
ATOM   1371 C CB  . VAL B 1 78  ? 1.166   -13.046 -10.238 1.00 56.00  ? 78  VAL B CB  1 
ATOM   1372 C CG1 . VAL B 1 78  ? 0.387   -11.945 -9.596  1.00 55.30  ? 78  VAL B CG1 1 
ATOM   1373 C CG2 . VAL B 1 78  ? 2.445   -12.529 -10.825 1.00 62.83  ? 78  VAL B CG2 1 
ATOM   1374 N N   . TYR B 1 79  ? 3.404   -13.466 -7.924  1.00 56.61  ? 79  TYR B N   1 
ATOM   1375 C CA  . TYR B 1 79  ? 4.150   -12.843 -6.841  1.00 52.18  ? 79  TYR B CA  1 
ATOM   1376 C C   . TYR B 1 79  ? 4.607   -11.468 -7.275  1.00 48.83  ? 79  TYR B C   1 
ATOM   1377 O O   . TYR B 1 79  ? 5.004   -11.267 -8.427  1.00 51.35  ? 79  TYR B O   1 
ATOM   1378 C CB  . TYR B 1 79  ? 5.342   -13.706 -6.428  1.00 50.17  ? 79  TYR B CB  1 
ATOM   1379 C CG  . TYR B 1 79  ? 6.346   -13.018 -5.532  1.00 40.88  ? 79  TYR B CG  1 
ATOM   1380 C CD1 . TYR B 1 79  ? 7.391   -12.290 -6.075  1.00 44.05  ? 79  TYR B CD1 1 
ATOM   1381 C CD2 . TYR B 1 79  ? 6.265   -13.116 -4.144  1.00 39.41  ? 79  TYR B CD2 1 
ATOM   1382 C CE1 . TYR B 1 79  ? 8.324   -11.666 -5.279  1.00 44.29  ? 79  TYR B CE1 1 
ATOM   1383 C CE2 . TYR B 1 79  ? 7.203   -12.489 -3.323  1.00 38.93  ? 79  TYR B CE2 1 
ATOM   1384 C CZ  . TYR B 1 79  ? 8.228   -11.761 -3.912  1.00 45.31  ? 79  TYR B CZ  1 
ATOM   1385 O OH  . TYR B 1 79  ? 9.180   -11.115 -3.161  1.00 49.91  ? 79  TYR B OH  1 
ATOM   1386 N N   . ILE B 1 80  ? 4.562   -10.521 -6.352  1.00 48.55  ? 80  ILE B N   1 
ATOM   1387 C CA  . ILE B 1 80  ? 4.798   -9.133  -6.710  1.00 48.60  ? 80  ILE B CA  1 
ATOM   1388 C C   . ILE B 1 80  ? 5.682   -8.441  -5.683  1.00 48.46  ? 80  ILE B C   1 
ATOM   1389 O O   . ILE B 1 80  ? 5.510   -8.602  -4.468  1.00 46.89  ? 80  ILE B O   1 
ATOM   1390 C CB  . ILE B 1 80  ? 3.465   -8.393  -6.857  1.00 47.72  ? 80  ILE B CB  1 
ATOM   1391 C CG1 . ILE B 1 80  ? 2.981   -8.577  -8.276  1.00 43.85  ? 80  ILE B CG1 1 
ATOM   1392 C CG2 . ILE B 1 80  ? 3.660   -6.930  -6.575  1.00 48.31  ? 80  ILE B CG2 1 
ATOM   1393 C CD1 . ILE B 1 80  ? 3.759   -7.719  -9.202  1.00 51.04  ? 80  ILE B CD1 1 
ATOM   1394 N N   . GLU B 1 81  ? 6.605   -7.634  -6.183  1.00 44.65  ? 81  GLU B N   1 
ATOM   1395 C CA  . GLU B 1 81  ? 7.452   -6.822  -5.335  1.00 45.24  ? 81  GLU B CA  1 
ATOM   1396 C C   . GLU B 1 81  ? 7.495   -5.458  -5.979  1.00 47.31  ? 81  GLU B C   1 
ATOM   1397 O O   . GLU B 1 81  ? 7.852   -5.350  -7.157  1.00 44.76  ? 81  GLU B O   1 
ATOM   1398 C CB  . GLU B 1 81  ? 8.857   -7.405  -5.221  1.00 50.58  ? 81  GLU B CB  1 
ATOM   1399 C CG  . GLU B 1 81  ? 9.450   -7.362  -3.844  1.00 50.59  ? 81  GLU B CG  1 
ATOM   1400 C CD  . GLU B 1 81  ? 10.865  -7.954  -3.798  1.00 63.58  ? 81  GLU B CD  1 
ATOM   1401 O OE1 . GLU B 1 81  ? 11.030  -9.217  -3.816  1.00 59.82  ? 81  GLU B OE1 1 
ATOM   1402 O OE2 . GLU B 1 81  ? 11.815  -7.132  -3.741  1.00 67.49  ? 81  GLU B OE2 1 
ATOM   1403 N N   . GLY B 1 82  ? 7.112   -4.446  -5.217  1.00 47.86  ? 82  GLY B N   1 
ATOM   1404 C CA  . GLY B 1 82  ? 7.101   -3.082  -5.687  1.00 49.91  ? 82  GLY B CA  1 
ATOM   1405 C C   . GLY B 1 82  ? 6.978   -2.141  -4.516  1.00 51.40  ? 82  GLY B C   1 
ATOM   1406 O O   . GLY B 1 82  ? 7.198   -2.523  -3.365  1.00 52.57  ? 82  GLY B O   1 
ATOM   1407 N N   . GLN B 1 83  ? 6.590   -0.904  -4.814  1.00 50.24  ? 83  GLN B N   1 
ATOM   1408 C CA  . GLN B 1 83  ? 6.450   0.136   -3.805  1.00 50.89  ? 83  GLN B CA  1 
ATOM   1409 C C   . GLN B 1 83  ? 5.091   0.820   -3.918  1.00 50.73  ? 83  GLN B C   1 
ATOM   1410 O O   . GLN B 1 83  ? 4.499   0.884   -4.996  1.00 54.67  ? 83  GLN B O   1 
ATOM   1411 C CB  . GLN B 1 83  ? 7.574   1.162   -3.941  1.00 53.17  ? 83  GLN B CB  1 
ATOM   1412 C CG  . GLN B 1 83  ? 7.983   1.401   -5.379  1.00 55.01  ? 83  GLN B CG  1 
ATOM   1413 C CD  . GLN B 1 83  ? 9.085   2.403   -5.472  1.00 52.92  ? 83  GLN B CD  1 
ATOM   1414 O OE1 . GLN B 1 83  ? 8.914   3.489   -6.047  1.00 52.29  ? 83  GLN B OE1 1 
ATOM   1415 N NE2 . GLN B 1 83  ? 10.216  2.078   -4.861  1.00 49.39  ? 83  GLN B NE2 1 
ATOM   1416 N N   . LEU B 1 84  ? 4.590   1.319   -2.790  1.00 46.91  ? 84  LEU B N   1 
ATOM   1417 C CA  . LEU B 1 84  ? 3.344   2.067   -2.808  1.00 47.54  ? 84  LEU B CA  1 
ATOM   1418 C C   . LEU B 1 84  ? 3.547   3.423   -3.475  1.00 51.86  ? 84  LEU B C   1 
ATOM   1419 O O   . LEU B 1 84  ? 4.605   4.047   -3.345  1.00 53.34  ? 84  LEU B O   1 
ATOM   1420 C CB  . LEU B 1 84  ? 2.812   2.239   -1.393  1.00 44.81  ? 84  LEU B CB  1 
ATOM   1421 C CG  . LEU B 1 84  ? 2.410   0.914   -0.762  1.00 41.83  ? 84  LEU B CG  1 
ATOM   1422 C CD1 . LEU B 1 84  ? 2.079   1.086   0.685   1.00 40.42  ? 84  LEU B CD1 1 
ATOM   1423 C CD2 . LEU B 1 84  ? 1.215   0.369   -1.473  1.00 47.12  ? 84  LEU B CD2 1 
ATOM   1424 N N   . ARG B 1 85  ? 2.538   3.867   -4.221  1.00 54.11  ? 85  ARG B N   1 
ATOM   1425 C CA  . ARG B 1 85  ? 2.575   5.194   -4.833  1.00 54.40  ? 85  ARG B CA  1 
ATOM   1426 C C   . ARG B 1 85  ? 1.154   5.736   -4.882  1.00 52.38  ? 85  ARG B C   1 
ATOM   1427 O O   . ARG B 1 85  ? 0.286   5.154   -5.538  1.00 55.34  ? 85  ARG B O   1 
ATOM   1428 C CB  . ARG B 1 85  ? 3.193   5.137   -6.231  1.00 53.11  ? 85  ARG B CB  1 
ATOM   1429 C CG  . ARG B 1 85  ? 3.859   6.428   -6.656  1.00 59.03  ? 85  ARG B CG  1 
ATOM   1430 C CD  . ARG B 1 85  ? 3.154   7.049   -7.870  1.00 61.75  ? 85  ARG B CD  1 
ATOM   1431 N NE  . ARG B 1 85  ? 3.058   6.122   -8.997  1.00 62.31  ? 85  ARG B NE  1 
ATOM   1432 C CZ  . ARG B 1 85  ? 3.895   6.096   -10.029 1.00 65.01  ? 85  ARG B CZ  1 
ATOM   1433 N NH1 . ARG B 1 85  ? 4.948   6.908   -10.091 1.00 61.38  ? 85  ARG B NH1 1 
ATOM   1434 N NH2 . ARG B 1 85  ? 3.691   5.211   -11.007 1.00 61.58  ? 85  ARG B NH2 1 
ATOM   1435 N N   . THR B 1 86  ? 0.915   6.826   -4.163  1.00 50.31  ? 86  THR B N   1 
ATOM   1436 C CA  . THR B 1 86  ? -0.383  7.491   -4.103  1.00 48.92  ? 86  THR B CA  1 
ATOM   1437 C C   . THR B 1 86  ? -0.342  8.718   -5.001  1.00 50.36  ? 86  THR B C   1 
ATOM   1438 O O   . THR B 1 86  ? 0.385   9.666   -4.699  1.00 54.25  ? 86  THR B O   1 
ATOM   1439 C CB  . THR B 1 86  ? -0.670  7.947   -2.680  1.00 51.67  ? 86  THR B CB  1 
ATOM   1440 O OG1 . THR B 1 86  ? -0.139  7.002   -1.737  1.00 56.96  ? 86  THR B OG1 1 
ATOM   1441 C CG2 . THR B 1 86  ? -2.138  8.164   -2.482  1.00 47.57  ? 86  THR B CG2 1 
ATOM   1442 N N   . ARG B 1 87  ? -1.109  8.706   -6.090  1.00 50.35  ? 87  ARG B N   1 
ATOM   1443 C CA  . ARG B 1 87  ? -1.072  9.854   -7.037  1.00 53.83  ? 87  ARG B CA  1 
ATOM   1444 C C   . ARG B 1 87  ? -2.329  10.726  -6.921  1.00 50.52  ? 87  ARG B C   1 
ATOM   1445 O O   . ARG B 1 87  ? -3.391  10.186  -6.679  1.00 51.65  ? 87  ARG B O   1 
ATOM   1446 C CB  . ARG B 1 87  ? -0.649  9.396   -8.434  1.00 54.89  ? 87  ARG B CB  1 
ATOM   1447 C CG  . ARG B 1 87  ? -1.706  8.669   -9.241  1.00 51.20  ? 87  ARG B CG  1 
ATOM   1448 C CD  . ARG B 1 87  ? -1.022  8.078   -10.448 1.00 52.46  ? 87  ARG B CD  1 
ATOM   1449 N NE  . ARG B 1 87  ? -1.806  6.961   -10.914 1.00 57.98  ? 87  ARG B NE  1 
ATOM   1450 C CZ  . ARG B 1 87  ? -3.038  7.075   -11.356 1.00 60.35  ? 87  ARG B CZ  1 
ATOM   1451 N NH1 . ARG B 1 87  ? -3.600  8.262   -11.414 1.00 60.52  ? 87  ARG B NH1 1 
ATOM   1452 N NH2 . ARG B 1 87  ? -3.703  6.012   -11.750 1.00 59.75  ? 87  ARG B NH2 1 
ATOM   1453 N N   . LYS B 1 88  ? -2.185  12.033  -7.139  1.00 49.38  ? 88  LYS B N   1 
ATOM   1454 C CA  . LYS B 1 88  ? -3.260  12.988  -6.916  1.00 51.40  ? 88  LYS B CA  1 
ATOM   1455 C C   . LYS B 1 88  ? -3.773  13.547  -8.226  1.00 54.28  ? 88  LYS B C   1 
ATOM   1456 O O   . LYS B 1 88  ? -2.982  13.951  -9.084  1.00 58.67  ? 88  LYS B O   1 
ATOM   1457 C CB  . LYS B 1 88  ? -2.791  14.161  -6.064  1.00 53.16  ? 88  LYS B CB  1 
ATOM   1458 C CG  . LYS B 1 88  ? -3.901  15.143  -5.779  1.00 57.19  ? 88  LYS B CG  1 
ATOM   1459 C CD  . LYS B 1 88  ? -3.479  16.554  -6.092  1.00 61.89  ? 88  LYS B CD  1 
ATOM   1460 C CE  . LYS B 1 88  ? -2.190  16.905  -5.372  1.00 63.86  ? 88  LYS B CE  1 
ATOM   1461 N NZ  . LYS B 1 88  ? -2.170  18.351  -4.974  1.00 63.07  ? 88  LYS B NZ  1 
ATOM   1462 N N   . TRP B 1 89  ? -5.096  13.613  -8.361  1.00 56.41  ? 89  TRP B N   1 
ATOM   1463 C CA  . TRP B 1 89  ? -5.675  14.062  -9.620  1.00 59.39  ? 89  TRP B CA  1 
ATOM   1464 C C   . TRP B 1 89  ? -7.041  14.699  -9.398  1.00 58.89  ? 89  TRP B C   1 
ATOM   1465 O O   . TRP B 1 89  ? -7.729  14.403  -8.422  1.00 64.72  ? 89  TRP B O   1 
ATOM   1466 C CB  . TRP B 1 89  ? -5.781  12.891  -10.583 1.00 59.60  ? 89  TRP B CB  1 
ATOM   1467 C CG  . TRP B 1 89  ? -6.419  11.710  -10.007 1.00 62.52  ? 89  TRP B CG  1 
ATOM   1468 C CD1 . TRP B 1 89  ? -5.893  10.840  -9.085  1.00 59.12  ? 89  TRP B CD1 1 
ATOM   1469 C CD2 . TRP B 1 89  ? -7.718  11.231  -10.323 1.00 60.06  ? 89  TRP B CD2 1 
ATOM   1470 N NE1 . TRP B 1 89  ? -6.806  9.846   -8.812  1.00 57.05  ? 89  TRP B NE1 1 
ATOM   1471 C CE2 . TRP B 1 89  ? -7.933  10.067  -9.563  1.00 59.48  ? 89  TRP B CE2 1 
ATOM   1472 C CE3 . TRP B 1 89  ? -8.718  11.668  -11.176 1.00 52.20  ? 89  TRP B CE3 1 
ATOM   1473 C CZ2 . TRP B 1 89  ? -9.115  9.354   -9.629  1.00 59.48  ? 89  TRP B CZ2 1 
ATOM   1474 C CZ3 . TRP B 1 89  ? -9.877  10.951  -11.242 1.00 55.22  ? 89  TRP B CZ3 1 
ATOM   1475 C CH2 . TRP B 1 89  ? -10.075 9.813   -10.471 1.00 51.76  ? 89  TRP B CH2 1 
ATOM   1476 N N   . THR B 1 90  ? -7.439  15.570  -10.329 1.00 55.86  ? 90  THR B N   1 
ATOM   1477 C CA  . THR B 1 90  ? -8.730  16.246  -10.263 1.00 51.88  ? 90  THR B CA  1 
ATOM   1478 C C   . THR B 1 90  ? -9.689  15.597  -11.245 1.00 55.85  ? 90  THR B C   1 
ATOM   1479 O O   . THR B 1 90  ? -9.335  15.393  -12.410 1.00 55.05  ? 90  THR B O   1 
ATOM   1480 C CB  . THR B 1 90  ? -8.603  17.726  -10.583 1.00 53.68  ? 90  THR B CB  1 
ATOM   1481 O OG1 . THR B 1 90  ? -7.603  18.311  -9.751  1.00 61.11  ? 90  THR B OG1 1 
ATOM   1482 C CG2 . THR B 1 90  ? -9.921  18.413  -10.310 1.00 63.65  ? 90  THR B CG2 1 
ATOM   1483 N N   . ASP B 1 91  ? -10.915 15.329  -10.792 1.00 57.74  ? 91  ASP B N   1 
ATOM   1484 C CA  . ASP B 1 91  ? -11.885 14.586  -11.585 1.00 58.94  ? 91  ASP B CA  1 
ATOM   1485 C C   . ASP B 1 91  ? -12.729 15.491  -12.478 1.00 63.41  ? 91  ASP B C   1 
ATOM   1486 O O   . ASP B 1 91  ? -12.545 16.709  -12.551 1.00 60.14  ? 91  ASP B O   1 
ATOM   1487 C CB  . ASP B 1 91  ? -12.788 13.754  -10.677 1.00 62.80  ? 91  ASP B CB  1 
ATOM   1488 C CG  . ASP B 1 91  ? -13.621 14.606  -9.722  1.00 69.85  ? 91  ASP B CG  1 
ATOM   1489 O OD1 . ASP B 1 91  ? -14.012 15.739  -10.086 1.00 74.60  ? 91  ASP B OD1 1 
ATOM   1490 O OD2 . ASP B 1 91  ? -13.874 14.148  -8.586  1.00 69.22  ? 91  ASP B OD2 1 
ATOM   1491 N N   . GLN B 1 92  ? -13.739 14.880  -13.092 1.00 64.87  ? 92  GLN B N   1 
ATOM   1492 C CA  . GLN B 1 92  ? -14.579 15.576  -14.056 1.00 61.63  ? 92  GLN B CA  1 
ATOM   1493 C C   . GLN B 1 92  ? -15.450 16.616  -13.370 1.00 68.07  ? 92  GLN B C   1 
ATOM   1494 O O   . GLN B 1 92  ? -15.566 17.757  -13.839 1.00 71.61  ? 92  GLN B O   1 
ATOM   1495 C CB  . GLN B 1 92  ? -15.444 14.545  -14.779 1.00 64.52  ? 92  GLN B CB  1 
ATOM   1496 C CG  . GLN B 1 92  ? -15.754 14.849  -16.204 1.00 63.46  ? 92  GLN B CG  1 
ATOM   1497 C CD  . GLN B 1 92  ? -14.556 14.711  -17.100 1.00 60.30  ? 92  GLN B CD  1 
ATOM   1498 O OE1 . GLN B 1 92  ? -13.479 15.225  -16.795 1.00 59.27  ? 92  GLN B OE1 1 
ATOM   1499 N NE2 . GLN B 1 92  ? -14.736 14.031  -18.232 1.00 55.64  ? 92  GLN B NE2 1 
ATOM   1500 N N   . SER B 1 93  ? -16.107 16.223  -12.277 1.00 68.50  ? 93  SER B N   1 
ATOM   1501 C CA  . SER B 1 93  ? -16.839 17.173  -11.456 1.00 64.30  ? 93  SER B CA  1 
ATOM   1502 C C   . SER B 1 93  ? -15.907 18.192  -10.809 1.00 66.55  ? 93  SER B C   1 
ATOM   1503 O O   . SER B 1 93  ? -16.377 19.235  -10.346 1.00 73.53  ? 93  SER B O   1 
ATOM   1504 C CB  . SER B 1 93  ? -17.661 16.431  -10.412 1.00 67.49  ? 93  SER B CB  1 
ATOM   1505 O OG  . SER B 1 93  ? -16.905 16.252  -9.234  1.00 79.59  ? 93  SER B OG  1 
ATOM   1506 N N   . GLY B 1 94  ? -14.613 17.900  -10.725 1.00 66.34  ? 94  GLY B N   1 
ATOM   1507 C CA  . GLY B 1 94  ? -13.635 18.891  -10.322 1.00 68.16  ? 94  GLY B CA  1 
ATOM   1508 C C   . GLY B 1 94  ? -13.209 18.888  -8.868  1.00 69.54  ? 94  GLY B C   1 
ATOM   1509 O O   . GLY B 1 94  ? -12.705 19.916  -8.397  1.00 67.39  ? 94  GLY B O   1 
ATOM   1510 N N   . GLN B 1 95  ? -13.407 17.765  -8.182  1.00 71.85  ? 95  GLN B N   1 
ATOM   1511 C CA  . GLN B 1 95  ? -12.892 17.624  -6.797  1.00 74.54  ? 95  GLN B CA  1 
ATOM   1512 C C   . GLN B 1 95  ? -11.609 16.797  -6.874  1.00 71.48  ? 95  GLN B C   1 
ATOM   1513 O O   . GLN B 1 95  ? -11.472 16.020  -7.810  1.00 70.37  ? 95  GLN B O   1 
ATOM   1514 C CB  . GLN B 1 95  ? -13.867 16.880  -5.886  1.00 79.76  ? 95  GLN B CB  1 
ATOM   1515 C CG  . GLN B 1 95  ? -15.244 17.506  -5.761  1.00 73.79  ? 95  GLN B CG  1 
ATOM   1516 C CD  . GLN B 1 95  ? -16.271 16.461  -6.106  1.00 78.24  ? 95  GLN B CD  1 
ATOM   1517 O OE1 . GLN B 1 95  ? -16.031 15.600  -6.945  1.00 77.31  ? 95  GLN B OE1 1 
ATOM   1518 N NE2 . GLN B 1 95  ? -17.432 16.537  -5.486  1.00 81.22  ? 95  GLN B NE2 1 
ATOM   1519 N N   . GLU B 1 96  ? -10.703 16.965  -5.919  1.00 69.70  ? 96  GLU B N   1 
ATOM   1520 C CA  . GLU B 1 96  ? -9.436  16.191  -5.912  1.00 65.93  ? 96  GLU B CA  1 
ATOM   1521 C C   . GLU B 1 96  ? -9.684  14.766  -5.436  1.00 67.74  ? 96  GLU B C   1 
ATOM   1522 O O   . GLU B 1 96  ? -10.454 14.592  -4.495  1.00 70.86  ? 96  GLU B O   1 
ATOM   1523 C CB  . GLU B 1 96  ? -8.468  16.775  -4.897  1.00 30.00  ? 96  GLU B CB  1 
ATOM   1524 C CG  . GLU B 1 96  ? -8.449  18.275  -4.890  1.00 30.00  ? 96  GLU B CG  1 
ATOM   1525 C CD  . GLU B 1 96  ? -7.109  18.787  -5.357  1.00 30.00  ? 96  GLU B CD  1 
ATOM   1526 O OE1 . GLU B 1 96  ? -6.274  19.101  -4.498  1.00 30.00  ? 96  GLU B OE1 1 
ATOM   1527 O OE2 . GLU B 1 96  ? -6.905  18.839  -6.573  1.00 30.00  ? 96  GLU B OE2 1 
ATOM   1528 N N   . ARG B 1 97  ? -9.022  13.800  -6.069  1.00 61.88  ? 97  ARG B N   1 
ATOM   1529 C CA  . ARG B 1 97  ? -9.140  12.374  -5.693  1.00 61.05  ? 97  ARG B CA  1 
ATOM   1530 C C   . ARG B 1 97  ? -7.734  11.785  -5.608  1.00 59.46  ? 97  ARG B C   1 
ATOM   1531 O O   . ARG B 1 97  ? -6.854  12.312  -6.268  1.00 60.91  ? 97  ARG B O   1 
ATOM   1532 C CB  . ARG B 1 97  ? -9.936  11.620  -6.752  1.00 57.84  ? 97  ARG B CB  1 
ATOM   1533 C CG  . ARG B 1 97  ? -11.267 12.258  -7.080  1.00 59.55  ? 97  ARG B CG  1 
ATOM   1534 C CD  . ARG B 1 97  ? -12.246 11.947  -5.987  1.00 64.76  ? 97  ARG B CD  1 
ATOM   1535 N NE  . ARG B 1 97  ? -12.624 10.549  -6.027  1.00 78.37  ? 97  ARG B NE  1 
ATOM   1536 C CZ  . ARG B 1 97  ? -12.909 9.852   -7.119  1.00 81.20  ? 97  ARG B CZ  1 
ATOM   1537 N NH1 . ARG B 1 97  ? -12.860 10.423  -8.307  1.00 80.37  ? 97  ARG B NH1 1 
ATOM   1538 N NH2 . ARG B 1 97  ? -13.251 8.580   -7.019  1.00 84.18  ? 97  ARG B NH2 1 
ATOM   1539 N N   . TYR B 1 98  ? -7.548  10.730  -4.817  1.00 55.27  ? 98  TYR B N   1 
ATOM   1540 C CA  . TYR B 1 98  ? -6.209  10.111  -4.685  1.00 48.85  ? 98  TYR B CA  1 
ATOM   1541 C C   . TYR B 1 98  ? -6.290  8.620   -4.984  1.00 49.55  ? 98  TYR B C   1 
ATOM   1542 O O   . TYR B 1 98  ? -7.256  7.990   -4.607  1.00 51.57  ? 98  TYR B O   1 
ATOM   1543 C CB  . TYR B 1 98  ? -5.676  10.295  -3.269  1.00 43.92  ? 98  TYR B CB  1 
ATOM   1544 C CG  . TYR B 1 98  ? -5.536  11.730  -2.858  1.00 45.45  ? 98  TYR B CG  1 
ATOM   1545 C CD1 . TYR B 1 98  ? -6.621  12.432  -2.392  1.00 54.76  ? 98  TYR B CD1 1 
ATOM   1546 C CD2 . TYR B 1 98  ? -4.325  12.385  -2.938  1.00 44.45  ? 98  TYR B CD2 1 
ATOM   1547 C CE1 . TYR B 1 98  ? -6.513  13.757  -2.017  1.00 60.22  ? 98  TYR B CE1 1 
ATOM   1548 C CE2 . TYR B 1 98  ? -4.198  13.707  -2.564  1.00 47.32  ? 98  TYR B CE2 1 
ATOM   1549 C CZ  . TYR B 1 98  ? -5.298  14.394  -2.107  1.00 53.14  ? 98  TYR B CZ  1 
ATOM   1550 O OH  . TYR B 1 98  ? -5.207  15.695  -1.737  1.00 60.11  ? 98  TYR B OH  1 
ATOM   1551 N N   . THR B 1 99  ? -5.297  8.097   -5.689  1.00 45.86  ? 99  THR B N   1 
ATOM   1552 C CA  . THR B 1 99  ? -5.269  6.662   -5.946  1.00 48.14  ? 99  THR B CA  1 
ATOM   1553 C C   . THR B 1 99  ? -3.919  6.088   -5.534  1.00 57.56  ? 99  THR B C   1 
ATOM   1554 O O   . THR B 1 99  ? -2.865  6.677   -5.815  1.00 56.82  ? 99  THR B O   1 
ATOM   1555 C CB  . THR B 1 99  ? -5.593  6.351   -7.399  1.00 45.14  ? 99  THR B CB  1 
ATOM   1556 O OG1 . THR B 1 99  ? -6.995  6.537   -7.565  1.00 55.08  ? 99  THR B OG1 1 
ATOM   1557 C CG2 . THR B 1 99  ? -5.281  4.900   -7.740  1.00 47.76  ? 99  THR B CG2 1 
ATOM   1558 N N   . THR B 1 100 ? -3.968  4.982   -4.796  1.00 52.31  ? 100 THR B N   1 
ATOM   1559 C CA  . THR B 1 100 ? -2.795  4.342   -4.233  1.00 48.73  ? 100 THR B CA  1 
ATOM   1560 C C   . THR B 1 100 ? -2.555  3.046   -4.976  1.00 50.96  ? 100 THR B C   1 
ATOM   1561 O O   . THR B 1 100 ? -3.392  2.138   -4.922  1.00 54.65  ? 100 THR B O   1 
ATOM   1562 C CB  . THR B 1 100 ? -2.998  4.057   -2.752  1.00 53.99  ? 100 THR B CB  1 
ATOM   1563 O OG1 . THR B 1 100 ? -2.924  5.282   -2.018  1.00 56.26  ? 100 THR B OG1 1 
ATOM   1564 C CG2 . THR B 1 100 ? -1.945  3.097   -2.255  1.00 53.19  ? 100 THR B CG2 1 
ATOM   1565 N N   . GLU B 1 101 ? -1.428  2.956   -5.663  1.00 51.86  ? 101 GLU B N   1 
ATOM   1566 C CA  . GLU B 1 101 ? -1.092  1.741   -6.385  1.00 53.95  ? 101 GLU B CA  1 
ATOM   1567 C C   . GLU B 1 101 ? 0.187   1.113   -5.842  1.00 55.24  ? 101 GLU B C   1 
ATOM   1568 O O   . GLU B 1 101 ? 0.939   1.711   -5.067  1.00 59.27  ? 101 GLU B O   1 
ATOM   1569 C CB  . GLU B 1 101 ? -0.916  2.019   -7.878  1.00 52.97  ? 101 GLU B CB  1 
ATOM   1570 C CG  . GLU B 1 101 ? -1.937  2.934   -8.452  1.00 53.03  ? 101 GLU B CG  1 
ATOM   1571 C CD  . GLU B 1 101 ? -1.346  3.809   -9.525  1.00 55.14  ? 101 GLU B CD  1 
ATOM   1572 O OE1 . GLU B 1 101 ? -0.159  4.209   -9.404  1.00 52.72  ? 101 GLU B OE1 1 
ATOM   1573 O OE2 . GLU B 1 101 ? -2.071  4.071   -10.503 1.00 58.96  ? 101 GLU B OE2 1 
ATOM   1574 N N   . ILE B 1 102 ? 0.461   -0.091  -6.320  1.00 53.68  ? 102 ILE B N   1 
ATOM   1575 C CA  . ILE B 1 102 ? 1.708   -0.786  -6.047  1.00 50.67  ? 102 ILE B CA  1 
ATOM   1576 C C   . ILE B 1 102 ? 2.503   -0.676  -7.337  1.00 53.12  ? 102 ILE B C   1 
ATOM   1577 O O   . ILE B 1 102 ? 2.312   -1.452  -8.279  1.00 55.21  ? 102 ILE B O   1 
ATOM   1578 C CB  . ILE B 1 102 ? 1.499   -2.251  -5.642  1.00 45.07  ? 102 ILE B CB  1 
ATOM   1579 C CG1 . ILE B 1 102 ? 0.678   -2.383  -4.359  1.00 44.48  ? 102 ILE B CG1 1 
ATOM   1580 C CG2 . ILE B 1 102 ? 2.804   -2.955  -5.520  1.00 48.57  ? 102 ILE B CG2 1 
ATOM   1581 C CD1 . ILE B 1 102 ? -0.796  -2.441  -4.577  1.00 49.41  ? 102 ILE B CD1 1 
ATOM   1582 N N   . ASN B 1 103 ? 3.388   0.310   -7.383  1.00 57.77  ? 103 ASN B N   1 
ATOM   1583 C CA  . ASN B 1 103 ? 4.218   0.549   -8.549  1.00 57.16  ? 103 ASN B CA  1 
ATOM   1584 C C   . ASN B 1 103 ? 5.328   -0.506  -8.590  1.00 58.86  ? 103 ASN B C   1 
ATOM   1585 O O   . ASN B 1 103 ? 6.024   -0.735  -7.593  1.00 57.64  ? 103 ASN B O   1 
ATOM   1586 C CB  . ASN B 1 103 ? 4.775   1.970   -8.485  1.00 52.28  ? 103 ASN B CB  1 
ATOM   1587 C CG  . ASN B 1 103 ? 5.891   2.197   -9.465  1.00 59.96  ? 103 ASN B CG  1 
ATOM   1588 O OD1 . ASN B 1 103 ? 5.934   1.584   -10.533 1.00 63.84  ? 103 ASN B OD1 1 
ATOM   1589 N ND2 . ASN B 1 103 ? 6.813   3.080   -9.109  1.00 61.67  ? 103 ASN B ND2 1 
ATOM   1590 N N   . VAL B 1 104 ? 5.492   -1.149  -9.745  1.00 57.61  ? 104 VAL B N   1 
ATOM   1591 C CA  . VAL B 1 104 ? 6.512   -2.181  -9.909  1.00 53.39  ? 104 VAL B CA  1 
ATOM   1592 C C   . VAL B 1 104 ? 7.606   -1.549  -10.753 1.00 54.31  ? 104 VAL B C   1 
ATOM   1593 O O   . VAL B 1 104 ? 7.580   -1.639  -11.989 1.00 58.70  ? 104 VAL B O   1 
ATOM   1594 C CB  . VAL B 1 104 ? 5.965   -3.444  -10.584 1.00 53.37  ? 104 VAL B CB  1 
ATOM   1595 C CG1 . VAL B 1 104 ? 7.113   -4.346  -11.001 1.00 53.71  ? 104 VAL B CG1 1 
ATOM   1596 C CG2 . VAL B 1 104 ? 5.055   -4.176  -9.650  1.00 52.50  ? 104 VAL B CG2 1 
ATOM   1597 N N   . PRO B 1 105 ? 8.562   -0.893  -10.115 1.00 50.94  ? 105 PRO B N   1 
ATOM   1598 C CA  . PRO B 1 105 ? 9.555   -0.138  -10.881 1.00 55.13  ? 105 PRO B CA  1 
ATOM   1599 C C   . PRO B 1 105 ? 10.235  -1.074  -11.848 1.00 58.78  ? 105 PRO B C   1 
ATOM   1600 O O   . PRO B 1 105 ? 10.546  -2.220  -11.519 1.00 60.55  ? 105 PRO B O   1 
ATOM   1601 C CB  . PRO B 1 105 ? 10.517  0.375   -9.805  1.00 55.92  ? 105 PRO B CB  1 
ATOM   1602 C CG  . PRO B 1 105 ? 9.711   0.322   -8.532  1.00 56.36  ? 105 PRO B CG  1 
ATOM   1603 C CD  . PRO B 1 105 ? 8.824   -0.870  -8.676  1.00 52.32  ? 105 PRO B CD  1 
ATOM   1604 N N   . GLN B 1 106 ? 10.409  -0.600  -13.075 1.00 60.81  ? 106 GLN B N   1 
ATOM   1605 C CA  . GLN B 1 106 ? 11.059  -1.449  -14.097 1.00 69.36  ? 106 GLN B CA  1 
ATOM   1606 C C   . GLN B 1 106 ? 12.464  -1.799  -13.607 1.00 66.78  ? 106 GLN B C   1 
ATOM   1607 O O   . GLN B 1 106 ? 13.059  -2.751  -14.114 1.00 64.69  ? 106 GLN B O   1 
ATOM   1608 C CB  . GLN B 1 106 ? 11.045  -0.741  -15.448 1.00 68.92  ? 106 GLN B CB  1 
ATOM   1609 C CG  . GLN B 1 106 ? 10.619  -1.652  -16.586 1.00 74.94  ? 106 GLN B CG  1 
ATOM   1610 C CD  . GLN B 1 106 ? 11.030  -1.081  -17.917 1.00 84.59  ? 106 GLN B CD  1 
ATOM   1611 O OE1 . GLN B 1 106 ? 11.364  -1.802  -18.849 1.00 88.81  ? 106 GLN B OE1 1 
ATOM   1612 N NE2 . GLN B 1 106 ? 11.013  0.235   -18.008 1.00 85.53  ? 106 GLN B NE2 1 
ATOM   1613 N N   . ILE B 1 107 ? 12.971  -1.035  -12.649 1.00 62.50  ? 107 ILE B N   1 
ATOM   1614 C CA  . ILE B 1 107 ? 14.319  -1.321  -12.098 1.00 62.57  ? 107 ILE B CA  1 
ATOM   1615 C C   . ILE B 1 107 ? 14.136  -1.674  -10.626 1.00 64.12  ? 107 ILE B C   1 
ATOM   1616 O O   . ILE B 1 107 ? 13.836  -0.778  -9.845  1.00 65.76  ? 107 ILE B O   1 
ATOM   1617 C CB  . ILE B 1 107 ? 15.269  -0.134  -12.325 1.00 65.39  ? 107 ILE B CB  1 
ATOM   1618 C CG1 . ILE B 1 107 ? 16.237  -0.411  -13.475 1.00 76.19  ? 107 ILE B CG1 1 
ATOM   1619 C CG2 . ILE B 1 107 ? 16.029  0.201   -11.062 1.00 68.51  ? 107 ILE B CG2 1 
ATOM   1620 C CD1 . ILE B 1 107 ? 16.021  0.450   -14.690 1.00 79.03  ? 107 ILE B CD1 1 
ATOM   1621 N N   . GLY B 1 108 ? 14.216  -2.961  -10.298 1.00 64.72  ? 108 GLY B N   1 
ATOM   1622 C CA  . GLY B 1 108 ? 14.091  -3.396  -8.898  1.00 57.94  ? 108 GLY B CA  1 
ATOM   1623 C C   . GLY B 1 108 ? 12.759  -4.038  -8.581  1.00 56.23  ? 108 GLY B C   1 
ATOM   1624 O O   . GLY B 1 108 ? 12.620  -4.547  -7.479  1.00 60.78  ? 108 GLY B O   1 
ATOM   1625 N N   . GLY B 1 109 ? 11.811  -4.042  -9.506  1.00 54.25  ? 109 GLY B N   1 
ATOM   1626 C CA  . GLY B 1 109 ? 10.550  -4.646  -9.124  1.00 50.84  ? 109 GLY B CA  1 
ATOM   1627 C C   . GLY B 1 109 ? 10.420  -6.051  -9.675  1.00 50.34  ? 109 GLY B C   1 
ATOM   1628 O O   . GLY B 1 109 ? 11.037  -6.398  -10.676 1.00 55.43  ? 109 GLY B O   1 
ATOM   1629 N N   . VAL B 1 110 ? 9.633   -6.875  -8.992  1.00 46.38  ? 110 VAL B N   1 
ATOM   1630 C CA  . VAL B 1 110 ? 9.614   -8.293  -9.308  1.00 51.62  ? 110 VAL B CA  1 
ATOM   1631 C C   . VAL B 1 110 ? 8.210   -8.726  -9.680  1.00 51.95  ? 110 VAL B C   1 
ATOM   1632 O O   . VAL B 1 110 ? 7.220   -8.211  -9.154  1.00 52.23  ? 110 VAL B O   1 
ATOM   1633 C CB  . VAL B 1 110 ? 10.134  -9.103  -8.103  1.00 47.12  ? 110 VAL B CB  1 
ATOM   1634 C CG1 . VAL B 1 110 ? 9.880   -10.589 -8.270  1.00 42.44  ? 110 VAL B CG1 1 
ATOM   1635 C CG2 . VAL B 1 110 ? 11.573  -8.792  -7.881  1.00 47.60  ? 110 VAL B CG2 1 
ATOM   1636 N N   . MET B 1 111 ? 8.139   -9.693  -10.594 1.00 54.19  ? 111 MET B N   1 
ATOM   1637 C CA  . MET B 1 111 ? 6.907   -10.400 -10.881 1.00 53.24  ? 111 MET B CA  1 
ATOM   1638 C C   . MET B 1 111 ? 7.223   -11.836 -11.292 1.00 59.29  ? 111 MET B C   1 
ATOM   1639 O O   . MET B 1 111 ? 8.200   -12.071 -12.010 1.00 59.87  ? 111 MET B O   1 
ATOM   1640 C CB  . MET B 1 111 ? 6.152   -9.674  -11.980 1.00 58.89  ? 111 MET B CB  1 
ATOM   1641 C CG  . MET B 1 111 ? 4.735   -10.147 -12.117 1.00 63.48  ? 111 MET B CG  1 
ATOM   1642 S SD  . MET B 1 111 ? 4.630   -11.222 -13.543 1.00 68.72  ? 111 MET B SD  1 
ATOM   1643 C CE  . MET B 1 111 ? 5.557   -10.228 -14.720 1.00 65.81  ? 111 MET B CE  1 
ATOM   1644 N N   . GLN B 1 112 ? 6.388   -12.790 -10.854 1.00 58.63  ? 112 GLN B N   1 
ATOM   1645 C CA  . GLN B 1 112 ? 6.589   -14.206 -11.165 1.00 61.30  ? 112 GLN B CA  1 
ATOM   1646 C C   . GLN B 1 112 ? 5.269   -14.969 -11.195 1.00 61.96  ? 112 GLN B C   1 
ATOM   1647 O O   . GLN B 1 112 ? 4.465   -14.859 -10.263 1.00 61.51  ? 112 GLN B O   1 
ATOM   1648 C CB  . GLN B 1 112 ? 7.524   -14.890 -10.153 1.00 67.92  ? 112 GLN B CB  1 
ATOM   1649 C CG  . GLN B 1 112 ? 8.855   -14.204 -9.911  1.00 64.31  ? 112 GLN B CG  1 
ATOM   1650 C CD  . GLN B 1 112 ? 10.027  -15.143 -10.008 1.00 66.42  ? 112 GLN B CD  1 
ATOM   1651 O OE1 . GLN B 1 112 ? 9.873   -16.380 -9.964  1.00 67.22  ? 112 GLN B OE1 1 
ATOM   1652 N NE2 . GLN B 1 112 ? 11.223  -14.564 -10.151 1.00 65.62  ? 112 GLN B NE2 1 
ATOM   1653 N N   . MET B 1 113 ? 5.067   -15.763 -12.247 1.00 60.79  ? 113 MET B N   1 
ATOM   1654 C CA  . MET B 1 113 ? 3.913   -16.650 -12.339 1.00 62.45  ? 113 MET B CA  1 
ATOM   1655 C C   . MET B 1 113 ? 4.150   -17.936 -11.563 1.00 64.96  ? 113 MET B C   1 
ATOM   1656 O O   . MET B 1 113 ? 5.257   -18.482 -11.571 1.00 76.82  ? 113 MET B O   1 
ATOM   1657 C CB  . MET B 1 113 ? 3.614   -16.974 -13.793 1.00 77.33  ? 113 MET B CB  1 
ATOM   1658 C CG  . MET B 1 113 ? 3.239   -15.766 -14.625 1.00 79.50  ? 113 MET B CG  1 
ATOM   1659 S SD  . MET B 1 113 ? 4.214   -15.736 -16.126 1.00 84.03  ? 113 MET B SD  1 
ATOM   1660 C CE  . MET B 1 113 ? 3.396   -17.089 -16.983 1.00 89.78  ? 113 MET B CE  1 
ATOM   1661 N N   . LEU B 1 114 ? 3.090   -18.458 -10.951 1.00 62.29  ? 114 LEU B N   1 
ATOM   1662 C CA  . LEU B 1 114 ? 3.204   -19.488 -9.915  1.00 64.58  ? 114 LEU B CA  1 
ATOM   1663 C C   . LEU B 1 114 ? 2.464   -20.784 -10.276 1.00 67.04  ? 114 LEU B C   1 
ATOM   1664 O O   . LEU B 1 114 ? 1.429   -21.099 -9.677  1.00 68.19  ? 114 LEU B O   1 
ATOM   1665 C CB  . LEU B 1 114 ? 2.705   -18.909 -8.599  1.00 63.10  ? 114 LEU B CB  1 
ATOM   1666 C CG  . LEU B 1 114 ? 3.276   -17.549 -8.189  1.00 59.53  ? 114 LEU B CG  1 
ATOM   1667 C CD1 . LEU B 1 114 ? 2.878   -17.243 -6.771  1.00 62.01  ? 114 LEU B CD1 1 
ATOM   1668 C CD2 . LEU B 1 114 ? 4.778   -17.516 -8.285  1.00 59.69  ? 114 LEU B CD2 1 
ATOM   1669 N N   . GLY B 1 115 ? 3.009   -21.565 -11.206 1.00 67.73  ? 115 GLY B N   1 
ATOM   1670 C CA  . GLY B 1 115 ? 2.438   -22.879 -11.481 1.00 63.67  ? 115 GLY B CA  1 
ATOM   1671 C C   . GLY B 1 115 ? 2.343   -23.306 -12.929 1.00 65.31  ? 115 GLY B C   1 
ATOM   1672 O O   . GLY B 1 115 ? 2.167   -22.473 -13.816 1.00 73.10  ? 115 GLY B O   1 
HETATM 1673 O O   . HOH C 2 .   ? 6.581   6.065   -5.266  1.00 50.24  ? 201 HOH A O   1 
# 
loop_
_pdbx_poly_seq_scheme.asym_id 
_pdbx_poly_seq_scheme.entity_id 
_pdbx_poly_seq_scheme.seq_id 
_pdbx_poly_seq_scheme.mon_id 
_pdbx_poly_seq_scheme.ndb_seq_num 
_pdbx_poly_seq_scheme.pdb_seq_num 
_pdbx_poly_seq_scheme.auth_seq_num 
_pdbx_poly_seq_scheme.pdb_mon_id 
_pdbx_poly_seq_scheme.auth_mon_id 
_pdbx_poly_seq_scheme.pdb_strand_id 
_pdbx_poly_seq_scheme.pdb_ins_code 
_pdbx_poly_seq_scheme.hetero 
A 1 1   MET 1   1   ?   ?   ?   A . n 
A 1 2   ALA 2   2   ?   ?   ?   A . n 
A 1 3   SER 3   3   3   SER SER A . n 
A 1 4   ARG 4   4   4   ARG ARG A . n 
A 1 5   GLY 5   5   5   GLY GLY A . n 
A 1 6   VAL 6   6   6   VAL VAL A . n 
A 1 7   ASN 7   7   7   ASN ASN A . n 
A 1 8   LYS 8   8   8   LYS LYS A . n 
A 1 9   VAL 9   9   9   VAL VAL A . n 
A 1 10  ILE 10  10  10  ILE ILE A . n 
A 1 11  LEU 11  11  11  LEU LEU A . n 
A 1 12  VAL 12  12  12  VAL VAL A . n 
A 1 13  GLY 13  13  13  GLY GLY A . n 
A 1 14  ASN 14  14  14  ASN ASN A . n 
A 1 15  LEU 15  15  15  LEU LEU A . n 
A 1 16  GLY 16  16  16  GLY GLY A . n 
A 1 17  GLN 17  17  17  GLN GLN A . n 
A 1 18  ASP 18  18  18  ASP ASP A . n 
A 1 19  PRO 19  19  19  PRO PRO A . n 
A 1 20  GLU 20  20  20  GLU GLU A . n 
A 1 21  VAL 21  21  21  VAL VAL A . n 
A 1 22  ARG 22  22  22  ARG ARG A . n 
A 1 23  TYR 23  23  23  TYR TYR A . n 
A 1 24  MET 24  24  24  MET MET A . n 
A 1 25  PRO 25  25  ?   ?   ?   A . n 
A 1 26  SER 26  26  ?   ?   ?   A . n 
A 1 27  GLY 27  27  27  GLY GLY A . n 
A 1 28  GLY 28  28  28  GLY GLY A . n 
A 1 29  ALA 29  29  29  ALA ALA A . n 
A 1 30  VAL 30  30  30  VAL VAL A . n 
A 1 31  ALA 31  31  31  ALA ALA A . n 
A 1 32  ASN 32  32  32  ASN ASN A . n 
A 1 33  LEU 33  33  33  LEU LEU A . n 
A 1 34  THR 34  34  34  THR THR A . n 
A 1 35  LEU 35  35  35  LEU LEU A . n 
A 1 36  ALA 36  36  36  ALA ALA A . n 
A 1 37  THR 37  37  37  THR THR A . n 
A 1 38  SER 38  38  38  SER SER A . n 
A 1 39  GLU 39  39  39  GLU GLU A . n 
A 1 40  SER 40  40  40  SER SER A . n 
A 1 41  TRP 41  41  41  TRP TRP A . n 
A 1 42  ARG 42  42  42  ARG ARG A . n 
A 1 43  ASP 43  43  43  ASP ASP A . n 
A 1 44  LYS 44  44  ?   ?   ?   A . n 
A 1 45  GLN 45  45  ?   ?   ?   A . n 
A 1 46  THR 46  46  ?   ?   ?   A . n 
A 1 47  GLY 47  47  ?   ?   ?   A . n 
A 1 48  GLU 48  48  ?   ?   ?   A . n 
A 1 49  MET 49  49  49  MET MET A . n 
A 1 50  LYS 50  50  50  LYS LYS A . n 
A 1 51  GLU 51  51  51  GLU GLU A . n 
A 1 52  GLN 52  52  52  GLN GLN A . n 
A 1 53  THR 53  53  53  THR THR A . n 
A 1 54  GLU 54  54  54  GLU GLU A . n 
A 1 55  TRP 55  55  55  TRP TRP A . n 
A 1 56  HIS 56  56  56  HIS HIS A . n 
A 1 57  ARG 57  57  57  ARG ARG A . n 
A 1 58  VAL 58  58  58  VAL VAL A . n 
A 1 59  VAL 59  59  59  VAL VAL A . n 
A 1 60  MET 60  60  60  MET MET A . n 
A 1 61  PHE 61  61  61  PHE PHE A . n 
A 1 62  GLY 62  62  62  GLY GLY A . n 
A 1 63  LYS 63  63  63  LYS LYS A . n 
A 1 64  LEU 64  64  64  LEU LEU A . n 
A 1 65  ALA 65  65  65  ALA ALA A . n 
A 1 66  GLU 66  66  66  GLU GLU A . n 
A 1 67  VAL 67  67  67  VAL VAL A . n 
A 1 68  ALA 68  68  68  ALA ALA A . n 
A 1 69  GLY 69  69  69  GLY GLY A . n 
A 1 70  GLU 70  70  70  GLU GLU A . n 
A 1 71  TYR 71  71  71  TYR TYR A . n 
A 1 72  LEU 72  72  72  LEU LEU A . n 
A 1 73  ARG 73  73  73  ARG ARG A . n 
A 1 74  LYS 74  74  74  LYS LYS A . n 
A 1 75  GLY 75  75  75  GLY GLY A . n 
A 1 76  SER 76  76  76  SER SER A . n 
A 1 77  GLN 77  77  77  GLN GLN A . n 
A 1 78  VAL 78  78  78  VAL VAL A . n 
A 1 79  TYR 79  79  79  TYR TYR A . n 
A 1 80  ILE 80  80  80  ILE ILE A . n 
A 1 81  GLU 81  81  81  GLU GLU A . n 
A 1 82  GLY 82  82  82  GLY GLY A . n 
A 1 83  GLN 83  83  83  GLN GLN A . n 
A 1 84  LEU 84  84  84  LEU LEU A . n 
A 1 85  ARG 85  85  85  ARG ARG A . n 
A 1 86  THR 86  86  86  THR THR A . n 
A 1 87  ARG 87  87  87  ARG ARG A . n 
A 1 88  LYS 88  88  88  LYS LYS A . n 
A 1 89  TRP 89  89  89  TRP TRP A . n 
A 1 90  THR 90  90  90  THR THR A . n 
A 1 91  ASP 91  91  91  ASP ASP A . n 
A 1 92  GLN 92  92  92  GLN GLN A . n 
A 1 93  SER 93  93  93  SER SER A . n 
A 1 94  GLY 94  94  94  GLY GLY A . n 
A 1 95  GLN 95  95  95  GLN GLN A . n 
A 1 96  GLU 96  96  96  GLU GLU A . n 
A 1 97  ARG 97  97  97  ARG ARG A . n 
A 1 98  TYR 98  98  98  TYR TYR A . n 
A 1 99  THR 99  99  99  THR THR A . n 
A 1 100 THR 100 100 100 THR THR A . n 
A 1 101 GLU 101 101 101 GLU GLU A . n 
A 1 102 ILE 102 102 102 ILE ILE A . n 
A 1 103 ASN 103 103 103 ASN ASN A . n 
A 1 104 VAL 104 104 104 VAL VAL A . n 
A 1 105 PRO 105 105 105 PRO PRO A . n 
A 1 106 GLN 106 106 106 GLN GLN A . n 
A 1 107 ILE 107 107 107 ILE ILE A . n 
A 1 108 GLY 108 108 108 GLY GLY A . n 
A 1 109 GLY 109 109 109 GLY GLY A . n 
A 1 110 VAL 110 110 110 VAL VAL A . n 
A 1 111 MET 111 111 111 MET MET A . n 
A 1 112 GLN 112 112 112 GLN GLN A . n 
A 1 113 MET 113 113 113 MET MET A . n 
A 1 114 LEU 114 114 114 LEU LEU A . n 
A 1 115 GLY 115 115 115 GLY GLY A . n 
A 1 116 GLY 116 116 ?   ?   ?   A . n 
A 1 117 HIS 117 117 ?   ?   ?   A . n 
A 1 118 HIS 118 118 ?   ?   ?   A . n 
A 1 119 HIS 119 119 ?   ?   ?   A . n 
A 1 120 HIS 120 120 ?   ?   ?   A . n 
A 1 121 HIS 121 121 ?   ?   ?   A . n 
A 1 122 HIS 122 122 ?   ?   ?   A . n 
B 1 1   MET 1   1   ?   ?   ?   B . n 
B 1 2   ALA 2   2   ?   ?   ?   B . n 
B 1 3   SER 3   3   3   SER SER B . n 
B 1 4   ARG 4   4   4   ARG ARG B . n 
B 1 5   GLY 5   5   5   GLY GLY B . n 
B 1 6   VAL 6   6   6   VAL VAL B . n 
B 1 7   ASN 7   7   7   ASN ASN B . n 
B 1 8   LYS 8   8   8   LYS LYS B . n 
B 1 9   VAL 9   9   9   VAL VAL B . n 
B 1 10  ILE 10  10  10  ILE ILE B . n 
B 1 11  LEU 11  11  11  LEU LEU B . n 
B 1 12  VAL 12  12  12  VAL VAL B . n 
B 1 13  GLY 13  13  13  GLY GLY B . n 
B 1 14  ASN 14  14  14  ASN ASN B . n 
B 1 15  LEU 15  15  15  LEU LEU B . n 
B 1 16  GLY 16  16  16  GLY GLY B . n 
B 1 17  GLN 17  17  17  GLN GLN B . n 
B 1 18  ASP 18  18  18  ASP ASP B . n 
B 1 19  PRO 19  19  19  PRO PRO B . n 
B 1 20  GLU 20  20  20  GLU GLU B . n 
B 1 21  VAL 21  21  21  VAL VAL B . n 
B 1 22  ARG 22  22  22  ARG ARG B . n 
B 1 23  TYR 23  23  23  TYR TYR B . n 
B 1 24  MET 24  24  24  MET MET B . n 
B 1 25  PRO 25  25  ?   ?   ?   B . n 
B 1 26  SER 26  26  ?   ?   ?   B . n 
B 1 27  GLY 27  27  27  GLY GLY B . n 
B 1 28  GLY 28  28  28  GLY GLY B . n 
B 1 29  ALA 29  29  29  ALA ALA B . n 
B 1 30  VAL 30  30  30  VAL VAL B . n 
B 1 31  ALA 31  31  31  ALA ALA B . n 
B 1 32  ASN 32  32  32  ASN ASN B . n 
B 1 33  LEU 33  33  33  LEU LEU B . n 
B 1 34  THR 34  34  34  THR THR B . n 
B 1 35  LEU 35  35  35  LEU LEU B . n 
B 1 36  ALA 36  36  36  ALA ALA B . n 
B 1 37  THR 37  37  37  THR THR B . n 
B 1 38  SER 38  38  38  SER SER B . n 
B 1 39  GLU 39  39  39  GLU GLU B . n 
B 1 40  SER 40  40  40  SER SER B . n 
B 1 41  TRP 41  41  41  TRP TRP B . n 
B 1 42  ARG 42  42  42  ARG ARG B . n 
B 1 43  ASP 43  43  43  ASP ASP B . n 
B 1 44  LYS 44  44  ?   ?   ?   B . n 
B 1 45  GLN 45  45  ?   ?   ?   B . n 
B 1 46  THR 46  46  ?   ?   ?   B . n 
B 1 47  GLY 47  47  ?   ?   ?   B . n 
B 1 48  GLU 48  48  ?   ?   ?   B . n 
B 1 49  MET 49  49  49  MET MET B . n 
B 1 50  LYS 50  50  50  LYS LYS B . n 
B 1 51  GLU 51  51  51  GLU GLU B . n 
B 1 52  GLN 52  52  52  GLN GLN B . n 
B 1 53  THR 53  53  53  THR THR B . n 
B 1 54  GLU 54  54  54  GLU GLU B . n 
B 1 55  TRP 55  55  55  TRP TRP B . n 
B 1 56  HIS 56  56  56  HIS HIS B . n 
B 1 57  ARG 57  57  57  ARG ARG B . n 
B 1 58  VAL 58  58  58  VAL VAL B . n 
B 1 59  VAL 59  59  59  VAL VAL B . n 
B 1 60  MET 60  60  60  MET MET B . n 
B 1 61  PHE 61  61  61  PHE PHE B . n 
B 1 62  GLY 62  62  62  GLY GLY B . n 
B 1 63  LYS 63  63  63  LYS LYS B . n 
B 1 64  LEU 64  64  64  LEU LEU B . n 
B 1 65  ALA 65  65  65  ALA ALA B . n 
B 1 66  GLU 66  66  66  GLU GLU B . n 
B 1 67  VAL 67  67  67  VAL VAL B . n 
B 1 68  ALA 68  68  68  ALA ALA B . n 
B 1 69  GLY 69  69  69  GLY GLY B . n 
B 1 70  GLU 70  70  70  GLU GLU B . n 
B 1 71  TYR 71  71  71  TYR TYR B . n 
B 1 72  LEU 72  72  72  LEU LEU B . n 
B 1 73  ARG 73  73  73  ARG ARG B . n 
B 1 74  LYS 74  74  74  LYS LYS B . n 
B 1 75  GLY 75  75  75  GLY GLY B . n 
B 1 76  SER 76  76  76  SER SER B . n 
B 1 77  GLN 77  77  77  GLN GLN B . n 
B 1 78  VAL 78  78  78  VAL VAL B . n 
B 1 79  TYR 79  79  79  TYR TYR B . n 
B 1 80  ILE 80  80  80  ILE ILE B . n 
B 1 81  GLU 81  81  81  GLU GLU B . n 
B 1 82  GLY 82  82  82  GLY GLY B . n 
B 1 83  GLN 83  83  83  GLN GLN B . n 
B 1 84  LEU 84  84  84  LEU LEU B . n 
B 1 85  ARG 85  85  85  ARG ARG B . n 
B 1 86  THR 86  86  86  THR THR B . n 
B 1 87  ARG 87  87  87  ARG ARG B . n 
B 1 88  LYS 88  88  88  LYS LYS B . n 
B 1 89  TRP 89  89  89  TRP TRP B . n 
B 1 90  THR 90  90  90  THR THR B . n 
B 1 91  ASP 91  91  91  ASP ASP B . n 
B 1 92  GLN 92  92  92  GLN GLN B . n 
B 1 93  SER 93  93  93  SER SER B . n 
B 1 94  GLY 94  94  94  GLY GLY B . n 
B 1 95  GLN 95  95  95  GLN GLN B . n 
B 1 96  GLU 96  96  96  GLU GLU B . n 
B 1 97  ARG 97  97  97  ARG ARG B . n 
B 1 98  TYR 98  98  98  TYR TYR B . n 
B 1 99  THR 99  99  99  THR THR B . n 
B 1 100 THR 100 100 100 THR THR B . n 
B 1 101 GLU 101 101 101 GLU GLU B . n 
B 1 102 ILE 102 102 102 ILE ILE B . n 
B 1 103 ASN 103 103 103 ASN ASN B . n 
B 1 104 VAL 104 104 104 VAL VAL B . n 
B 1 105 PRO 105 105 105 PRO PRO B . n 
B 1 106 GLN 106 106 106 GLN GLN B . n 
B 1 107 ILE 107 107 107 ILE ILE B . n 
B 1 108 GLY 108 108 108 GLY GLY B . n 
B 1 109 GLY 109 109 109 GLY GLY B . n 
B 1 110 VAL 110 110 110 VAL VAL B . n 
B 1 111 MET 111 111 111 MET MET B . n 
B 1 112 GLN 112 112 112 GLN GLN B . n 
B 1 113 MET 113 113 113 MET MET B . n 
B 1 114 LEU 114 114 114 LEU LEU B . n 
B 1 115 GLY 115 115 115 GLY GLY B . n 
B 1 116 GLY 116 116 ?   ?   ?   B . n 
B 1 117 HIS 117 117 ?   ?   ?   B . n 
B 1 118 HIS 118 118 ?   ?   ?   B . n 
B 1 119 HIS 119 119 ?   ?   ?   B . n 
B 1 120 HIS 120 120 ?   ?   ?   B . n 
B 1 121 HIS 121 121 ?   ?   ?   B . n 
B 1 122 HIS 122 122 ?   ?   ?   B . n 
# 
_pdbx_nonpoly_scheme.asym_id         C 
_pdbx_nonpoly_scheme.entity_id       2 
_pdbx_nonpoly_scheme.mon_id          HOH 
_pdbx_nonpoly_scheme.ndb_seq_num     1 
_pdbx_nonpoly_scheme.pdb_seq_num     201 
_pdbx_nonpoly_scheme.auth_seq_num    1 
_pdbx_nonpoly_scheme.pdb_mon_id      HOH 
_pdbx_nonpoly_scheme.auth_mon_id     HOH 
_pdbx_nonpoly_scheme.pdb_strand_id   A 
_pdbx_nonpoly_scheme.pdb_ins_code    . 
# 
_pdbx_struct_assembly.id                   1 
_pdbx_struct_assembly.details              author_and_software_defined_assembly 
_pdbx_struct_assembly.method_details       PISA 
_pdbx_struct_assembly.oligomeric_details   dimeric 
_pdbx_struct_assembly.oligomeric_count     2 
# 
_pdbx_struct_assembly_gen.assembly_id       1 
_pdbx_struct_assembly_gen.oper_expression   1 
_pdbx_struct_assembly_gen.asym_id_list      A,B,C 
# 
loop_
_pdbx_struct_assembly_prop.biol_id 
_pdbx_struct_assembly_prop.type 
_pdbx_struct_assembly_prop.value 
_pdbx_struct_assembly_prop.details 
1 'ABSA (A^2)' 2480  ? 
1 MORE         1     ? 
1 'SSA (A^2)'  12670 ? 
# 
_pdbx_struct_oper_list.id                   1 
_pdbx_struct_oper_list.type                 'identity operation' 
_pdbx_struct_oper_list.name                 1_555 
_pdbx_struct_oper_list.symmetry_operation   x,y,z 
_pdbx_struct_oper_list.matrix[1][1]         1.0000000000 
_pdbx_struct_oper_list.matrix[1][2]         0.0000000000 
_pdbx_struct_oper_list.matrix[1][3]         0.0000000000 
_pdbx_struct_oper_list.vector[1]            0.0000000000 
_pdbx_struct_oper_list.matrix[2][1]         0.0000000000 
_pdbx_struct_oper_list.matrix[2][2]         1.0000000000 
_pdbx_struct_oper_list.matrix[2][3]         0.0000000000 
_pdbx_struct_oper_list.vector[2]            0.0000000000 
_pdbx_struct_oper_list.matrix[3][1]         0.0000000000 
_pdbx_struct_oper_list.matrix[3][2]         0.0000000000 
_pdbx_struct_oper_list.matrix[3][3]         1.0000000000 
_pdbx_struct_oper_list.vector[3]            0.0000000000 
# 
loop_
_pdbx_audit_revision_history.ordinal 
_pdbx_audit_revision_history.data_content_type 
_pdbx_audit_revision_history.major_revision 
_pdbx_audit_revision_history.minor_revision 
_pdbx_audit_revision_history.revision_date 
1 'Structure model' 1 0 2022-05-04 
2 'Structure model' 1 1 2023-11-29 
# 
_pdbx_audit_revision_details.ordinal             1 
_pdbx_audit_revision_details.revision_ordinal    1 
_pdbx_audit_revision_details.data_content_type   'Structure model' 
_pdbx_audit_revision_details.provider            repository 
_pdbx_audit_revision_details.type                'Initial release' 
_pdbx_audit_revision_details.description         ? 
_pdbx_audit_revision_details.details             ? 
# 
loop_
_pdbx_audit_revision_group.ordinal 
_pdbx_audit_revision_group.revision_ordinal 
_pdbx_audit_revision_group.data_content_type 
_pdbx_audit_revision_group.group 
1 2 'Structure model' 'Data collection'        
2 2 'Structure model' 'Refinement description' 
# 
loop_
_pdbx_audit_revision_category.ordinal 
_pdbx_audit_revision_category.revision_ordinal 
_pdbx_audit_revision_category.data_content_type 
_pdbx_audit_revision_category.category 
1 2 'Structure model' chem_comp_atom                
2 2 'Structure model' chem_comp_bond                
3 2 'Structure model' pdbx_initial_refinement_model 
4 2 'Structure model' struct_ncs_dom_lim            
# 
loop_
_pdbx_audit_revision_item.ordinal 
_pdbx_audit_revision_item.revision_ordinal 
_pdbx_audit_revision_item.data_content_type 
_pdbx_audit_revision_item.item 
1 2 'Structure model' '_struct_ncs_dom_lim.beg_auth_comp_id'  
2 2 'Structure model' '_struct_ncs_dom_lim.beg_label_asym_id' 
3 2 'Structure model' '_struct_ncs_dom_lim.beg_label_comp_id' 
4 2 'Structure model' '_struct_ncs_dom_lim.beg_label_seq_id'  
5 2 'Structure model' '_struct_ncs_dom_lim.end_auth_comp_id'  
6 2 'Structure model' '_struct_ncs_dom_lim.end_label_asym_id' 
7 2 'Structure model' '_struct_ncs_dom_lim.end_label_comp_id' 
8 2 'Structure model' '_struct_ncs_dom_lim.end_label_seq_id'  
# 
loop_
_software.citation_id 
_software.classification 
_software.compiler_name 
_software.compiler_version 
_software.contact_author 
_software.contact_author_email 
_software.date 
_software.description 
_software.dependencies 
_software.hardware 
_software.language 
_software.location 
_software.mods 
_software.name 
_software.os 
_software.os_version 
_software.type 
_software.version 
_software.pdbx_ordinal 
? refinement        ? ? ? ? ? ? ? ? ? ? ? PHENIX      ? ? ? 1.19.1_4122 1 
? 'data extraction' ? ? ? ? ? ? ? ? ? ? ? PDB_EXTRACT ? ? ? 3.27        2 
? 'data reduction'  ? ? ? ? ? ? ? ? ? ? ? HKL-2000    ? ? ? .           3 
? 'data scaling'    ? ? ? ? ? ? ? ? ? ? ? HKL-2000    ? ? ? .           4 
# 
_pdbx_validate_torsion.id              1 
_pdbx_validate_torsion.PDB_model_num   1 
_pdbx_validate_torsion.auth_comp_id    GLN 
_pdbx_validate_torsion.auth_asym_id    A 
_pdbx_validate_torsion.auth_seq_id     52 
_pdbx_validate_torsion.PDB_ins_code    ? 
_pdbx_validate_torsion.label_alt_id    ? 
_pdbx_validate_torsion.phi             -160.18 
_pdbx_validate_torsion.psi             98.82 
# 
loop_
_pdbx_unobs_or_zero_occ_residues.id 
_pdbx_unobs_or_zero_occ_residues.PDB_model_num 
_pdbx_unobs_or_zero_occ_residues.polymer_flag 
_pdbx_unobs_or_zero_occ_residues.occupancy_flag 
_pdbx_unobs_or_zero_occ_residues.auth_asym_id 
_pdbx_unobs_or_zero_occ_residues.auth_comp_id 
_pdbx_unobs_or_zero_occ_residues.auth_seq_id 
_pdbx_unobs_or_zero_occ_residues.PDB_ins_code 
_pdbx_unobs_or_zero_occ_residues.label_asym_id 
_pdbx_unobs_or_zero_occ_residues.label_comp_id 
_pdbx_unobs_or_zero_occ_residues.label_seq_id 
1  1 Y 1 A MET 1   ? A MET 1   
2  1 Y 1 A ALA 2   ? A ALA 2   
3  1 Y 1 A PRO 25  ? A PRO 25  
4  1 Y 1 A SER 26  ? A SER 26  
5  1 Y 1 A LYS 44  ? A LYS 44  
6  1 Y 1 A GLN 45  ? A GLN 45  
7  1 Y 1 A THR 46  ? A THR 46  
8  1 Y 1 A GLY 47  ? A GLY 47  
9  1 Y 1 A GLU 48  ? A GLU 48  
10 1 Y 1 A GLY 116 ? A GLY 116 
11 1 Y 1 A HIS 117 ? A HIS 117 
12 1 Y 1 A HIS 118 ? A HIS 118 
13 1 Y 1 A HIS 119 ? A HIS 119 
14 1 Y 1 A HIS 120 ? A HIS 120 
15 1 Y 1 A HIS 121 ? A HIS 121 
16 1 Y 1 A HIS 122 ? A HIS 122 
17 1 Y 1 B MET 1   ? B MET 1   
18 1 Y 1 B ALA 2   ? B ALA 2   
19 1 Y 1 B PRO 25  ? B PRO 25  
20 1 Y 1 B SER 26  ? B SER 26  
21 1 Y 1 B LYS 44  ? B LYS 44  
22 1 Y 1 B GLN 45  ? B GLN 45  
23 1 Y 1 B THR 46  ? B THR 46  
24 1 Y 1 B GLY 47  ? B GLY 47  
25 1 Y 1 B GLU 48  ? B GLU 48  
26 1 Y 1 B GLY 116 ? B GLY 116 
27 1 Y 1 B HIS 117 ? B HIS 117 
28 1 Y 1 B HIS 118 ? B HIS 118 
29 1 Y 1 B HIS 119 ? B HIS 119 
30 1 Y 1 B HIS 120 ? B HIS 120 
31 1 Y 1 B HIS 121 ? B HIS 121 
32 1 Y 1 B HIS 122 ? B HIS 122 
# 
loop_
_chem_comp_atom.comp_id 
_chem_comp_atom.atom_id 
_chem_comp_atom.type_symbol 
_chem_comp_atom.pdbx_aromatic_flag 
_chem_comp_atom.pdbx_stereo_config 
_chem_comp_atom.pdbx_ordinal 
ALA N    N N N 1   
ALA CA   C N S 2   
ALA C    C N N 3   
ALA O    O N N 4   
ALA CB   C N N 5   
ALA OXT  O N N 6   
ALA H    H N N 7   
ALA H2   H N N 8   
ALA HA   H N N 9   
ALA HB1  H N N 10  
ALA HB2  H N N 11  
ALA HB3  H N N 12  
ALA HXT  H N N 13  
ARG N    N N N 14  
ARG CA   C N S 15  
ARG C    C N N 16  
ARG O    O N N 17  
ARG CB   C N N 18  
ARG CG   C N N 19  
ARG CD   C N N 20  
ARG NE   N N N 21  
ARG CZ   C N N 22  
ARG NH1  N N N 23  
ARG NH2  N N N 24  
ARG OXT  O N N 25  
ARG H    H N N 26  
ARG H2   H N N 27  
ARG HA   H N N 28  
ARG HB2  H N N 29  
ARG HB3  H N N 30  
ARG HG2  H N N 31  
ARG HG3  H N N 32  
ARG HD2  H N N 33  
ARG HD3  H N N 34  
ARG HE   H N N 35  
ARG HH11 H N N 36  
ARG HH12 H N N 37  
ARG HH21 H N N 38  
ARG HH22 H N N 39  
ARG HXT  H N N 40  
ASN N    N N N 41  
ASN CA   C N S 42  
ASN C    C N N 43  
ASN O    O N N 44  
ASN CB   C N N 45  
ASN CG   C N N 46  
ASN OD1  O N N 47  
ASN ND2  N N N 48  
ASN OXT  O N N 49  
ASN H    H N N 50  
ASN H2   H N N 51  
ASN HA   H N N 52  
ASN HB2  H N N 53  
ASN HB3  H N N 54  
ASN HD21 H N N 55  
ASN HD22 H N N 56  
ASN HXT  H N N 57  
ASP N    N N N 58  
ASP CA   C N S 59  
ASP C    C N N 60  
ASP O    O N N 61  
ASP CB   C N N 62  
ASP CG   C N N 63  
ASP OD1  O N N 64  
ASP OD2  O N N 65  
ASP OXT  O N N 66  
ASP H    H N N 67  
ASP H2   H N N 68  
ASP HA   H N N 69  
ASP HB2  H N N 70  
ASP HB3  H N N 71  
ASP HD2  H N N 72  
ASP HXT  H N N 73  
GLN N    N N N 74  
GLN CA   C N S 75  
GLN C    C N N 76  
GLN O    O N N 77  
GLN CB   C N N 78  
GLN CG   C N N 79  
GLN CD   C N N 80  
GLN OE1  O N N 81  
GLN NE2  N N N 82  
GLN OXT  O N N 83  
GLN H    H N N 84  
GLN H2   H N N 85  
GLN HA   H N N 86  
GLN HB2  H N N 87  
GLN HB3  H N N 88  
GLN HG2  H N N 89  
GLN HG3  H N N 90  
GLN HE21 H N N 91  
GLN HE22 H N N 92  
GLN HXT  H N N 93  
GLU N    N N N 94  
GLU CA   C N S 95  
GLU C    C N N 96  
GLU O    O N N 97  
GLU CB   C N N 98  
GLU CG   C N N 99  
GLU CD   C N N 100 
GLU OE1  O N N 101 
GLU OE2  O N N 102 
GLU OXT  O N N 103 
GLU H    H N N 104 
GLU H2   H N N 105 
GLU HA   H N N 106 
GLU HB2  H N N 107 
GLU HB3  H N N 108 
GLU HG2  H N N 109 
GLU HG3  H N N 110 
GLU HE2  H N N 111 
GLU HXT  H N N 112 
GLY N    N N N 113 
GLY CA   C N N 114 
GLY C    C N N 115 
GLY O    O N N 116 
GLY OXT  O N N 117 
GLY H    H N N 118 
GLY H2   H N N 119 
GLY HA2  H N N 120 
GLY HA3  H N N 121 
GLY HXT  H N N 122 
HIS N    N N N 123 
HIS CA   C N S 124 
HIS C    C N N 125 
HIS O    O N N 126 
HIS CB   C N N 127 
HIS CG   C Y N 128 
HIS ND1  N Y N 129 
HIS CD2  C Y N 130 
HIS CE1  C Y N 131 
HIS NE2  N Y N 132 
HIS OXT  O N N 133 
HIS H    H N N 134 
HIS H2   H N N 135 
HIS HA   H N N 136 
HIS HB2  H N N 137 
HIS HB3  H N N 138 
HIS HD1  H N N 139 
HIS HD2  H N N 140 
HIS HE1  H N N 141 
HIS HE2  H N N 142 
HIS HXT  H N N 143 
HOH O    O N N 144 
HOH H1   H N N 145 
HOH H2   H N N 146 
ILE N    N N N 147 
ILE CA   C N S 148 
ILE C    C N N 149 
ILE O    O N N 150 
ILE CB   C N S 151 
ILE CG1  C N N 152 
ILE CG2  C N N 153 
ILE CD1  C N N 154 
ILE OXT  O N N 155 
ILE H    H N N 156 
ILE H2   H N N 157 
ILE HA   H N N 158 
ILE HB   H N N 159 
ILE HG12 H N N 160 
ILE HG13 H N N 161 
ILE HG21 H N N 162 
ILE HG22 H N N 163 
ILE HG23 H N N 164 
ILE HD11 H N N 165 
ILE HD12 H N N 166 
ILE HD13 H N N 167 
ILE HXT  H N N 168 
LEU N    N N N 169 
LEU CA   C N S 170 
LEU C    C N N 171 
LEU O    O N N 172 
LEU CB   C N N 173 
LEU CG   C N N 174 
LEU CD1  C N N 175 
LEU CD2  C N N 176 
LEU OXT  O N N 177 
LEU H    H N N 178 
LEU H2   H N N 179 
LEU HA   H N N 180 
LEU HB2  H N N 181 
LEU HB3  H N N 182 
LEU HG   H N N 183 
LEU HD11 H N N 184 
LEU HD12 H N N 185 
LEU HD13 H N N 186 
LEU HD21 H N N 187 
LEU HD22 H N N 188 
LEU HD23 H N N 189 
LEU HXT  H N N 190 
LYS N    N N N 191 
LYS CA   C N S 192 
LYS C    C N N 193 
LYS O    O N N 194 
LYS CB   C N N 195 
LYS CG   C N N 196 
LYS CD   C N N 197 
LYS CE   C N N 198 
LYS NZ   N N N 199 
LYS OXT  O N N 200 
LYS H    H N N 201 
LYS H2   H N N 202 
LYS HA   H N N 203 
LYS HB2  H N N 204 
LYS HB3  H N N 205 
LYS HG2  H N N 206 
LYS HG3  H N N 207 
LYS HD2  H N N 208 
LYS HD3  H N N 209 
LYS HE2  H N N 210 
LYS HE3  H N N 211 
LYS HZ1  H N N 212 
LYS HZ2  H N N 213 
LYS HZ3  H N N 214 
LYS HXT  H N N 215 
MET N    N N N 216 
MET CA   C N S 217 
MET C    C N N 218 
MET O    O N N 219 
MET CB   C N N 220 
MET CG   C N N 221 
MET SD   S N N 222 
MET CE   C N N 223 
MET OXT  O N N 224 
MET H    H N N 225 
MET H2   H N N 226 
MET HA   H N N 227 
MET HB2  H N N 228 
MET HB3  H N N 229 
MET HG2  H N N 230 
MET HG3  H N N 231 
MET HE1  H N N 232 
MET HE2  H N N 233 
MET HE3  H N N 234 
MET HXT  H N N 235 
PHE N    N N N 236 
PHE CA   C N S 237 
PHE C    C N N 238 
PHE O    O N N 239 
PHE CB   C N N 240 
PHE CG   C Y N 241 
PHE CD1  C Y N 242 
PHE CD2  C Y N 243 
PHE CE1  C Y N 244 
PHE CE2  C Y N 245 
PHE CZ   C Y N 246 
PHE OXT  O N N 247 
PHE H    H N N 248 
PHE H2   H N N 249 
PHE HA   H N N 250 
PHE HB2  H N N 251 
PHE HB3  H N N 252 
PHE HD1  H N N 253 
PHE HD2  H N N 254 
PHE HE1  H N N 255 
PHE HE2  H N N 256 
PHE HZ   H N N 257 
PHE HXT  H N N 258 
PRO N    N N N 259 
PRO CA   C N S 260 
PRO C    C N N 261 
PRO O    O N N 262 
PRO CB   C N N 263 
PRO CG   C N N 264 
PRO CD   C N N 265 
PRO OXT  O N N 266 
PRO H    H N N 267 
PRO HA   H N N 268 
PRO HB2  H N N 269 
PRO HB3  H N N 270 
PRO HG2  H N N 271 
PRO HG3  H N N 272 
PRO HD2  H N N 273 
PRO HD3  H N N 274 
PRO HXT  H N N 275 
SER N    N N N 276 
SER CA   C N S 277 
SER C    C N N 278 
SER O    O N N 279 
SER CB   C N N 280 
SER OG   O N N 281 
SER OXT  O N N 282 
SER H    H N N 283 
SER H2   H N N 284 
SER HA   H N N 285 
SER HB2  H N N 286 
SER HB3  H N N 287 
SER HG   H N N 288 
SER HXT  H N N 289 
THR N    N N N 290 
THR CA   C N S 291 
THR C    C N N 292 
THR O    O N N 293 
THR CB   C N R 294 
THR OG1  O N N 295 
THR CG2  C N N 296 
THR OXT  O N N 297 
THR H    H N N 298 
THR H2   H N N 299 
THR HA   H N N 300 
THR HB   H N N 301 
THR HG1  H N N 302 
THR HG21 H N N 303 
THR HG22 H N N 304 
THR HG23 H N N 305 
THR HXT  H N N 306 
TRP N    N N N 307 
TRP CA   C N S 308 
TRP C    C N N 309 
TRP O    O N N 310 
TRP CB   C N N 311 
TRP CG   C Y N 312 
TRP CD1  C Y N 313 
TRP CD2  C Y N 314 
TRP NE1  N Y N 315 
TRP CE2  C Y N 316 
TRP CE3  C Y N 317 
TRP CZ2  C Y N 318 
TRP CZ3  C Y N 319 
TRP CH2  C Y N 320 
TRP OXT  O N N 321 
TRP H    H N N 322 
TRP H2   H N N 323 
TRP HA   H N N 324 
TRP HB2  H N N 325 
TRP HB3  H N N 326 
TRP HD1  H N N 327 
TRP HE1  H N N 328 
TRP HE3  H N N 329 
TRP HZ2  H N N 330 
TRP HZ3  H N N 331 
TRP HH2  H N N 332 
TRP HXT  H N N 333 
TYR N    N N N 334 
TYR CA   C N S 335 
TYR C    C N N 336 
TYR O    O N N 337 
TYR CB   C N N 338 
TYR CG   C Y N 339 
TYR CD1  C Y N 340 
TYR CD2  C Y N 341 
TYR CE1  C Y N 342 
TYR CE2  C Y N 343 
TYR CZ   C Y N 344 
TYR OH   O N N 345 
TYR OXT  O N N 346 
TYR H    H N N 347 
TYR H2   H N N 348 
TYR HA   H N N 349 
TYR HB2  H N N 350 
TYR HB3  H N N 351 
TYR HD1  H N N 352 
TYR HD2  H N N 353 
TYR HE1  H N N 354 
TYR HE2  H N N 355 
TYR HH   H N N 356 
TYR HXT  H N N 357 
VAL N    N N N 358 
VAL CA   C N S 359 
VAL C    C N N 360 
VAL O    O N N 361 
VAL CB   C N N 362 
VAL CG1  C N N 363 
VAL CG2  C N N 364 
VAL OXT  O N N 365 
VAL H    H N N 366 
VAL H2   H N N 367 
VAL HA   H N N 368 
VAL HB   H N N 369 
VAL HG11 H N N 370 
VAL HG12 H N N 371 
VAL HG13 H N N 372 
VAL HG21 H N N 373 
VAL HG22 H N N 374 
VAL HG23 H N N 375 
VAL HXT  H N N 376 
# 
loop_
_chem_comp_bond.comp_id 
_chem_comp_bond.atom_id_1 
_chem_comp_bond.atom_id_2 
_chem_comp_bond.value_order 
_chem_comp_bond.pdbx_aromatic_flag 
_chem_comp_bond.pdbx_stereo_config 
_chem_comp_bond.pdbx_ordinal 
ALA N   CA   sing N N 1   
ALA N   H    sing N N 2   
ALA N   H2   sing N N 3   
ALA CA  C    sing N N 4   
ALA CA  CB   sing N N 5   
ALA CA  HA   sing N N 6   
ALA C   O    doub N N 7   
ALA C   OXT  sing N N 8   
ALA CB  HB1  sing N N 9   
ALA CB  HB2  sing N N 10  
ALA CB  HB3  sing N N 11  
ALA OXT HXT  sing N N 12  
ARG N   CA   sing N N 13  
ARG N   H    sing N N 14  
ARG N   H2   sing N N 15  
ARG CA  C    sing N N 16  
ARG CA  CB   sing N N 17  
ARG CA  HA   sing N N 18  
ARG C   O    doub N N 19  
ARG C   OXT  sing N N 20  
ARG CB  CG   sing N N 21  
ARG CB  HB2  sing N N 22  
ARG CB  HB3  sing N N 23  
ARG CG  CD   sing N N 24  
ARG CG  HG2  sing N N 25  
ARG CG  HG3  sing N N 26  
ARG CD  NE   sing N N 27  
ARG CD  HD2  sing N N 28  
ARG CD  HD3  sing N N 29  
ARG NE  CZ   sing N N 30  
ARG NE  HE   sing N N 31  
ARG CZ  NH1  sing N N 32  
ARG CZ  NH2  doub N N 33  
ARG NH1 HH11 sing N N 34  
ARG NH1 HH12 sing N N 35  
ARG NH2 HH21 sing N N 36  
ARG NH2 HH22 sing N N 37  
ARG OXT HXT  sing N N 38  
ASN N   CA   sing N N 39  
ASN N   H    sing N N 40  
ASN N   H2   sing N N 41  
ASN CA  C    sing N N 42  
ASN CA  CB   sing N N 43  
ASN CA  HA   sing N N 44  
ASN C   O    doub N N 45  
ASN C   OXT  sing N N 46  
ASN CB  CG   sing N N 47  
ASN CB  HB2  sing N N 48  
ASN CB  HB3  sing N N 49  
ASN CG  OD1  doub N N 50  
ASN CG  ND2  sing N N 51  
ASN ND2 HD21 sing N N 52  
ASN ND2 HD22 sing N N 53  
ASN OXT HXT  sing N N 54  
ASP N   CA   sing N N 55  
ASP N   H    sing N N 56  
ASP N   H2   sing N N 57  
ASP CA  C    sing N N 58  
ASP CA  CB   sing N N 59  
ASP CA  HA   sing N N 60  
ASP C   O    doub N N 61  
ASP C   OXT  sing N N 62  
ASP CB  CG   sing N N 63  
ASP CB  HB2  sing N N 64  
ASP CB  HB3  sing N N 65  
ASP CG  OD1  doub N N 66  
ASP CG  OD2  sing N N 67  
ASP OD2 HD2  sing N N 68  
ASP OXT HXT  sing N N 69  
GLN N   CA   sing N N 70  
GLN N   H    sing N N 71  
GLN N   H2   sing N N 72  
GLN CA  C    sing N N 73  
GLN CA  CB   sing N N 74  
GLN CA  HA   sing N N 75  
GLN C   O    doub N N 76  
GLN C   OXT  sing N N 77  
GLN CB  CG   sing N N 78  
GLN CB  HB2  sing N N 79  
GLN CB  HB3  sing N N 80  
GLN CG  CD   sing N N 81  
GLN CG  HG2  sing N N 82  
GLN CG  HG3  sing N N 83  
GLN CD  OE1  doub N N 84  
GLN CD  NE2  sing N N 85  
GLN NE2 HE21 sing N N 86  
GLN NE2 HE22 sing N N 87  
GLN OXT HXT  sing N N 88  
GLU N   CA   sing N N 89  
GLU N   H    sing N N 90  
GLU N   H2   sing N N 91  
GLU CA  C    sing N N 92  
GLU CA  CB   sing N N 93  
GLU CA  HA   sing N N 94  
GLU C   O    doub N N 95  
GLU C   OXT  sing N N 96  
GLU CB  CG   sing N N 97  
GLU CB  HB2  sing N N 98  
GLU CB  HB3  sing N N 99  
GLU CG  CD   sing N N 100 
GLU CG  HG2  sing N N 101 
GLU CG  HG3  sing N N 102 
GLU CD  OE1  doub N N 103 
GLU CD  OE2  sing N N 104 
GLU OE2 HE2  sing N N 105 
GLU OXT HXT  sing N N 106 
GLY N   CA   sing N N 107 
GLY N   H    sing N N 108 
GLY N   H2   sing N N 109 
GLY CA  C    sing N N 110 
GLY CA  HA2  sing N N 111 
GLY CA  HA3  sing N N 112 
GLY C   O    doub N N 113 
GLY C   OXT  sing N N 114 
GLY OXT HXT  sing N N 115 
HIS N   CA   sing N N 116 
HIS N   H    sing N N 117 
HIS N   H2   sing N N 118 
HIS CA  C    sing N N 119 
HIS CA  CB   sing N N 120 
HIS CA  HA   sing N N 121 
HIS C   O    doub N N 122 
HIS C   OXT  sing N N 123 
HIS CB  CG   sing N N 124 
HIS CB  HB2  sing N N 125 
HIS CB  HB3  sing N N 126 
HIS CG  ND1  sing Y N 127 
HIS CG  CD2  doub Y N 128 
HIS ND1 CE1  doub Y N 129 
HIS ND1 HD1  sing N N 130 
HIS CD2 NE2  sing Y N 131 
HIS CD2 HD2  sing N N 132 
HIS CE1 NE2  sing Y N 133 
HIS CE1 HE1  sing N N 134 
HIS NE2 HE2  sing N N 135 
HIS OXT HXT  sing N N 136 
HOH O   H1   sing N N 137 
HOH O   H2   sing N N 138 
ILE N   CA   sing N N 139 
ILE N   H    sing N N 140 
ILE N   H2   sing N N 141 
ILE CA  C    sing N N 142 
ILE CA  CB   sing N N 143 
ILE CA  HA   sing N N 144 
ILE C   O    doub N N 145 
ILE C   OXT  sing N N 146 
ILE CB  CG1  sing N N 147 
ILE CB  CG2  sing N N 148 
ILE CB  HB   sing N N 149 
ILE CG1 CD1  sing N N 150 
ILE CG1 HG12 sing N N 151 
ILE CG1 HG13 sing N N 152 
ILE CG2 HG21 sing N N 153 
ILE CG2 HG22 sing N N 154 
ILE CG2 HG23 sing N N 155 
ILE CD1 HD11 sing N N 156 
ILE CD1 HD12 sing N N 157 
ILE CD1 HD13 sing N N 158 
ILE OXT HXT  sing N N 159 
LEU N   CA   sing N N 160 
LEU N   H    sing N N 161 
LEU N   H2   sing N N 162 
LEU CA  C    sing N N 163 
LEU CA  CB   sing N N 164 
LEU CA  HA   sing N N 165 
LEU C   O    doub N N 166 
LEU C   OXT  sing N N 167 
LEU CB  CG   sing N N 168 
LEU CB  HB2  sing N N 169 
LEU CB  HB3  sing N N 170 
LEU CG  CD1  sing N N 171 
LEU CG  CD2  sing N N 172 
LEU CG  HG   sing N N 173 
LEU CD1 HD11 sing N N 174 
LEU CD1 HD12 sing N N 175 
LEU CD1 HD13 sing N N 176 
LEU CD2 HD21 sing N N 177 
LEU CD2 HD22 sing N N 178 
LEU CD2 HD23 sing N N 179 
LEU OXT HXT  sing N N 180 
LYS N   CA   sing N N 181 
LYS N   H    sing N N 182 
LYS N   H2   sing N N 183 
LYS CA  C    sing N N 184 
LYS CA  CB   sing N N 185 
LYS CA  HA   sing N N 186 
LYS C   O    doub N N 187 
LYS C   OXT  sing N N 188 
LYS CB  CG   sing N N 189 
LYS CB  HB2  sing N N 190 
LYS CB  HB3  sing N N 191 
LYS CG  CD   sing N N 192 
LYS CG  HG2  sing N N 193 
LYS CG  HG3  sing N N 194 
LYS CD  CE   sing N N 195 
LYS CD  HD2  sing N N 196 
LYS CD  HD3  sing N N 197 
LYS CE  NZ   sing N N 198 
LYS CE  HE2  sing N N 199 
LYS CE  HE3  sing N N 200 
LYS NZ  HZ1  sing N N 201 
LYS NZ  HZ2  sing N N 202 
LYS NZ  HZ3  sing N N 203 
LYS OXT HXT  sing N N 204 
MET N   CA   sing N N 205 
MET N   H    sing N N 206 
MET N   H2   sing N N 207 
MET CA  C    sing N N 208 
MET CA  CB   sing N N 209 
MET CA  HA   sing N N 210 
MET C   O    doub N N 211 
MET C   OXT  sing N N 212 
MET CB  CG   sing N N 213 
MET CB  HB2  sing N N 214 
MET CB  HB3  sing N N 215 
MET CG  SD   sing N N 216 
MET CG  HG2  sing N N 217 
MET CG  HG3  sing N N 218 
MET SD  CE   sing N N 219 
MET CE  HE1  sing N N 220 
MET CE  HE2  sing N N 221 
MET CE  HE3  sing N N 222 
MET OXT HXT  sing N N 223 
PHE N   CA   sing N N 224 
PHE N   H    sing N N 225 
PHE N   H2   sing N N 226 
PHE CA  C    sing N N 227 
PHE CA  CB   sing N N 228 
PHE CA  HA   sing N N 229 
PHE C   O    doub N N 230 
PHE C   OXT  sing N N 231 
PHE CB  CG   sing N N 232 
PHE CB  HB2  sing N N 233 
PHE CB  HB3  sing N N 234 
PHE CG  CD1  doub Y N 235 
PHE CG  CD2  sing Y N 236 
PHE CD1 CE1  sing Y N 237 
PHE CD1 HD1  sing N N 238 
PHE CD2 CE2  doub Y N 239 
PHE CD2 HD2  sing N N 240 
PHE CE1 CZ   doub Y N 241 
PHE CE1 HE1  sing N N 242 
PHE CE2 CZ   sing Y N 243 
PHE CE2 HE2  sing N N 244 
PHE CZ  HZ   sing N N 245 
PHE OXT HXT  sing N N 246 
PRO N   CA   sing N N 247 
PRO N   CD   sing N N 248 
PRO N   H    sing N N 249 
PRO CA  C    sing N N 250 
PRO CA  CB   sing N N 251 
PRO CA  HA   sing N N 252 
PRO C   O    doub N N 253 
PRO C   OXT  sing N N 254 
PRO CB  CG   sing N N 255 
PRO CB  HB2  sing N N 256 
PRO CB  HB3  sing N N 257 
PRO CG  CD   sing N N 258 
PRO CG  HG2  sing N N 259 
PRO CG  HG3  sing N N 260 
PRO CD  HD2  sing N N 261 
PRO CD  HD3  sing N N 262 
PRO OXT HXT  sing N N 263 
SER N   CA   sing N N 264 
SER N   H    sing N N 265 
SER N   H2   sing N N 266 
SER CA  C    sing N N 267 
SER CA  CB   sing N N 268 
SER CA  HA   sing N N 269 
SER C   O    doub N N 270 
SER C   OXT  sing N N 271 
SER CB  OG   sing N N 272 
SER CB  HB2  sing N N 273 
SER CB  HB3  sing N N 274 
SER OG  HG   sing N N 275 
SER OXT HXT  sing N N 276 
THR N   CA   sing N N 277 
THR N   H    sing N N 278 
THR N   H2   sing N N 279 
THR CA  C    sing N N 280 
THR CA  CB   sing N N 281 
THR CA  HA   sing N N 282 
THR C   O    doub N N 283 
THR C   OXT  sing N N 284 
THR CB  OG1  sing N N 285 
THR CB  CG2  sing N N 286 
THR CB  HB   sing N N 287 
THR OG1 HG1  sing N N 288 
THR CG2 HG21 sing N N 289 
THR CG2 HG22 sing N N 290 
THR CG2 HG23 sing N N 291 
THR OXT HXT  sing N N 292 
TRP N   CA   sing N N 293 
TRP N   H    sing N N 294 
TRP N   H2   sing N N 295 
TRP CA  C    sing N N 296 
TRP CA  CB   sing N N 297 
TRP CA  HA   sing N N 298 
TRP C   O    doub N N 299 
TRP C   OXT  sing N N 300 
TRP CB  CG   sing N N 301 
TRP CB  HB2  sing N N 302 
TRP CB  HB3  sing N N 303 
TRP CG  CD1  doub Y N 304 
TRP CG  CD2  sing Y N 305 
TRP CD1 NE1  sing Y N 306 
TRP CD1 HD1  sing N N 307 
TRP CD2 CE2  doub Y N 308 
TRP CD2 CE3  sing Y N 309 
TRP NE1 CE2  sing Y N 310 
TRP NE1 HE1  sing N N 311 
TRP CE2 CZ2  sing Y N 312 
TRP CE3 CZ3  doub Y N 313 
TRP CE3 HE3  sing N N 314 
TRP CZ2 CH2  doub Y N 315 
TRP CZ2 HZ2  sing N N 316 
TRP CZ3 CH2  sing Y N 317 
TRP CZ3 HZ3  sing N N 318 
TRP CH2 HH2  sing N N 319 
TRP OXT HXT  sing N N 320 
TYR N   CA   sing N N 321 
TYR N   H    sing N N 322 
TYR N   H2   sing N N 323 
TYR CA  C    sing N N 324 
TYR CA  CB   sing N N 325 
TYR CA  HA   sing N N 326 
TYR C   O    doub N N 327 
TYR C   OXT  sing N N 328 
TYR CB  CG   sing N N 329 
TYR CB  HB2  sing N N 330 
TYR CB  HB3  sing N N 331 
TYR CG  CD1  doub Y N 332 
TYR CG  CD2  sing Y N 333 
TYR CD1 CE1  sing Y N 334 
TYR CD1 HD1  sing N N 335 
TYR CD2 CE2  doub Y N 336 
TYR CD2 HD2  sing N N 337 
TYR CE1 CZ   doub Y N 338 
TYR CE1 HE1  sing N N 339 
TYR CE2 CZ   sing Y N 340 
TYR CE2 HE2  sing N N 341 
TYR CZ  OH   sing N N 342 
TYR OH  HH   sing N N 343 
TYR OXT HXT  sing N N 344 
VAL N   CA   sing N N 345 
VAL N   H    sing N N 346 
VAL N   H2   sing N N 347 
VAL CA  C    sing N N 348 
VAL CA  CB   sing N N 349 
VAL CA  HA   sing N N 350 
VAL C   O    doub N N 351 
VAL C   OXT  sing N N 352 
VAL CB  CG1  sing N N 353 
VAL CB  CG2  sing N N 354 
VAL CB  HB   sing N N 355 
VAL CG1 HG11 sing N N 356 
VAL CG1 HG12 sing N N 357 
VAL CG1 HG13 sing N N 358 
VAL CG2 HG21 sing N N 359 
VAL CG2 HG22 sing N N 360 
VAL CG2 HG23 sing N N 361 
VAL OXT HXT  sing N N 362 
# 
_pdbx_audit_support.funding_organization   'Not funded' 
_pdbx_audit_support.country                ? 
_pdbx_audit_support.grant_number           ? 
_pdbx_audit_support.ordinal                1 
# 
_pdbx_entity_nonpoly.entity_id   2 
_pdbx_entity_nonpoly.name        water 
_pdbx_entity_nonpoly.comp_id     HOH 
# 
_pdbx_initial_refinement_model.id               1 
_pdbx_initial_refinement_model.entity_id_list   ? 
_pdbx_initial_refinement_model.type             'experimental model' 
_pdbx_initial_refinement_model.source_name      PDB 
_pdbx_initial_refinement_model.accession_code   1EYG 
_pdbx_initial_refinement_model.details          ? 
# 
_pdbx_struct_assembly_auth_evidence.id                     1 
_pdbx_struct_assembly_auth_evidence.assembly_id            1 
_pdbx_struct_assembly_auth_evidence.experimental_support   'gel filtration' 
_pdbx_struct_assembly_auth_evidence.details                ? 
# 
